data_2H46
# 
_entry.id   2H46 
# 
_audit_conform.dict_name       mmcif_pdbx.dic 
_audit_conform.dict_version    5.387 
_audit_conform.dict_location   http://mmcif.pdb.org/dictionaries/ascii/mmcif_pdbx.dic 
# 
loop_
_database_2.database_id 
_database_2.database_code 
_database_2.pdbx_database_accession 
_database_2.pdbx_DOI 
PDB   2H46         pdb_00002h46 10.2210/pdb2h46/pdb 
RCSB  RCSB037907   ?            ?                   
WWPDB D_1000037907 ?            ?                   
# 
loop_
_pdbx_audit_revision_history.ordinal 
_pdbx_audit_revision_history.data_content_type 
_pdbx_audit_revision_history.major_revision 
_pdbx_audit_revision_history.minor_revision 
_pdbx_audit_revision_history.revision_date 
1 'Structure model' 1 0 2006-06-06 
2 'Structure model' 1 1 2008-05-01 
3 'Structure model' 1 2 2011-07-13 
4 'Structure model' 1 3 2017-10-18 
5 'Structure model' 1 4 2024-02-14 
# 
_pdbx_audit_revision_details.ordinal             1 
_pdbx_audit_revision_details.revision_ordinal    1 
_pdbx_audit_revision_details.data_content_type   'Structure model' 
_pdbx_audit_revision_details.provider            repository 
_pdbx_audit_revision_details.type                'Initial release' 
_pdbx_audit_revision_details.description         ? 
_pdbx_audit_revision_details.details             ? 
# 
loop_
_pdbx_audit_revision_group.ordinal 
_pdbx_audit_revision_group.revision_ordinal 
_pdbx_audit_revision_group.data_content_type 
_pdbx_audit_revision_group.group 
1 2 'Structure model' 'Version format compliance' 
2 3 'Structure model' 'Derived calculations'      
3 3 'Structure model' 'Version format compliance' 
4 4 'Structure model' 'Refinement description'    
5 5 'Structure model' 'Data collection'           
6 5 'Structure model' 'Database references'       
7 5 'Structure model' 'Derived calculations'      
# 
loop_
_pdbx_audit_revision_category.ordinal 
_pdbx_audit_revision_category.revision_ordinal 
_pdbx_audit_revision_category.data_content_type 
_pdbx_audit_revision_category.category 
1 4 'Structure model' software           
2 5 'Structure model' chem_comp_atom     
3 5 'Structure model' chem_comp_bond     
4 5 'Structure model' database_2         
5 5 'Structure model' struct_ref_seq_dif 
6 5 'Structure model' struct_site        
# 
loop_
_pdbx_audit_revision_item.ordinal 
_pdbx_audit_revision_item.revision_ordinal 
_pdbx_audit_revision_item.data_content_type 
_pdbx_audit_revision_item.item 
1  4 'Structure model' '_software.classification'            
2  4 'Structure model' '_software.contact_author'            
3  4 'Structure model' '_software.contact_author_email'      
4  4 'Structure model' '_software.date'                      
5  4 'Structure model' '_software.language'                  
6  4 'Structure model' '_software.location'                  
7  4 'Structure model' '_software.name'                      
8  4 'Structure model' '_software.type'                      
9  4 'Structure model' '_software.version'                   
10 5 'Structure model' '_database_2.pdbx_DOI'                
11 5 'Structure model' '_database_2.pdbx_database_accession' 
12 5 'Structure model' '_struct_ref_seq_dif.details'         
13 5 'Structure model' '_struct_site.pdbx_auth_asym_id'      
14 5 'Structure model' '_struct_site.pdbx_auth_comp_id'      
15 5 'Structure model' '_struct_site.pdbx_auth_seq_id'       
# 
_pdbx_database_status.entry_id                        2H46 
_pdbx_database_status.deposit_site                    RCSB 
_pdbx_database_status.process_site                    RCSB 
_pdbx_database_status.recvd_initial_deposition_date   2006-05-23 
_pdbx_database_status.status_code                     REL 
_pdbx_database_status.status_code_sf                  REL 
_pdbx_database_status.status_code_mr                  ? 
_pdbx_database_status.SG_entry                        ? 
_pdbx_database_status.pdb_format_compatible           Y 
_pdbx_database_status.status_code_cs                  ? 
_pdbx_database_status.methods_development_category    ? 
_pdbx_database_status.status_code_nmr_data            ? 
# 
loop_
_audit_author.name 
_audit_author.pdbx_ordinal 
'Benfield, A.P.' 1 
'Martin, S.F.'   2 
'Whiddon, B.B.'  3 
# 
_citation.id                        primary 
_citation.title                     'Structural and energetic aspects of Grb2-SH2 domain-swapping.' 
_citation.journal_abbrev            Arch.Biochem.Biophys. 
_citation.journal_volume            462 
_citation.page_first                47 
_citation.page_last                 53 
_citation.year                      2007 
_citation.journal_id_ASTM           ABBIA4 
_citation.country                   US 
_citation.journal_id_ISSN           0003-9861 
_citation.journal_id_CSD            0158 
_citation.book_publisher            ? 
_citation.pdbx_database_id_PubMed   17466257 
_citation.pdbx_database_id_DOI      10.1016/j.abb.2007.03.010 
# 
loop_
_citation_author.citation_id 
_citation_author.name 
_citation_author.ordinal 
_citation_author.identifier_ORCID 
primary 'Benfield, A.P.' 1 ? 
primary 'Whiddon, B.B.'  2 ? 
primary 'Clements, J.H.' 3 ? 
primary 'Martin, S.F.'   4 ? 
# 
loop_
_entity.id 
_entity.type 
_entity.src_method 
_entity.pdbx_description 
_entity.formula_weight 
_entity.pdbx_number_of_molecules 
_entity.pdbx_ec 
_entity.pdbx_mutation 
_entity.pdbx_fragment 
_entity.details 
1 polymer     man 'Growth Receptor Binding Protein 2' 13687.465 1  ? ? 'SH2 domain' ? 
2 non-polymer syn GLYCEROL                            92.094    1  ? ? ?            ? 
3 water       nat water                               18.015    72 ? ? ?            ? 
# 
_entity_name_com.entity_id   1 
_entity_name_com.name        Grb2 
# 
_entity_poly.entity_id                      1 
_entity_poly.type                           'polypeptide(L)' 
_entity_poly.nstd_linkage                   no 
_entity_poly.nstd_monomer                   no 
_entity_poly.pdbx_seq_one_letter_code       
;IEMKPHPWFFGKIPRAKAEEMLSKQRHDGAFLIRESESAPGDFSLSVKFGNDVQHFKVLRDGAGKYFLWVVKFNSLNELV
DYHRSTSVSRNQQIFLRDIEQVPQQPTYVQHHHHHH
;
_entity_poly.pdbx_seq_one_letter_code_can   
;IEMKPHPWFFGKIPRAKAEEMLSKQRHDGAFLIRESESAPGDFSLSVKFGNDVQHFKVLRDGAGKYFLWVVKFNSLNELV
DYHRSTSVSRNQQIFLRDIEQVPQQPTYVQHHHHHH
;
_entity_poly.pdbx_strand_id                 E 
_entity_poly.pdbx_target_identifier         ? 
# 
loop_
_pdbx_entity_nonpoly.entity_id 
_pdbx_entity_nonpoly.name 
_pdbx_entity_nonpoly.comp_id 
2 GLYCEROL GOL 
3 water    HOH 
# 
loop_
_entity_poly_seq.entity_id 
_entity_poly_seq.num 
_entity_poly_seq.mon_id 
_entity_poly_seq.hetero 
1 1   ILE n 
1 2   GLU n 
1 3   MET n 
1 4   LYS n 
1 5   PRO n 
1 6   HIS n 
1 7   PRO n 
1 8   TRP n 
1 9   PHE n 
1 10  PHE n 
1 11  GLY n 
1 12  LYS n 
1 13  ILE n 
1 14  PRO n 
1 15  ARG n 
1 16  ALA n 
1 17  LYS n 
1 18  ALA n 
1 19  GLU n 
1 20  GLU n 
1 21  MET n 
1 22  LEU n 
1 23  SER n 
1 24  LYS n 
1 25  GLN n 
1 26  ARG n 
1 27  HIS n 
1 28  ASP n 
1 29  GLY n 
1 30  ALA n 
1 31  PHE n 
1 32  LEU n 
1 33  ILE n 
1 34  ARG n 
1 35  GLU n 
1 36  SER n 
1 37  GLU n 
1 38  SER n 
1 39  ALA n 
1 40  PRO n 
1 41  GLY n 
1 42  ASP n 
1 43  PHE n 
1 44  SER n 
1 45  LEU n 
1 46  SER n 
1 47  VAL n 
1 48  LYS n 
1 49  PHE n 
1 50  GLY n 
1 51  ASN n 
1 52  ASP n 
1 53  VAL n 
1 54  GLN n 
1 55  HIS n 
1 56  PHE n 
1 57  LYS n 
1 58  VAL n 
1 59  LEU n 
1 60  ARG n 
1 61  ASP n 
1 62  GLY n 
1 63  ALA n 
1 64  GLY n 
1 65  LYS n 
1 66  TYR n 
1 67  PHE n 
1 68  LEU n 
1 69  TRP n 
1 70  VAL n 
1 71  VAL n 
1 72  LYS n 
1 73  PHE n 
1 74  ASN n 
1 75  SER n 
1 76  LEU n 
1 77  ASN n 
1 78  GLU n 
1 79  LEU n 
1 80  VAL n 
1 81  ASP n 
1 82  TYR n 
1 83  HIS n 
1 84  ARG n 
1 85  SER n 
1 86  THR n 
1 87  SER n 
1 88  VAL n 
1 89  SER n 
1 90  ARG n 
1 91  ASN n 
1 92  GLN n 
1 93  GLN n 
1 94  ILE n 
1 95  PHE n 
1 96  LEU n 
1 97  ARG n 
1 98  ASP n 
1 99  ILE n 
1 100 GLU n 
1 101 GLN n 
1 102 VAL n 
1 103 PRO n 
1 104 GLN n 
1 105 GLN n 
1 106 PRO n 
1 107 THR n 
1 108 TYR n 
1 109 VAL n 
1 110 GLN n 
1 111 HIS n 
1 112 HIS n 
1 113 HIS n 
1 114 HIS n 
1 115 HIS n 
1 116 HIS n 
# 
_entity_src_gen.entity_id                          1 
_entity_src_gen.pdbx_src_id                        1 
_entity_src_gen.pdbx_alt_source_flag               sample 
_entity_src_gen.pdbx_seq_type                      ? 
_entity_src_gen.pdbx_beg_seq_num                   ? 
_entity_src_gen.pdbx_end_seq_num                   ? 
_entity_src_gen.gene_src_common_name               human 
_entity_src_gen.gene_src_genus                     Homo 
_entity_src_gen.pdbx_gene_src_gene                 GRB2 
_entity_src_gen.gene_src_species                   ? 
_entity_src_gen.gene_src_strain                    ? 
_entity_src_gen.gene_src_tissue                    ? 
_entity_src_gen.gene_src_tissue_fraction           ? 
_entity_src_gen.gene_src_details                   ? 
_entity_src_gen.pdbx_gene_src_fragment             ? 
_entity_src_gen.pdbx_gene_src_scientific_name      'Homo sapiens' 
_entity_src_gen.pdbx_gene_src_ncbi_taxonomy_id     9606 
_entity_src_gen.pdbx_gene_src_variant              ? 
_entity_src_gen.pdbx_gene_src_cell_line            ? 
_entity_src_gen.pdbx_gene_src_atcc                 ? 
_entity_src_gen.pdbx_gene_src_organ                ? 
_entity_src_gen.pdbx_gene_src_organelle            ? 
_entity_src_gen.pdbx_gene_src_cell                 ? 
_entity_src_gen.pdbx_gene_src_cellular_location    ? 
_entity_src_gen.host_org_common_name               ? 
_entity_src_gen.pdbx_host_org_scientific_name      'Escherichia coli' 
_entity_src_gen.pdbx_host_org_ncbi_taxonomy_id     562 
_entity_src_gen.host_org_genus                     Escherichia 
_entity_src_gen.pdbx_host_org_gene                 ? 
_entity_src_gen.pdbx_host_org_organ                ? 
_entity_src_gen.host_org_species                   ? 
_entity_src_gen.pdbx_host_org_tissue               ? 
_entity_src_gen.pdbx_host_org_tissue_fraction      ? 
_entity_src_gen.pdbx_host_org_strain               ? 
_entity_src_gen.pdbx_host_org_variant              ? 
_entity_src_gen.pdbx_host_org_cell_line            ? 
_entity_src_gen.pdbx_host_org_atcc                 ? 
_entity_src_gen.pdbx_host_org_culture_collection   ? 
_entity_src_gen.pdbx_host_org_cell                 ? 
_entity_src_gen.pdbx_host_org_organelle            ? 
_entity_src_gen.pdbx_host_org_cellular_location    ? 
_entity_src_gen.pdbx_host_org_vector_type          ? 
_entity_src_gen.pdbx_host_org_vector               ? 
_entity_src_gen.host_org_details                   ? 
_entity_src_gen.expression_system_id               ? 
_entity_src_gen.plasmid_name                       ? 
_entity_src_gen.plasmid_details                    ? 
_entity_src_gen.pdbx_description                   ? 
# 
loop_
_chem_comp.id 
_chem_comp.type 
_chem_comp.mon_nstd_flag 
_chem_comp.name 
_chem_comp.pdbx_synonyms 
_chem_comp.formula 
_chem_comp.formula_weight 
ALA 'L-peptide linking' y ALANINE         ?                               'C3 H7 N O2'     89.093  
ARG 'L-peptide linking' y ARGININE        ?                               'C6 H15 N4 O2 1' 175.209 
ASN 'L-peptide linking' y ASPARAGINE      ?                               'C4 H8 N2 O3'    132.118 
ASP 'L-peptide linking' y 'ASPARTIC ACID' ?                               'C4 H7 N O4'     133.103 
GLN 'L-peptide linking' y GLUTAMINE       ?                               'C5 H10 N2 O3'   146.144 
GLU 'L-peptide linking' y 'GLUTAMIC ACID' ?                               'C5 H9 N O4'     147.129 
GLY 'peptide linking'   y GLYCINE         ?                               'C2 H5 N O2'     75.067  
GOL non-polymer         . GLYCEROL        'GLYCERIN; PROPANE-1,2,3-TRIOL' 'C3 H8 O3'       92.094  
HIS 'L-peptide linking' y HISTIDINE       ?                               'C6 H10 N3 O2 1' 156.162 
HOH non-polymer         . WATER           ?                               'H2 O'           18.015  
ILE 'L-peptide linking' y ISOLEUCINE      ?                               'C6 H13 N O2'    131.173 
LEU 'L-peptide linking' y LEUCINE         ?                               'C6 H13 N O2'    131.173 
LYS 'L-peptide linking' y LYSINE          ?                               'C6 H15 N2 O2 1' 147.195 
MET 'L-peptide linking' y METHIONINE      ?                               'C5 H11 N O2 S'  149.211 
PHE 'L-peptide linking' y PHENYLALANINE   ?                               'C9 H11 N O2'    165.189 
PRO 'L-peptide linking' y PROLINE         ?                               'C5 H9 N O2'     115.130 
SER 'L-peptide linking' y SERINE          ?                               'C3 H7 N O3'     105.093 
THR 'L-peptide linking' y THREONINE       ?                               'C4 H9 N O3'     119.119 
TRP 'L-peptide linking' y TRYPTOPHAN      ?                               'C11 H12 N2 O2'  204.225 
TYR 'L-peptide linking' y TYROSINE        ?                               'C9 H11 N O3'    181.189 
VAL 'L-peptide linking' y VALINE          ?                               'C5 H11 N O2'    117.146 
# 
loop_
_pdbx_poly_seq_scheme.asym_id 
_pdbx_poly_seq_scheme.entity_id 
_pdbx_poly_seq_scheme.seq_id 
_pdbx_poly_seq_scheme.mon_id 
_pdbx_poly_seq_scheme.ndb_seq_num 
_pdbx_poly_seq_scheme.pdb_seq_num 
_pdbx_poly_seq_scheme.auth_seq_num 
_pdbx_poly_seq_scheme.pdb_mon_id 
_pdbx_poly_seq_scheme.auth_mon_id 
_pdbx_poly_seq_scheme.pdb_strand_id 
_pdbx_poly_seq_scheme.pdb_ins_code 
_pdbx_poly_seq_scheme.hetero 
A 1 1   ILE 1   53  ?   ?   ?   E . n 
A 1 2   GLU 2   54  ?   ?   ?   E . n 
A 1 3   MET 3   55  55  MET MET E . n 
A 1 4   LYS 4   56  56  LYS LYS E . n 
A 1 5   PRO 5   57  57  PRO PRO E . n 
A 1 6   HIS 6   58  58  HIS HIS E . n 
A 1 7   PRO 7   59  59  PRO PRO E . n 
A 1 8   TRP 8   60  60  TRP TRP E . n 
A 1 9   PHE 9   61  61  PHE PHE E . n 
A 1 10  PHE 10  62  62  PHE PHE E . n 
A 1 11  GLY 11  63  63  GLY GLY E . n 
A 1 12  LYS 12  64  64  LYS LYS E . n 
A 1 13  ILE 13  65  65  ILE ILE E . n 
A 1 14  PRO 14  66  66  PRO PRO E . n 
A 1 15  ARG 15  67  67  ARG ARG E . n 
A 1 16  ALA 16  68  68  ALA ALA E . n 
A 1 17  LYS 17  69  69  LYS LYS E . n 
A 1 18  ALA 18  70  70  ALA ALA E . n 
A 1 19  GLU 19  71  71  GLU GLU E . n 
A 1 20  GLU 20  72  72  GLU GLU E . n 
A 1 21  MET 21  73  73  MET MET E . n 
A 1 22  LEU 22  74  74  LEU LEU E . n 
A 1 23  SER 23  75  75  SER SER E . n 
A 1 24  LYS 24  76  76  LYS LYS E . n 
A 1 25  GLN 25  77  77  GLN GLN E . n 
A 1 26  ARG 26  78  78  ARG ARG E . n 
A 1 27  HIS 27  79  79  HIS HIS E . n 
A 1 28  ASP 28  80  80  ASP ASP E . n 
A 1 29  GLY 29  81  81  GLY GLY E . n 
A 1 30  ALA 30  82  82  ALA ALA E . n 
A 1 31  PHE 31  83  83  PHE PHE E . n 
A 1 32  LEU 32  84  84  LEU LEU E . n 
A 1 33  ILE 33  85  85  ILE ILE E . n 
A 1 34  ARG 34  86  86  ARG ARG E . n 
A 1 35  GLU 35  87  87  GLU GLU E . n 
A 1 36  SER 36  88  88  SER SER E . n 
A 1 37  GLU 37  89  89  GLU GLU E . n 
A 1 38  SER 38  90  90  SER SER E . n 
A 1 39  ALA 39  91  91  ALA ALA E . n 
A 1 40  PRO 40  92  92  PRO PRO E . n 
A 1 41  GLY 41  93  93  GLY GLY E . n 
A 1 42  ASP 42  94  94  ASP ASP E . n 
A 1 43  PHE 43  95  95  PHE PHE E . n 
A 1 44  SER 44  96  96  SER SER E . n 
A 1 45  LEU 45  97  97  LEU LEU E . n 
A 1 46  SER 46  98  98  SER SER E . n 
A 1 47  VAL 47  99  99  VAL VAL E . n 
A 1 48  LYS 48  100 100 LYS LYS E . n 
A 1 49  PHE 49  101 101 PHE PHE E . n 
A 1 50  GLY 50  102 102 GLY GLY E . n 
A 1 51  ASN 51  103 103 ASN ASN E . n 
A 1 52  ASP 52  104 104 ASP ASP E . n 
A 1 53  VAL 53  105 105 VAL VAL E . n 
A 1 54  GLN 54  106 106 GLN GLN E . n 
A 1 55  HIS 55  107 107 HIS HIS E . n 
A 1 56  PHE 56  108 108 PHE PHE E . n 
A 1 57  LYS 57  109 109 LYS LYS E . n 
A 1 58  VAL 58  110 110 VAL VAL E . n 
A 1 59  LEU 59  111 111 LEU LEU E . n 
A 1 60  ARG 60  112 112 ARG ARG E . n 
A 1 61  ASP 61  113 113 ASP ASP E . n 
A 1 62  GLY 62  114 114 GLY GLY E . n 
A 1 63  ALA 63  115 115 ALA ALA E . n 
A 1 64  GLY 64  116 116 GLY GLY E . n 
A 1 65  LYS 65  117 117 LYS LYS E . n 
A 1 66  TYR 66  118 118 TYR TYR E . n 
A 1 67  PHE 67  119 119 PHE PHE E . n 
A 1 68  LEU 68  120 120 LEU LEU E . n 
A 1 69  TRP 69  121 121 TRP TRP E . n 
A 1 70  VAL 70  122 122 VAL VAL E . n 
A 1 71  VAL 71  123 123 VAL VAL E . n 
A 1 72  LYS 72  124 124 LYS LYS E . n 
A 1 73  PHE 73  125 125 PHE PHE E . n 
A 1 74  ASN 74  126 126 ASN ASN E . n 
A 1 75  SER 75  127 127 SER SER E . n 
A 1 76  LEU 76  128 128 LEU LEU E . n 
A 1 77  ASN 77  129 129 ASN ASN E . n 
A 1 78  GLU 78  130 130 GLU GLU E . n 
A 1 79  LEU 79  131 131 LEU LEU E . n 
A 1 80  VAL 80  132 132 VAL VAL E . n 
A 1 81  ASP 81  133 133 ASP ASP E . n 
A 1 82  TYR 82  134 134 TYR TYR E . n 
A 1 83  HIS 83  135 135 HIS HIS E . n 
A 1 84  ARG 84  136 136 ARG ARG E . n 
A 1 85  SER 85  137 137 SER SER E . n 
A 1 86  THR 86  138 138 THR THR E . n 
A 1 87  SER 87  139 139 SER SER E . n 
A 1 88  VAL 88  140 140 VAL VAL E . n 
A 1 89  SER 89  141 141 SER SER E . n 
A 1 90  ARG 90  142 142 ARG ARG E . n 
A 1 91  ASN 91  143 143 ASN ASN E . n 
A 1 92  GLN 92  144 144 GLN GLN E . n 
A 1 93  GLN 93  145 145 GLN GLN E . n 
A 1 94  ILE 94  146 146 ILE ILE E . n 
A 1 95  PHE 95  147 147 PHE PHE E . n 
A 1 96  LEU 96  148 148 LEU LEU E . n 
A 1 97  ARG 97  149 149 ARG ARG E . n 
A 1 98  ASP 98  150 150 ASP ASP E . n 
A 1 99  ILE 99  151 151 ILE ILE E . n 
A 1 100 GLU 100 152 152 GLU GLU E . n 
A 1 101 GLN 101 153 ?   ?   ?   E . n 
A 1 102 VAL 102 154 ?   ?   ?   E . n 
A 1 103 PRO 103 155 ?   ?   ?   E . n 
A 1 104 GLN 104 156 ?   ?   ?   E . n 
A 1 105 GLN 105 157 ?   ?   ?   E . n 
A 1 106 PRO 106 158 ?   ?   ?   E . n 
A 1 107 THR 107 159 ?   ?   ?   E . n 
A 1 108 TYR 108 160 ?   ?   ?   E . n 
A 1 109 VAL 109 161 ?   ?   ?   E . n 
A 1 110 GLN 110 162 ?   ?   ?   E . n 
A 1 111 HIS 111 163 ?   ?   ?   E . n 
A 1 112 HIS 112 164 ?   ?   ?   E . n 
A 1 113 HIS 113 165 ?   ?   ?   E . n 
A 1 114 HIS 114 166 ?   ?   ?   E . n 
A 1 115 HIS 115 167 ?   ?   ?   E . n 
A 1 116 HIS 116 168 ?   ?   ?   E . n 
# 
loop_
_pdbx_nonpoly_scheme.asym_id 
_pdbx_nonpoly_scheme.entity_id 
_pdbx_nonpoly_scheme.mon_id 
_pdbx_nonpoly_scheme.ndb_seq_num 
_pdbx_nonpoly_scheme.pdb_seq_num 
_pdbx_nonpoly_scheme.auth_seq_num 
_pdbx_nonpoly_scheme.pdb_mon_id 
_pdbx_nonpoly_scheme.auth_mon_id 
_pdbx_nonpoly_scheme.pdb_strand_id 
_pdbx_nonpoly_scheme.pdb_ins_code 
B 2 GOL 1  169 101 GOL GOL E . 
C 3 HOH 1  170 1   HOH HOH E . 
C 3 HOH 2  171 2   HOH HOH E . 
C 3 HOH 3  172 3   HOH HOH E . 
C 3 HOH 4  173 4   HOH HOH E . 
C 3 HOH 5  174 5   HOH HOH E . 
C 3 HOH 6  175 6   HOH HOH E . 
C 3 HOH 7  176 7   HOH HOH E . 
C 3 HOH 8  177 8   HOH HOH E . 
C 3 HOH 9  178 9   HOH HOH E . 
C 3 HOH 10 179 10  HOH HOH E . 
C 3 HOH 11 180 11  HOH HOH E . 
C 3 HOH 12 181 12  HOH HOH E . 
C 3 HOH 13 182 13  HOH HOH E . 
C 3 HOH 14 183 14  HOH HOH E . 
C 3 HOH 15 184 15  HOH HOH E . 
C 3 HOH 16 185 16  HOH HOH E . 
C 3 HOH 17 186 17  HOH HOH E . 
C 3 HOH 18 187 18  HOH HOH E . 
C 3 HOH 19 188 19  HOH HOH E . 
C 3 HOH 20 189 20  HOH HOH E . 
C 3 HOH 21 190 21  HOH HOH E . 
C 3 HOH 22 191 22  HOH HOH E . 
C 3 HOH 23 192 23  HOH HOH E . 
C 3 HOH 24 193 24  HOH HOH E . 
C 3 HOH 25 194 25  HOH HOH E . 
C 3 HOH 26 195 26  HOH HOH E . 
C 3 HOH 27 196 27  HOH HOH E . 
C 3 HOH 28 197 28  HOH HOH E . 
C 3 HOH 29 198 29  HOH HOH E . 
C 3 HOH 30 199 30  HOH HOH E . 
C 3 HOH 31 200 31  HOH HOH E . 
C 3 HOH 32 201 32  HOH HOH E . 
C 3 HOH 33 202 33  HOH HOH E . 
C 3 HOH 34 203 34  HOH HOH E . 
C 3 HOH 35 204 35  HOH HOH E . 
C 3 HOH 36 205 36  HOH HOH E . 
C 3 HOH 37 206 37  HOH HOH E . 
C 3 HOH 38 207 38  HOH HOH E . 
C 3 HOH 39 208 39  HOH HOH E . 
C 3 HOH 40 209 40  HOH HOH E . 
C 3 HOH 41 210 41  HOH HOH E . 
C 3 HOH 42 211 42  HOH HOH E . 
C 3 HOH 43 212 43  HOH HOH E . 
C 3 HOH 44 213 44  HOH HOH E . 
C 3 HOH 45 214 45  HOH HOH E . 
C 3 HOH 46 215 46  HOH HOH E . 
C 3 HOH 47 216 47  HOH HOH E . 
C 3 HOH 48 217 48  HOH HOH E . 
C 3 HOH 49 218 49  HOH HOH E . 
C 3 HOH 50 219 50  HOH HOH E . 
C 3 HOH 51 220 51  HOH HOH E . 
C 3 HOH 52 221 52  HOH HOH E . 
C 3 HOH 53 222 53  HOH HOH E . 
C 3 HOH 54 223 54  HOH HOH E . 
C 3 HOH 55 224 55  HOH HOH E . 
C 3 HOH 56 225 56  HOH HOH E . 
C 3 HOH 57 226 57  HOH HOH E . 
C 3 HOH 58 227 58  HOH HOH E . 
C 3 HOH 59 228 59  HOH HOH E . 
C 3 HOH 60 229 60  HOH HOH E . 
C 3 HOH 61 230 61  HOH HOH E . 
C 3 HOH 62 231 62  HOH HOH E . 
C 3 HOH 63 232 63  HOH HOH E . 
C 3 HOH 64 233 64  HOH HOH E . 
C 3 HOH 65 234 65  HOH HOH E . 
C 3 HOH 66 235 66  HOH HOH E . 
C 3 HOH 67 236 67  HOH HOH E . 
C 3 HOH 68 237 68  HOH HOH E . 
C 3 HOH 69 238 69  HOH HOH E . 
C 3 HOH 70 239 70  HOH HOH E . 
C 3 HOH 71 240 71  HOH HOH E . 
C 3 HOH 72 241 72  HOH HOH E . 
# 
loop_
_software.name 
_software.version 
_software.date 
_software.type 
_software.contact_author 
_software.contact_author_email 
_software.classification 
_software.location 
_software.language 
_software.citation_id 
_software.pdbx_ordinal 
DENZO       .     ?                package 'Zbyszek Otwinowski' zbyszek@mix.swmed.edu    'data reduction'  
http://www.lnls.br/infra/linhasluz/denzo-hkl.htm ?          ? 1 
SCALEPACK   .     ?                package 'Zbyszek Otwinowski' zbyszek@mix.swmed.edu    'data scaling'    
http://www.lnls.br/infra/linhasluz/denzo-hkl.htm ?          ? 2 
MOLREP      .     ?                other   'A. Vagin'           alexei@ysbl.york.ac.uk   phasing           
http://www.ccp4.ac.uk/dist/html/molrep.html      Fortran_77 ? 3 
CNS         .     ?                package 'Axel T. Brunger'    axel.brunger@yale.edu    refinement        
http://cns.csb.yale.edu/v1.1/                    Fortran_77 ? 4 
PDB_EXTRACT 2.000 'April. 3, 2006' package PDB                  sw-help@rcsb.rutgers.edu 'data extraction' 
http://pdb.rutgers.edu/software/                 C++        ? 5 
MAR345      .     ?                ?       ?                    ?                        'data collection' ? ?          ? 6 
# 
_cell.length_a           80.783 
_cell.length_b           80.783 
_cell.length_c           75.216 
_cell.angle_alpha        90.000 
_cell.angle_beta         90.000 
_cell.angle_gamma        90.000 
_cell.entry_id           2H46 
_cell.pdbx_unique_axis   ? 
_cell.Z_PDB              16 
_cell.length_a_esd       ? 
_cell.length_b_esd       ? 
_cell.length_c_esd       ? 
_cell.angle_alpha_esd    ? 
_cell.angle_beta_esd     ? 
_cell.angle_gamma_esd    ? 
# 
_symmetry.space_group_name_H-M             'I 4 2 2' 
_symmetry.entry_id                         2H46 
_symmetry.Int_Tables_number                97 
_symmetry.pdbx_full_space_group_name_H-M   ? 
_symmetry.cell_setting                     ? 
_symmetry.space_group_name_Hall            ? 
# 
_exptl.crystals_number   1 
_exptl.entry_id          2H46 
_exptl.method            'X-RAY DIFFRACTION' 
# 
_exptl_crystal.id                    1 
_exptl_crystal.density_Matthews      2.38 
_exptl_crystal.density_meas          ? 
_exptl_crystal.density_percent_sol   48.42 
_exptl_crystal.description           ? 
_exptl_crystal.F_000                 ? 
_exptl_crystal.preparation           ? 
# 
_exptl_crystal_grow.crystal_id      1 
_exptl_crystal_grow.method          'VAPOR DIFFUSION, HANGING DROP' 
_exptl_crystal_grow.pH              7.0 
_exptl_crystal_grow.temp            298 
_exptl_crystal_grow.temp_details    ? 
_exptl_crystal_grow.pdbx_details    
;15 mg/mL Grb2-SH2 in 50 mM HEPES at pH 7.5 mixed with equal volume of 100 mM MES and 2.1 M NH4SO4 at pH 6.0.  , pH 7.0, VAPOR DIFFUSION, HANGING DROP, temperature 298K
;
_exptl_crystal_grow.pdbx_pH_range   . 
# 
_diffrn.id                     1 
_diffrn.ambient_temp           100 
_diffrn.ambient_temp_details   ? 
_diffrn.crystal_id             1 
# 
_diffrn_detector.diffrn_id              1 
_diffrn_detector.detector               'IMAGE PLATE' 
_diffrn_detector.type                   'MAR scanner 345 mm plate' 
_diffrn_detector.pdbx_collection_date   2003-01-01 
_diffrn_detector.details                ? 
# 
_diffrn_radiation.diffrn_id                        1 
_diffrn_radiation.wavelength_id                    1 
_diffrn_radiation.pdbx_diffrn_protocol             'SINGLE WAVELENGTH' 
_diffrn_radiation.monochromator                    ? 
_diffrn_radiation.pdbx_monochromatic_or_laue_m_l   M 
_diffrn_radiation.pdbx_scattering_type             x-ray 
# 
_diffrn_radiation_wavelength.id           1 
_diffrn_radiation_wavelength.wavelength   1.5418 
_diffrn_radiation_wavelength.wt           1.0 
# 
_diffrn_source.diffrn_id                   1 
_diffrn_source.source                      'ROTATING ANODE' 
_diffrn_source.type                        'RIGAKU RU200' 
_diffrn_source.pdbx_wavelength             ? 
_diffrn_source.pdbx_wavelength_list        1.5418 
_diffrn_source.pdbx_synchrotron_site       ? 
_diffrn_source.pdbx_synchrotron_beamline   ? 
# 
_reflns.entry_id                     2H46 
_reflns.d_resolution_high            1.900 
_reflns.d_resolution_low             30.000 
_reflns.number_obs                   10060 
_reflns.pdbx_Rmerge_I_obs            0.035 
_reflns.pdbx_netI_over_sigmaI        37.200 
_reflns.pdbx_chi_squared             1.255 
_reflns.percent_possible_obs         99.500 
_reflns.observed_criterion_sigma_F   1.0 
_reflns.observed_criterion_sigma_I   1.0 
_reflns.number_all                   ? 
_reflns.pdbx_Rsym_value              ? 
_reflns.B_iso_Wilson_estimate        ? 
_reflns.pdbx_redundancy              ? 
_reflns.R_free_details               ? 
_reflns.limit_h_max                  ? 
_reflns.limit_h_min                  ? 
_reflns.limit_k_max                  ? 
_reflns.limit_k_min                  ? 
_reflns.limit_l_max                  ? 
_reflns.limit_l_min                  ? 
_reflns.observed_criterion_F_max     ? 
_reflns.observed_criterion_F_min     ? 
_reflns.pdbx_scaling_rejects         ? 
_reflns.pdbx_ordinal                 1 
_reflns.pdbx_diffrn_id               1 
# 
loop_
_reflns_shell.d_res_high 
_reflns_shell.d_res_low 
_reflns_shell.number_measured_obs 
_reflns_shell.number_measured_all 
_reflns_shell.number_unique_obs 
_reflns_shell.Rmerge_I_obs 
_reflns_shell.meanI_over_sigI_obs 
_reflns_shell.pdbx_Rsym_value 
_reflns_shell.pdbx_chi_squared 
_reflns_shell.pdbx_redundancy 
_reflns_shell.percent_possible_obs 
_reflns_shell.number_unique_all 
_reflns_shell.percent_possible_all 
_reflns_shell.pdbx_ordinal 
_reflns_shell.pdbx_diffrn_id 
1.90 1.97  ? ? ? 0.304 ? ? 1.253 ? ? 981  100.00 1  1 
1.97 2.05  ? ? ? 0.217 ? ? 1.492 ? ? 994  100.00 2  1 
2.05 2.14  ? ? ? 0.155 ? ? 1.132 ? ? 995  100.00 3  1 
2.14 2.25  ? ? ? 0.118 ? ? 1.404 ? ? 986  99.90  4  1 
2.25 2.39  ? ? ? 0.096 ? ? 1.391 ? ? 988  99.90  5  1 
2.39 2.58  ? ? ? 0.068 ? ? 1.132 ? ? 1010 100.00 6  1 
2.58 2.84  ? ? ? 0.052 ? ? 1.014 ? ? 1010 100.00 7  1 
2.84 3.25  ? ? ? 0.037 ? ? 1.217 ? ? 1016 99.80  8  1 
3.25 4.09  ? ? ? 0.027 ? ? 1.382 ? ? 1020 99.50  9  1 
4.09 30.00 ? ? ? 0.021 ? ? 1.140 ? ? 1060 96.20  10 1 
# 
_refine.entry_id                                 2H46 
_refine.ls_d_res_high                            1.900 
_refine.ls_d_res_low                             30.000 
_refine.pdbx_ls_sigma_F                          2.0 
_refine.ls_percent_reflns_obs                    99.400 
_refine.ls_number_reflns_obs                     10052 
_refine.ls_R_factor_R_work                       0.222 
_refine.ls_R_factor_R_free                       0.231 
_refine.ls_percent_reflns_R_free                 5.100 
_refine.ls_number_reflns_R_free                  521 
_refine.B_iso_mean                               34.989 
_refine.solvent_model_param_bsol                 60.619 
_refine.aniso_B[1][1]                            6.332 
_refine.aniso_B[2][2]                            6.332 
_refine.aniso_B[3][3]                            -12.664 
_refine.aniso_B[1][2]                            0.000 
_refine.aniso_B[1][3]                            0.000 
_refine.aniso_B[2][3]                            0.000 
_refine.overall_FOM_work_R_set                   0.831 
_refine.pdbx_ls_sigma_I                          ? 
_refine.ls_number_reflns_all                     ? 
_refine.ls_R_factor_all                          0.22 
_refine.ls_R_factor_obs                          0.22 
_refine.ls_redundancy_reflns_obs                 ? 
_refine.pdbx_data_cutoff_high_absF               ? 
_refine.pdbx_data_cutoff_low_absF                ? 
_refine.ls_number_parameters                     ? 
_refine.ls_number_restraints                     ? 
_refine.ls_R_factor_R_free_error                 ? 
_refine.ls_R_factor_R_free_error_details         ? 
_refine.pdbx_method_to_determine_struct          'MOLECULAR REPLACEMENT' 
_refine.pdbx_starting_model                      ? 
_refine.pdbx_ls_cross_valid_method               ? 
_refine.pdbx_R_Free_selection_details            Random 
_refine.pdbx_stereochem_target_val_spec_case     ? 
_refine.pdbx_stereochemistry_target_values       'Engh & Huber' 
_refine.solvent_model_details                    ? 
_refine.solvent_model_param_ksol                 ? 
_refine.occupancy_max                            ? 
_refine.occupancy_min                            ? 
_refine.pdbx_isotropic_thermal_model             ? 
_refine.details                                  ? 
_refine.B_iso_min                                ? 
_refine.B_iso_max                                ? 
_refine.correlation_coeff_Fo_to_Fc               ? 
_refine.correlation_coeff_Fo_to_Fc_free          ? 
_refine.pdbx_solvent_vdw_probe_radii             ? 
_refine.pdbx_solvent_ion_probe_radii             ? 
_refine.pdbx_solvent_shrinkage_radii             ? 
_refine.overall_SU_R_Cruickshank_DPI             ? 
_refine.overall_SU_R_free                        ? 
_refine.overall_SU_ML                            ? 
_refine.overall_SU_B                             ? 
_refine.pdbx_overall_ESU_R_Free                  ? 
_refine.pdbx_data_cutoff_high_rms_absF           ? 
_refine.pdbx_overall_ESU_R                       ? 
_refine.ls_wR_factor_R_free                      ? 
_refine.ls_wR_factor_R_work                      ? 
_refine.overall_FOM_free_R_set                   ? 
_refine.pdbx_refine_id                           'X-RAY DIFFRACTION' 
_refine.pdbx_diffrn_id                           1 
_refine.pdbx_TLS_residual_ADP_flag               ? 
_refine.pdbx_overall_phase_error                 ? 
_refine.pdbx_overall_SU_R_free_Cruickshank_DPI   ? 
_refine.pdbx_overall_SU_R_Blow_DPI               ? 
_refine.pdbx_overall_SU_R_free_Blow_DPI          ? 
# 
_refine_hist.pdbx_refine_id                   'X-RAY DIFFRACTION' 
_refine_hist.cycle_id                         LAST 
_refine_hist.pdbx_number_atoms_protein        809 
_refine_hist.pdbx_number_atoms_nucleic_acid   0 
_refine_hist.pdbx_number_atoms_ligand         6 
_refine_hist.number_atoms_solvent             72 
_refine_hist.number_atoms_total               887 
_refine_hist.d_res_high                       1.900 
_refine_hist.d_res_low                        30.000 
# 
loop_
_refine_ls_restr.type 
_refine_ls_restr.number 
_refine_ls_restr.dev_ideal 
_refine_ls_restr.dev_ideal_target 
_refine_ls_restr.weight 
_refine_ls_restr.pdbx_refine_id 
_refine_ls_restr.pdbx_restraint_function 
c_bond_d     ? 0.006 ?     ? 'X-RAY DIFFRACTION' ? 
c_angle_d    ? 1.268 ?     ? 'X-RAY DIFFRACTION' ? 
c_mcbond_it  ? 1.615 1.500 ? 'X-RAY DIFFRACTION' ? 
c_scbond_it  ? 2.049 2.000 ? 'X-RAY DIFFRACTION' ? 
c_mcangle_it ? 2.676 2.000 ? 'X-RAY DIFFRACTION' ? 
c_scangle_it ? 3.139 2.500 ? 'X-RAY DIFFRACTION' ? 
# 
loop_
_refine_ls_shell.d_res_high 
_refine_ls_shell.d_res_low 
_refine_ls_shell.pdbx_total_number_of_bins_used 
_refine_ls_shell.percent_reflns_obs 
_refine_ls_shell.number_reflns_R_work 
_refine_ls_shell.R_factor_all 
_refine_ls_shell.R_factor_R_work 
_refine_ls_shell.R_factor_R_free 
_refine_ls_shell.percent_reflns_R_free 
_refine_ls_shell.number_reflns_R_free 
_refine_ls_shell.R_factor_R_free_error 
_refine_ls_shell.number_reflns_all 
_refine_ls_shell.number_reflns_obs 
_refine_ls_shell.redundancy_reflns_obs 
_refine_ls_shell.pdbx_refine_id 
1.900 1.970  10 . 928  . 0.289 0.343 . 44 . . 972  . 'X-RAY DIFFRACTION' 
1.970 2.050  10 . 937  . 0.238 0.26  . 53 . . 990  . 'X-RAY DIFFRACTION' 
2.050 2.140  10 . 940  . 0.236 0.258 . 53 . . 993  . 'X-RAY DIFFRACTION' 
2.140 2.250  10 . 941  . 0.23  0.282 . 47 . . 988  . 'X-RAY DIFFRACTION' 
2.250 2.390  10 . 953  . 0.24  0.326 . 40 . . 993  . 'X-RAY DIFFRACTION' 
2.390 2.580  10 . 944  . 0.233 0.324 . 61 . . 1005 . 'X-RAY DIFFRACTION' 
2.580 2.840  10 . 955  . 0.237 0.31  . 57 . . 1012 . 'X-RAY DIFFRACTION' 
2.840 3.250  10 . 963  . 0.225 0.203 . 56 . . 1019 . 'X-RAY DIFFRACTION' 
3.250 4.090  10 . 961  . 0.189 0.194 . 60 . . 1021 . 'X-RAY DIFFRACTION' 
4.090 40.000 10 . 1009 . 0.224 0.188 . 50 . . 1059 . 'X-RAY DIFFRACTION' 
# 
loop_
_pdbx_xplor_file.serial_no 
_pdbx_xplor_file.param_file 
_pdbx_xplor_file.topol_file 
_pdbx_xplor_file.pdbx_refine_id 
1 CNS_TOPPAR:protein_rep.param CNS_TOPPAR:protein.top 'X-RAY DIFFRACTION' 
2 CNS_TOPPAR:dna-rna_rep.param CNS_TOPPAR:dna-rna.top 'X-RAY DIFFRACTION' 
3 CNS_TOPPAR:water_rep.param   CNS_TOPPAR:water.top   'X-RAY DIFFRACTION' 
4 CNS_TOPPAR:ion.param         CNS_TOPPAR:ion.top     'X-RAY DIFFRACTION' 
5 gly.param                    gly.top                'X-RAY DIFFRACTION' 
# 
_struct.entry_id                  2H46 
_struct.title                     'Native domain-swapped dimer crystal structure of the Grb2 SH2 domain' 
_struct.pdbx_model_details        ? 
_struct.pdbx_CASP_flag            ? 
_struct.pdbx_model_type_details   ? 
# 
_struct_keywords.entry_id        2H46 
_struct_keywords.pdbx_keywords   'HORMONE/GROWTH FACTOR' 
_struct_keywords.text            'helix-sheet-helix, HORMONE-GROWTH FACTOR COMPLEX' 
# 
loop_
_struct_asym.id 
_struct_asym.pdbx_blank_PDB_chainid_flag 
_struct_asym.pdbx_modified 
_struct_asym.entity_id 
_struct_asym.details 
A N N 1 ? 
B N N 2 ? 
C N N 3 ? 
# 
_struct_ref.id                         1 
_struct_ref.db_name                    UNP 
_struct_ref.db_code                    Q6ICN0_HUMAN 
_struct_ref.pdbx_db_accession          Q6ICN0 
_struct_ref.entity_id                  1 
_struct_ref.pdbx_seq_one_letter_code   
;IEMKPHPWFFGKIPRAKAEEMLSKQRHDGAFLIRESESAPGDFSLSVKFGNDVQHFKVLRDGAGKYFLWVVKFNSLNELV
DYHRSTSVSRNQQIFLRDIEQVPQQPTYVQ
;
_struct_ref.pdbx_align_begin           53 
_struct_ref.pdbx_db_isoform            ? 
# 
_struct_ref_seq.align_id                      1 
_struct_ref_seq.ref_id                        1 
_struct_ref_seq.pdbx_PDB_id_code              2H46 
_struct_ref_seq.pdbx_strand_id                E 
_struct_ref_seq.seq_align_beg                 1 
_struct_ref_seq.pdbx_seq_align_beg_ins_code   ? 
_struct_ref_seq.seq_align_end                 110 
_struct_ref_seq.pdbx_seq_align_end_ins_code   ? 
_struct_ref_seq.pdbx_db_accession             Q6ICN0 
_struct_ref_seq.db_align_beg                  53 
_struct_ref_seq.pdbx_db_align_beg_ins_code    ? 
_struct_ref_seq.db_align_end                  162 
_struct_ref_seq.pdbx_db_align_end_ins_code    ? 
_struct_ref_seq.pdbx_auth_seq_align_beg       53 
_struct_ref_seq.pdbx_auth_seq_align_end       162 
# 
loop_
_struct_ref_seq_dif.align_id 
_struct_ref_seq_dif.pdbx_pdb_id_code 
_struct_ref_seq_dif.mon_id 
_struct_ref_seq_dif.pdbx_pdb_strand_id 
_struct_ref_seq_dif.seq_num 
_struct_ref_seq_dif.pdbx_pdb_ins_code 
_struct_ref_seq_dif.pdbx_seq_db_name 
_struct_ref_seq_dif.pdbx_seq_db_accession_code 
_struct_ref_seq_dif.db_mon_id 
_struct_ref_seq_dif.pdbx_seq_db_seq_num 
_struct_ref_seq_dif.details 
_struct_ref_seq_dif.pdbx_auth_seq_num 
_struct_ref_seq_dif.pdbx_ordinal 
1 2H46 HIS E 111 ? UNP Q6ICN0 ? ? 'expression tag' 163 1 
1 2H46 HIS E 112 ? UNP Q6ICN0 ? ? 'expression tag' 164 2 
1 2H46 HIS E 113 ? UNP Q6ICN0 ? ? 'expression tag' 165 3 
1 2H46 HIS E 114 ? UNP Q6ICN0 ? ? 'expression tag' 166 4 
1 2H46 HIS E 115 ? UNP Q6ICN0 ? ? 'expression tag' 167 5 
1 2H46 HIS E 116 ? UNP Q6ICN0 ? ? 'expression tag' 168 6 
# 
loop_
_pdbx_struct_assembly.id 
_pdbx_struct_assembly.details 
_pdbx_struct_assembly.method_details 
_pdbx_struct_assembly.oligomeric_details 
_pdbx_struct_assembly.oligomeric_count 
1 author_and_software_defined_assembly PISA     dimeric   2 
2 software_defined_assembly            PISA,PQS octameric 8 
# 
loop_
_pdbx_struct_assembly_prop.biol_id 
_pdbx_struct_assembly_prop.type 
_pdbx_struct_assembly_prop.value 
_pdbx_struct_assembly_prop.details 
1 'ABSA (A^2)' 5510  ? 
1 MORE         -27   ? 
1 'SSA (A^2)'  11680 ? 
2 'ABSA (A^2)' 32590 ? 
2 MORE         -163  ? 
2 'SSA (A^2)'  36170 ? 
# 
loop_
_pdbx_struct_assembly_gen.assembly_id 
_pdbx_struct_assembly_gen.oper_expression 
_pdbx_struct_assembly_gen.asym_id_list 
1 1,2             A,B,C 
2 1,3,4,5,2,6,7,8 A,B,C 
# 
loop_
_pdbx_struct_oper_list.id 
_pdbx_struct_oper_list.type 
_pdbx_struct_oper_list.name 
_pdbx_struct_oper_list.symmetry_operation 
_pdbx_struct_oper_list.matrix[1][1] 
_pdbx_struct_oper_list.matrix[1][2] 
_pdbx_struct_oper_list.matrix[1][3] 
_pdbx_struct_oper_list.vector[1] 
_pdbx_struct_oper_list.matrix[2][1] 
_pdbx_struct_oper_list.matrix[2][2] 
_pdbx_struct_oper_list.matrix[2][3] 
_pdbx_struct_oper_list.vector[2] 
_pdbx_struct_oper_list.matrix[3][1] 
_pdbx_struct_oper_list.matrix[3][2] 
_pdbx_struct_oper_list.matrix[3][3] 
_pdbx_struct_oper_list.vector[3] 
1 'identity operation'         1_555 x,y,z          1.0000000000  0.0000000000  0.0000000000  0.0000000000   0.0000000000  1.0000000000  0.0000000000  0.0000000000  0.0000000000  0.0000000000  1.0000000000  0.0000000000   
2 'crystal symmetry operation' 5_556 -x,y,-z+1      -0.3404089130 0.3022772275  -0.8903652339 -15.2821552687 0.3022772275  -0.8614724728 -0.4080363420 11.1151130108 -0.8903652339 -0.4080363420 0.2018813857  -7.5476081115  
3 'crystal symmetry operation' 2_575 -x,-y+2,z      -0.9840197239 -0.1718769165 -0.0465135301 18.4923892837  -0.1718769165 0.8486335469  0.5002793507  16.4807765301 -0.0465135301 0.5002793507  -0.8646138229 -54.5465278263 
4 'crystal symmetry operation' 3_665 -y+1,x+1,z     0.0079901380  -0.3461174131 0.9381571798  37.6110664969  0.1742404966  0.9243167734  0.3395272474  8.2726138489  -0.9846707100 0.1607521033  0.0676930885  -17.6472551478 
5 'crystal symmetry operation' 4_465 y-1,-x+1,z     0.0079901380  0.1742404966  -0.9846707100 -19.1186772132 -0.3461174131 0.9243167734  0.1607521033  8.2081626811  0.9381571798  0.3395272474  0.0676930885  -36.8992726784 
6 'crystal symmetry operation' 6_576 x,-y+2,-z+1    0.3244286369  -0.1304003111 0.9368787640  31.9709660392  -0.1304003111 -0.9871610741 -0.0922430087 24.7641715474 0.9368787640  -0.0922430087 -0.3372675628 -41.7492730137 
7 'crystal symmetry operation' 7_466 y-1,x+1,-z+1   0.9266655870  0.2540932799  -0.2769972834 -9.8721722947  0.2540932799  -0.9664895687 -0.0365310663 22.5581742443 -0.2769972834 -0.0365310663 -0.9601760183 -47.9733735465 
8 'crystal symmetry operation' 8_666 -y+1,-x+1,-z+1 -0.9426458631 -0.0822163634 0.3235108135  26.5609830652  -0.0822163634 -0.8821439782 -0.4637482844 13.3211103139 0.3235108135  -0.4637482844 0.8247898413  -1.3235075787 
# 
_struct_biol.id   1 
# 
loop_
_struct_conf.conf_type_id 
_struct_conf.id 
_struct_conf.pdbx_PDB_helix_id 
_struct_conf.beg_label_comp_id 
_struct_conf.beg_label_asym_id 
_struct_conf.beg_label_seq_id 
_struct_conf.pdbx_beg_PDB_ins_code 
_struct_conf.end_label_comp_id 
_struct_conf.end_label_asym_id 
_struct_conf.end_label_seq_id 
_struct_conf.pdbx_end_PDB_ins_code 
_struct_conf.beg_auth_comp_id 
_struct_conf.beg_auth_asym_id 
_struct_conf.beg_auth_seq_id 
_struct_conf.end_auth_comp_id 
_struct_conf.end_auth_asym_id 
_struct_conf.end_auth_seq_id 
_struct_conf.pdbx_PDB_helix_class 
_struct_conf.details 
_struct_conf.pdbx_PDB_helix_length 
HELX_P HELX_P1 1 PRO A 14 ? LYS A 24 ? PRO E 66  LYS E 76  1 ? 11 
HELX_P HELX_P2 2 SER A 75 ? HIS A 83 ? SER E 127 HIS E 135 1 ? 9  
# 
_struct_conf_type.id          HELX_P 
_struct_conf_type.criteria    ? 
_struct_conf_type.reference   ? 
# 
_struct_sheet.id               A 
_struct_sheet.type             ? 
_struct_sheet.number_strands   4 
_struct_sheet.details          ? 
# 
loop_
_struct_sheet_order.sheet_id 
_struct_sheet_order.range_id_1 
_struct_sheet_order.range_id_2 
_struct_sheet_order.offset 
_struct_sheet_order.sense 
A 1 2 ? anti-parallel 
A 2 3 ? anti-parallel 
A 3 4 ? anti-parallel 
# 
loop_
_struct_sheet_range.sheet_id 
_struct_sheet_range.id 
_struct_sheet_range.beg_label_comp_id 
_struct_sheet_range.beg_label_asym_id 
_struct_sheet_range.beg_label_seq_id 
_struct_sheet_range.pdbx_beg_PDB_ins_code 
_struct_sheet_range.end_label_comp_id 
_struct_sheet_range.end_label_asym_id 
_struct_sheet_range.end_label_seq_id 
_struct_sheet_range.pdbx_end_PDB_ins_code 
_struct_sheet_range.beg_auth_comp_id 
_struct_sheet_range.beg_auth_asym_id 
_struct_sheet_range.beg_auth_seq_id 
_struct_sheet_range.end_auth_comp_id 
_struct_sheet_range.end_auth_asym_id 
_struct_sheet_range.end_auth_seq_id 
A 1 PHE A 31 ? GLU A 35 ? PHE E 83  GLU E 87  
A 2 PHE A 43 ? PHE A 49 ? PHE E 95  PHE E 101 
A 3 ASP A 52 ? ARG A 60 ? ASP E 104 ARG E 112 
A 4 TYR A 66 ? PHE A 67 ? TYR E 118 PHE E 119 
# 
loop_
_pdbx_struct_sheet_hbond.sheet_id 
_pdbx_struct_sheet_hbond.range_id_1 
_pdbx_struct_sheet_hbond.range_id_2 
_pdbx_struct_sheet_hbond.range_1_label_atom_id 
_pdbx_struct_sheet_hbond.range_1_label_comp_id 
_pdbx_struct_sheet_hbond.range_1_label_asym_id 
_pdbx_struct_sheet_hbond.range_1_label_seq_id 
_pdbx_struct_sheet_hbond.range_1_PDB_ins_code 
_pdbx_struct_sheet_hbond.range_1_auth_atom_id 
_pdbx_struct_sheet_hbond.range_1_auth_comp_id 
_pdbx_struct_sheet_hbond.range_1_auth_asym_id 
_pdbx_struct_sheet_hbond.range_1_auth_seq_id 
_pdbx_struct_sheet_hbond.range_2_label_atom_id 
_pdbx_struct_sheet_hbond.range_2_label_comp_id 
_pdbx_struct_sheet_hbond.range_2_label_asym_id 
_pdbx_struct_sheet_hbond.range_2_label_seq_id 
_pdbx_struct_sheet_hbond.range_2_PDB_ins_code 
_pdbx_struct_sheet_hbond.range_2_auth_atom_id 
_pdbx_struct_sheet_hbond.range_2_auth_comp_id 
_pdbx_struct_sheet_hbond.range_2_auth_asym_id 
_pdbx_struct_sheet_hbond.range_2_auth_seq_id 
A 1 2 N LEU A 32 ? N LEU E 84  O SER A 46 ? O SER E 98  
A 2 3 N LEU A 45 ? N LEU E 97  O PHE A 56 ? O PHE E 108 
A 3 4 N LEU A 59 ? N LEU E 111 O PHE A 67 ? O PHE E 119 
# 
_struct_site.id                   AC1 
_struct_site.pdbx_evidence_code   Software 
_struct_site.pdbx_auth_asym_id    E 
_struct_site.pdbx_auth_comp_id    GOL 
_struct_site.pdbx_auth_seq_id     169 
_struct_site.pdbx_auth_ins_code   ? 
_struct_site.pdbx_num_residues    6 
_struct_site.details              'BINDING SITE FOR RESIDUE GOL E 169' 
# 
loop_
_struct_site_gen.id 
_struct_site_gen.site_id 
_struct_site_gen.pdbx_num_res 
_struct_site_gen.label_comp_id 
_struct_site_gen.label_asym_id 
_struct_site_gen.label_seq_id 
_struct_site_gen.pdbx_auth_ins_code 
_struct_site_gen.auth_comp_id 
_struct_site_gen.auth_asym_id 
_struct_site_gen.auth_seq_id 
_struct_site_gen.label_atom_id 
_struct_site_gen.label_alt_id 
_struct_site_gen.symmetry 
_struct_site_gen.details 
1 AC1 6 ARG A 15 ? ARG E 67 . ? 15_455 ? 
2 AC1 6 ARG A 15 ? ARG E 67 . ? 1_555  ? 
3 AC1 6 ARG A 34 ? ARG E 86 . ? 1_555  ? 
4 AC1 6 SER A 36 ? SER E 88 . ? 1_555  ? 
5 AC1 6 GLU A 37 ? GLU E 89 . ? 1_555  ? 
6 AC1 6 SER A 38 ? SER E 90 . ? 1_555  ? 
# 
_pdbx_validate_symm_contact.id                1 
_pdbx_validate_symm_contact.PDB_model_num     1 
_pdbx_validate_symm_contact.auth_atom_id_1    O 
_pdbx_validate_symm_contact.auth_asym_id_1    E 
_pdbx_validate_symm_contact.auth_comp_id_1    HOH 
_pdbx_validate_symm_contact.auth_seq_id_1     238 
_pdbx_validate_symm_contact.PDB_ins_code_1    ? 
_pdbx_validate_symm_contact.label_alt_id_1    ? 
_pdbx_validate_symm_contact.site_symmetry_1   1_555 
_pdbx_validate_symm_contact.auth_atom_id_2    O 
_pdbx_validate_symm_contact.auth_asym_id_2    E 
_pdbx_validate_symm_contact.auth_comp_id_2    HOH 
_pdbx_validate_symm_contact.auth_seq_id_2     238 
_pdbx_validate_symm_contact.PDB_ins_code_2    ? 
_pdbx_validate_symm_contact.label_alt_id_2    ? 
_pdbx_validate_symm_contact.site_symmetry_2   6_566 
_pdbx_validate_symm_contact.dist              2.12 
# 
loop_
_pdbx_struct_special_symmetry.id 
_pdbx_struct_special_symmetry.PDB_model_num 
_pdbx_struct_special_symmetry.auth_asym_id 
_pdbx_struct_special_symmetry.auth_comp_id 
_pdbx_struct_special_symmetry.auth_seq_id 
_pdbx_struct_special_symmetry.PDB_ins_code 
_pdbx_struct_special_symmetry.label_asym_id 
_pdbx_struct_special_symmetry.label_comp_id 
_pdbx_struct_special_symmetry.label_seq_id 
1 1 E HOH 228 ? C HOH . 
2 1 E HOH 235 ? C HOH . 
3 1 E HOH 239 ? C HOH . 
# 
_pdbx_phasing_MR.entry_id                     2H46 
_pdbx_phasing_MR.method_rotation              ? 
_pdbx_phasing_MR.method_translation           ? 
_pdbx_phasing_MR.model_details                ? 
_pdbx_phasing_MR.R_factor                     0.485 
_pdbx_phasing_MR.R_rigid_body                 ? 
_pdbx_phasing_MR.correlation_coeff_Fo_to_Fc   0.500 
_pdbx_phasing_MR.correlation_coeff_Io_to_Ic   ? 
_pdbx_phasing_MR.d_res_high_rotation          4.000 
_pdbx_phasing_MR.d_res_low_rotation           18.350 
_pdbx_phasing_MR.d_res_high_translation       4.000 
_pdbx_phasing_MR.d_res_low_translation        18.350 
_pdbx_phasing_MR.packing                      ? 
_pdbx_phasing_MR.reflns_percent_rotation      ? 
_pdbx_phasing_MR.reflns_percent_translation   ? 
_pdbx_phasing_MR.sigma_F_rotation             ? 
_pdbx_phasing_MR.sigma_F_translation          ? 
_pdbx_phasing_MR.sigma_I_rotation             ? 
_pdbx_phasing_MR.sigma_I_translation          ? 
# 
loop_
_pdbx_unobs_or_zero_occ_residues.id 
_pdbx_unobs_or_zero_occ_residues.PDB_model_num 
_pdbx_unobs_or_zero_occ_residues.polymer_flag 
_pdbx_unobs_or_zero_occ_residues.occupancy_flag 
_pdbx_unobs_or_zero_occ_residues.auth_asym_id 
_pdbx_unobs_or_zero_occ_residues.auth_comp_id 
_pdbx_unobs_or_zero_occ_residues.auth_seq_id 
_pdbx_unobs_or_zero_occ_residues.PDB_ins_code 
_pdbx_unobs_or_zero_occ_residues.label_asym_id 
_pdbx_unobs_or_zero_occ_residues.label_comp_id 
_pdbx_unobs_or_zero_occ_residues.label_seq_id 
1  1 Y 1 E ILE 53  ? A ILE 1   
2  1 Y 1 E GLU 54  ? A GLU 2   
3  1 Y 1 E GLN 153 ? A GLN 101 
4  1 Y 1 E VAL 154 ? A VAL 102 
5  1 Y 1 E PRO 155 ? A PRO 103 
6  1 Y 1 E GLN 156 ? A GLN 104 
7  1 Y 1 E GLN 157 ? A GLN 105 
8  1 Y 1 E PRO 158 ? A PRO 106 
9  1 Y 1 E THR 159 ? A THR 107 
10 1 Y 1 E TYR 160 ? A TYR 108 
11 1 Y 1 E VAL 161 ? A VAL 109 
12 1 Y 1 E GLN 162 ? A GLN 110 
13 1 Y 1 E HIS 163 ? A HIS 111 
14 1 Y 1 E HIS 164 ? A HIS 112 
15 1 Y 1 E HIS 165 ? A HIS 113 
16 1 Y 1 E HIS 166 ? A HIS 114 
17 1 Y 1 E HIS 167 ? A HIS 115 
18 1 Y 1 E HIS 168 ? A HIS 116 
# 
loop_
_chem_comp_atom.comp_id 
_chem_comp_atom.atom_id 
_chem_comp_atom.type_symbol 
_chem_comp_atom.pdbx_aromatic_flag 
_chem_comp_atom.pdbx_stereo_config 
_chem_comp_atom.pdbx_ordinal 
ALA N    N N N 1   
ALA CA   C N S 2   
ALA C    C N N 3   
ALA O    O N N 4   
ALA CB   C N N 5   
ALA OXT  O N N 6   
ALA H    H N N 7   
ALA H2   H N N 8   
ALA HA   H N N 9   
ALA HB1  H N N 10  
ALA HB2  H N N 11  
ALA HB3  H N N 12  
ALA HXT  H N N 13  
ARG N    N N N 14  
ARG CA   C N S 15  
ARG C    C N N 16  
ARG O    O N N 17  
ARG CB   C N N 18  
ARG CG   C N N 19  
ARG CD   C N N 20  
ARG NE   N N N 21  
ARG CZ   C N N 22  
ARG NH1  N N N 23  
ARG NH2  N N N 24  
ARG OXT  O N N 25  
ARG H    H N N 26  
ARG H2   H N N 27  
ARG HA   H N N 28  
ARG HB2  H N N 29  
ARG HB3  H N N 30  
ARG HG2  H N N 31  
ARG HG3  H N N 32  
ARG HD2  H N N 33  
ARG HD3  H N N 34  
ARG HE   H N N 35  
ARG HH11 H N N 36  
ARG HH12 H N N 37  
ARG HH21 H N N 38  
ARG HH22 H N N 39  
ARG HXT  H N N 40  
ASN N    N N N 41  
ASN CA   C N S 42  
ASN C    C N N 43  
ASN O    O N N 44  
ASN CB   C N N 45  
ASN CG   C N N 46  
ASN OD1  O N N 47  
ASN ND2  N N N 48  
ASN OXT  O N N 49  
ASN H    H N N 50  
ASN H2   H N N 51  
ASN HA   H N N 52  
ASN HB2  H N N 53  
ASN HB3  H N N 54  
ASN HD21 H N N 55  
ASN HD22 H N N 56  
ASN HXT  H N N 57  
ASP N    N N N 58  
ASP CA   C N S 59  
ASP C    C N N 60  
ASP O    O N N 61  
ASP CB   C N N 62  
ASP CG   C N N 63  
ASP OD1  O N N 64  
ASP OD2  O N N 65  
ASP OXT  O N N 66  
ASP H    H N N 67  
ASP H2   H N N 68  
ASP HA   H N N 69  
ASP HB2  H N N 70  
ASP HB3  H N N 71  
ASP HD2  H N N 72  
ASP HXT  H N N 73  
GLN N    N N N 74  
GLN CA   C N S 75  
GLN C    C N N 76  
GLN O    O N N 77  
GLN CB   C N N 78  
GLN CG   C N N 79  
GLN CD   C N N 80  
GLN OE1  O N N 81  
GLN NE2  N N N 82  
GLN OXT  O N N 83  
GLN H    H N N 84  
GLN H2   H N N 85  
GLN HA   H N N 86  
GLN HB2  H N N 87  
GLN HB3  H N N 88  
GLN HG2  H N N 89  
GLN HG3  H N N 90  
GLN HE21 H N N 91  
GLN HE22 H N N 92  
GLN HXT  H N N 93  
GLU N    N N N 94  
GLU CA   C N S 95  
GLU C    C N N 96  
GLU O    O N N 97  
GLU CB   C N N 98  
GLU CG   C N N 99  
GLU CD   C N N 100 
GLU OE1  O N N 101 
GLU OE2  O N N 102 
GLU OXT  O N N 103 
GLU H    H N N 104 
GLU H2   H N N 105 
GLU HA   H N N 106 
GLU HB2  H N N 107 
GLU HB3  H N N 108 
GLU HG2  H N N 109 
GLU HG3  H N N 110 
GLU HE2  H N N 111 
GLU HXT  H N N 112 
GLY N    N N N 113 
GLY CA   C N N 114 
GLY C    C N N 115 
GLY O    O N N 116 
GLY OXT  O N N 117 
GLY H    H N N 118 
GLY H2   H N N 119 
GLY HA2  H N N 120 
GLY HA3  H N N 121 
GLY HXT  H N N 122 
GOL C1   C N N 123 
GOL O1   O N N 124 
GOL C2   C N N 125 
GOL O2   O N N 126 
GOL C3   C N N 127 
GOL O3   O N N 128 
GOL H11  H N N 129 
GOL H12  H N N 130 
GOL HO1  H N N 131 
GOL H2   H N N 132 
GOL HO2  H N N 133 
GOL H31  H N N 134 
GOL H32  H N N 135 
GOL HO3  H N N 136 
HIS N    N N N 137 
HIS CA   C N S 138 
HIS C    C N N 139 
HIS O    O N N 140 
HIS CB   C N N 141 
HIS CG   C Y N 142 
HIS ND1  N Y N 143 
HIS CD2  C Y N 144 
HIS CE1  C Y N 145 
HIS NE2  N Y N 146 
HIS OXT  O N N 147 
HIS H    H N N 148 
HIS H2   H N N 149 
HIS HA   H N N 150 
HIS HB2  H N N 151 
HIS HB3  H N N 152 
HIS HD1  H N N 153 
HIS HD2  H N N 154 
HIS HE1  H N N 155 
HIS HE2  H N N 156 
HIS HXT  H N N 157 
HOH O    O N N 158 
HOH H1   H N N 159 
HOH H2   H N N 160 
ILE N    N N N 161 
ILE CA   C N S 162 
ILE C    C N N 163 
ILE O    O N N 164 
ILE CB   C N S 165 
ILE CG1  C N N 166 
ILE CG2  C N N 167 
ILE CD1  C N N 168 
ILE OXT  O N N 169 
ILE H    H N N 170 
ILE H2   H N N 171 
ILE HA   H N N 172 
ILE HB   H N N 173 
ILE HG12 H N N 174 
ILE HG13 H N N 175 
ILE HG21 H N N 176 
ILE HG22 H N N 177 
ILE HG23 H N N 178 
ILE HD11 H N N 179 
ILE HD12 H N N 180 
ILE HD13 H N N 181 
ILE HXT  H N N 182 
LEU N    N N N 183 
LEU CA   C N S 184 
LEU C    C N N 185 
LEU O    O N N 186 
LEU CB   C N N 187 
LEU CG   C N N 188 
LEU CD1  C N N 189 
LEU CD2  C N N 190 
LEU OXT  O N N 191 
LEU H    H N N 192 
LEU H2   H N N 193 
LEU HA   H N N 194 
LEU HB2  H N N 195 
LEU HB3  H N N 196 
LEU HG   H N N 197 
LEU HD11 H N N 198 
LEU HD12 H N N 199 
LEU HD13 H N N 200 
LEU HD21 H N N 201 
LEU HD22 H N N 202 
LEU HD23 H N N 203 
LEU HXT  H N N 204 
LYS N    N N N 205 
LYS CA   C N S 206 
LYS C    C N N 207 
LYS O    O N N 208 
LYS CB   C N N 209 
LYS CG   C N N 210 
LYS CD   C N N 211 
LYS CE   C N N 212 
LYS NZ   N N N 213 
LYS OXT  O N N 214 
LYS H    H N N 215 
LYS H2   H N N 216 
LYS HA   H N N 217 
LYS HB2  H N N 218 
LYS HB3  H N N 219 
LYS HG2  H N N 220 
LYS HG3  H N N 221 
LYS HD2  H N N 222 
LYS HD3  H N N 223 
LYS HE2  H N N 224 
LYS HE3  H N N 225 
LYS HZ1  H N N 226 
LYS HZ2  H N N 227 
LYS HZ3  H N N 228 
LYS HXT  H N N 229 
MET N    N N N 230 
MET CA   C N S 231 
MET C    C N N 232 
MET O    O N N 233 
MET CB   C N N 234 
MET CG   C N N 235 
MET SD   S N N 236 
MET CE   C N N 237 
MET OXT  O N N 238 
MET H    H N N 239 
MET H2   H N N 240 
MET HA   H N N 241 
MET HB2  H N N 242 
MET HB3  H N N 243 
MET HG2  H N N 244 
MET HG3  H N N 245 
MET HE1  H N N 246 
MET HE2  H N N 247 
MET HE3  H N N 248 
MET HXT  H N N 249 
PHE N    N N N 250 
PHE CA   C N S 251 
PHE C    C N N 252 
PHE O    O N N 253 
PHE CB   C N N 254 
PHE CG   C Y N 255 
PHE CD1  C Y N 256 
PHE CD2  C Y N 257 
PHE CE1  C Y N 258 
PHE CE2  C Y N 259 
PHE CZ   C Y N 260 
PHE OXT  O N N 261 
PHE H    H N N 262 
PHE H2   H N N 263 
PHE HA   H N N 264 
PHE HB2  H N N 265 
PHE HB3  H N N 266 
PHE HD1  H N N 267 
PHE HD2  H N N 268 
PHE HE1  H N N 269 
PHE HE2  H N N 270 
PHE HZ   H N N 271 
PHE HXT  H N N 272 
PRO N    N N N 273 
PRO CA   C N S 274 
PRO C    C N N 275 
PRO O    O N N 276 
PRO CB   C N N 277 
PRO CG   C N N 278 
PRO CD   C N N 279 
PRO OXT  O N N 280 
PRO H    H N N 281 
PRO HA   H N N 282 
PRO HB2  H N N 283 
PRO HB3  H N N 284 
PRO HG2  H N N 285 
PRO HG3  H N N 286 
PRO HD2  H N N 287 
PRO HD3  H N N 288 
PRO HXT  H N N 289 
SER N    N N N 290 
SER CA   C N S 291 
SER C    C N N 292 
SER O    O N N 293 
SER CB   C N N 294 
SER OG   O N N 295 
SER OXT  O N N 296 
SER H    H N N 297 
SER H2   H N N 298 
SER HA   H N N 299 
SER HB2  H N N 300 
SER HB3  H N N 301 
SER HG   H N N 302 
SER HXT  H N N 303 
THR N    N N N 304 
THR CA   C N S 305 
THR C    C N N 306 
THR O    O N N 307 
THR CB   C N R 308 
THR OG1  O N N 309 
THR CG2  C N N 310 
THR OXT  O N N 311 
THR H    H N N 312 
THR H2   H N N 313 
THR HA   H N N 314 
THR HB   H N N 315 
THR HG1  H N N 316 
THR HG21 H N N 317 
THR HG22 H N N 318 
THR HG23 H N N 319 
THR HXT  H N N 320 
TRP N    N N N 321 
TRP CA   C N S 322 
TRP C    C N N 323 
TRP O    O N N 324 
TRP CB   C N N 325 
TRP CG   C Y N 326 
TRP CD1  C Y N 327 
TRP CD2  C Y N 328 
TRP NE1  N Y N 329 
TRP CE2  C Y N 330 
TRP CE3  C Y N 331 
TRP CZ2  C Y N 332 
TRP CZ3  C Y N 333 
TRP CH2  C Y N 334 
TRP OXT  O N N 335 
TRP H    H N N 336 
TRP H2   H N N 337 
TRP HA   H N N 338 
TRP HB2  H N N 339 
TRP HB3  H N N 340 
TRP HD1  H N N 341 
TRP HE1  H N N 342 
TRP HE3  H N N 343 
TRP HZ2  H N N 344 
TRP HZ3  H N N 345 
TRP HH2  H N N 346 
TRP HXT  H N N 347 
TYR N    N N N 348 
TYR CA   C N S 349 
TYR C    C N N 350 
TYR O    O N N 351 
TYR CB   C N N 352 
TYR CG   C Y N 353 
TYR CD1  C Y N 354 
TYR CD2  C Y N 355 
TYR CE1  C Y N 356 
TYR CE2  C Y N 357 
TYR CZ   C Y N 358 
TYR OH   O N N 359 
TYR OXT  O N N 360 
TYR H    H N N 361 
TYR H2   H N N 362 
TYR HA   H N N 363 
TYR HB2  H N N 364 
TYR HB3  H N N 365 
TYR HD1  H N N 366 
TYR HD2  H N N 367 
TYR HE1  H N N 368 
TYR HE2  H N N 369 
TYR HH   H N N 370 
TYR HXT  H N N 371 
VAL N    N N N 372 
VAL CA   C N S 373 
VAL C    C N N 374 
VAL O    O N N 375 
VAL CB   C N N 376 
VAL CG1  C N N 377 
VAL CG2  C N N 378 
VAL OXT  O N N 379 
VAL H    H N N 380 
VAL H2   H N N 381 
VAL HA   H N N 382 
VAL HB   H N N 383 
VAL HG11 H N N 384 
VAL HG12 H N N 385 
VAL HG13 H N N 386 
VAL HG21 H N N 387 
VAL HG22 H N N 388 
VAL HG23 H N N 389 
VAL HXT  H N N 390 
# 
loop_
_chem_comp_bond.comp_id 
_chem_comp_bond.atom_id_1 
_chem_comp_bond.atom_id_2 
_chem_comp_bond.value_order 
_chem_comp_bond.pdbx_aromatic_flag 
_chem_comp_bond.pdbx_stereo_config 
_chem_comp_bond.pdbx_ordinal 
ALA N   CA   sing N N 1   
ALA N   H    sing N N 2   
ALA N   H2   sing N N 3   
ALA CA  C    sing N N 4   
ALA CA  CB   sing N N 5   
ALA CA  HA   sing N N 6   
ALA C   O    doub N N 7   
ALA C   OXT  sing N N 8   
ALA CB  HB1  sing N N 9   
ALA CB  HB2  sing N N 10  
ALA CB  HB3  sing N N 11  
ALA OXT HXT  sing N N 12  
ARG N   CA   sing N N 13  
ARG N   H    sing N N 14  
ARG N   H2   sing N N 15  
ARG CA  C    sing N N 16  
ARG CA  CB   sing N N 17  
ARG CA  HA   sing N N 18  
ARG C   O    doub N N 19  
ARG C   OXT  sing N N 20  
ARG CB  CG   sing N N 21  
ARG CB  HB2  sing N N 22  
ARG CB  HB3  sing N N 23  
ARG CG  CD   sing N N 24  
ARG CG  HG2  sing N N 25  
ARG CG  HG3  sing N N 26  
ARG CD  NE   sing N N 27  
ARG CD  HD2  sing N N 28  
ARG CD  HD3  sing N N 29  
ARG NE  CZ   sing N N 30  
ARG NE  HE   sing N N 31  
ARG CZ  NH1  sing N N 32  
ARG CZ  NH2  doub N N 33  
ARG NH1 HH11 sing N N 34  
ARG NH1 HH12 sing N N 35  
ARG NH2 HH21 sing N N 36  
ARG NH2 HH22 sing N N 37  
ARG OXT HXT  sing N N 38  
ASN N   CA   sing N N 39  
ASN N   H    sing N N 40  
ASN N   H2   sing N N 41  
ASN CA  C    sing N N 42  
ASN CA  CB   sing N N 43  
ASN CA  HA   sing N N 44  
ASN C   O    doub N N 45  
ASN C   OXT  sing N N 46  
ASN CB  CG   sing N N 47  
ASN CB  HB2  sing N N 48  
ASN CB  HB3  sing N N 49  
ASN CG  OD1  doub N N 50  
ASN CG  ND2  sing N N 51  
ASN ND2 HD21 sing N N 52  
ASN ND2 HD22 sing N N 53  
ASN OXT HXT  sing N N 54  
ASP N   CA   sing N N 55  
ASP N   H    sing N N 56  
ASP N   H2   sing N N 57  
ASP CA  C    sing N N 58  
ASP CA  CB   sing N N 59  
ASP CA  HA   sing N N 60  
ASP C   O    doub N N 61  
ASP C   OXT  sing N N 62  
ASP CB  CG   sing N N 63  
ASP CB  HB2  sing N N 64  
ASP CB  HB3  sing N N 65  
ASP CG  OD1  doub N N 66  
ASP CG  OD2  sing N N 67  
ASP OD2 HD2  sing N N 68  
ASP OXT HXT  sing N N 69  
GLN N   CA   sing N N 70  
GLN N   H    sing N N 71  
GLN N   H2   sing N N 72  
GLN CA  C    sing N N 73  
GLN CA  CB   sing N N 74  
GLN CA  HA   sing N N 75  
GLN C   O    doub N N 76  
GLN C   OXT  sing N N 77  
GLN CB  CG   sing N N 78  
GLN CB  HB2  sing N N 79  
GLN CB  HB3  sing N N 80  
GLN CG  CD   sing N N 81  
GLN CG  HG2  sing N N 82  
GLN CG  HG3  sing N N 83  
GLN CD  OE1  doub N N 84  
GLN CD  NE2  sing N N 85  
GLN NE2 HE21 sing N N 86  
GLN NE2 HE22 sing N N 87  
GLN OXT HXT  sing N N 88  
GLU N   CA   sing N N 89  
GLU N   H    sing N N 90  
GLU N   H2   sing N N 91  
GLU CA  C    sing N N 92  
GLU CA  CB   sing N N 93  
GLU CA  HA   sing N N 94  
GLU C   O    doub N N 95  
GLU C   OXT  sing N N 96  
GLU CB  CG   sing N N 97  
GLU CB  HB2  sing N N 98  
GLU CB  HB3  sing N N 99  
GLU CG  CD   sing N N 100 
GLU CG  HG2  sing N N 101 
GLU CG  HG3  sing N N 102 
GLU CD  OE1  doub N N 103 
GLU CD  OE2  sing N N 104 
GLU OE2 HE2  sing N N 105 
GLU OXT HXT  sing N N 106 
GLY N   CA   sing N N 107 
GLY N   H    sing N N 108 
GLY N   H2   sing N N 109 
GLY CA  C    sing N N 110 
GLY CA  HA2  sing N N 111 
GLY CA  HA3  sing N N 112 
GLY C   O    doub N N 113 
GLY C   OXT  sing N N 114 
GLY OXT HXT  sing N N 115 
GOL C1  O1   sing N N 116 
GOL C1  C2   sing N N 117 
GOL C1  H11  sing N N 118 
GOL C1  H12  sing N N 119 
GOL O1  HO1  sing N N 120 
GOL C2  O2   sing N N 121 
GOL C2  C3   sing N N 122 
GOL C2  H2   sing N N 123 
GOL O2  HO2  sing N N 124 
GOL C3  O3   sing N N 125 
GOL C3  H31  sing N N 126 
GOL C3  H32  sing N N 127 
GOL O3  HO3  sing N N 128 
HIS N   CA   sing N N 129 
HIS N   H    sing N N 130 
HIS N   H2   sing N N 131 
HIS CA  C    sing N N 132 
HIS CA  CB   sing N N 133 
HIS CA  HA   sing N N 134 
HIS C   O    doub N N 135 
HIS C   OXT  sing N N 136 
HIS CB  CG   sing N N 137 
HIS CB  HB2  sing N N 138 
HIS CB  HB3  sing N N 139 
HIS CG  ND1  sing Y N 140 
HIS CG  CD2  doub Y N 141 
HIS ND1 CE1  doub Y N 142 
HIS ND1 HD1  sing N N 143 
HIS CD2 NE2  sing Y N 144 
HIS CD2 HD2  sing N N 145 
HIS CE1 NE2  sing Y N 146 
HIS CE1 HE1  sing N N 147 
HIS NE2 HE2  sing N N 148 
HIS OXT HXT  sing N N 149 
HOH O   H1   sing N N 150 
HOH O   H2   sing N N 151 
ILE N   CA   sing N N 152 
ILE N   H    sing N N 153 
ILE N   H2   sing N N 154 
ILE CA  C    sing N N 155 
ILE CA  CB   sing N N 156 
ILE CA  HA   sing N N 157 
ILE C   O    doub N N 158 
ILE C   OXT  sing N N 159 
ILE CB  CG1  sing N N 160 
ILE CB  CG2  sing N N 161 
ILE CB  HB   sing N N 162 
ILE CG1 CD1  sing N N 163 
ILE CG1 HG12 sing N N 164 
ILE CG1 HG13 sing N N 165 
ILE CG2 HG21 sing N N 166 
ILE CG2 HG22 sing N N 167 
ILE CG2 HG23 sing N N 168 
ILE CD1 HD11 sing N N 169 
ILE CD1 HD12 sing N N 170 
ILE CD1 HD13 sing N N 171 
ILE OXT HXT  sing N N 172 
LEU N   CA   sing N N 173 
LEU N   H    sing N N 174 
LEU N   H2   sing N N 175 
LEU CA  C    sing N N 176 
LEU CA  CB   sing N N 177 
LEU CA  HA   sing N N 178 
LEU C   O    doub N N 179 
LEU C   OXT  sing N N 180 
LEU CB  CG   sing N N 181 
LEU CB  HB2  sing N N 182 
LEU CB  HB3  sing N N 183 
LEU CG  CD1  sing N N 184 
LEU CG  CD2  sing N N 185 
LEU CG  HG   sing N N 186 
LEU CD1 HD11 sing N N 187 
LEU CD1 HD12 sing N N 188 
LEU CD1 HD13 sing N N 189 
LEU CD2 HD21 sing N N 190 
LEU CD2 HD22 sing N N 191 
LEU CD2 HD23 sing N N 192 
LEU OXT HXT  sing N N 193 
LYS N   CA   sing N N 194 
LYS N   H    sing N N 195 
LYS N   H2   sing N N 196 
LYS CA  C    sing N N 197 
LYS CA  CB   sing N N 198 
LYS CA  HA   sing N N 199 
LYS C   O    doub N N 200 
LYS C   OXT  sing N N 201 
LYS CB  CG   sing N N 202 
LYS CB  HB2  sing N N 203 
LYS CB  HB3  sing N N 204 
LYS CG  CD   sing N N 205 
LYS CG  HG2  sing N N 206 
LYS CG  HG3  sing N N 207 
LYS CD  CE   sing N N 208 
LYS CD  HD2  sing N N 209 
LYS CD  HD3  sing N N 210 
LYS CE  NZ   sing N N 211 
LYS CE  HE2  sing N N 212 
LYS CE  HE3  sing N N 213 
LYS NZ  HZ1  sing N N 214 
LYS NZ  HZ2  sing N N 215 
LYS NZ  HZ3  sing N N 216 
LYS OXT HXT  sing N N 217 
MET N   CA   sing N N 218 
MET N   H    sing N N 219 
MET N   H2   sing N N 220 
MET CA  C    sing N N 221 
MET CA  CB   sing N N 222 
MET CA  HA   sing N N 223 
MET C   O    doub N N 224 
MET C   OXT  sing N N 225 
MET CB  CG   sing N N 226 
MET CB  HB2  sing N N 227 
MET CB  HB3  sing N N 228 
MET CG  SD   sing N N 229 
MET CG  HG2  sing N N 230 
MET CG  HG3  sing N N 231 
MET SD  CE   sing N N 232 
MET CE  HE1  sing N N 233 
MET CE  HE2  sing N N 234 
MET CE  HE3  sing N N 235 
MET OXT HXT  sing N N 236 
PHE N   CA   sing N N 237 
PHE N   H    sing N N 238 
PHE N   H2   sing N N 239 
PHE CA  C    sing N N 240 
PHE CA  CB   sing N N 241 
PHE CA  HA   sing N N 242 
PHE C   O    doub N N 243 
PHE C   OXT  sing N N 244 
PHE CB  CG   sing N N 245 
PHE CB  HB2  sing N N 246 
PHE CB  HB3  sing N N 247 
PHE CG  CD1  doub Y N 248 
PHE CG  CD2  sing Y N 249 
PHE CD1 CE1  sing Y N 250 
PHE CD1 HD1  sing N N 251 
PHE CD2 CE2  doub Y N 252 
PHE CD2 HD2  sing N N 253 
PHE CE1 CZ   doub Y N 254 
PHE CE1 HE1  sing N N 255 
PHE CE2 CZ   sing Y N 256 
PHE CE2 HE2  sing N N 257 
PHE CZ  HZ   sing N N 258 
PHE OXT HXT  sing N N 259 
PRO N   CA   sing N N 260 
PRO N   CD   sing N N 261 
PRO N   H    sing N N 262 
PRO CA  C    sing N N 263 
PRO CA  CB   sing N N 264 
PRO CA  HA   sing N N 265 
PRO C   O    doub N N 266 
PRO C   OXT  sing N N 267 
PRO CB  CG   sing N N 268 
PRO CB  HB2  sing N N 269 
PRO CB  HB3  sing N N 270 
PRO CG  CD   sing N N 271 
PRO CG  HG2  sing N N 272 
PRO CG  HG3  sing N N 273 
PRO CD  HD2  sing N N 274 
PRO CD  HD3  sing N N 275 
PRO OXT HXT  sing N N 276 
SER N   CA   sing N N 277 
SER N   H    sing N N 278 
SER N   H2   sing N N 279 
SER CA  C    sing N N 280 
SER CA  CB   sing N N 281 
SER CA  HA   sing N N 282 
SER C   O    doub N N 283 
SER C   OXT  sing N N 284 
SER CB  OG   sing N N 285 
SER CB  HB2  sing N N 286 
SER CB  HB3  sing N N 287 
SER OG  HG   sing N N 288 
SER OXT HXT  sing N N 289 
THR N   CA   sing N N 290 
THR N   H    sing N N 291 
THR N   H2   sing N N 292 
THR CA  C    sing N N 293 
THR CA  CB   sing N N 294 
THR CA  HA   sing N N 295 
THR C   O    doub N N 296 
THR C   OXT  sing N N 297 
THR CB  OG1  sing N N 298 
THR CB  CG2  sing N N 299 
THR CB  HB   sing N N 300 
THR OG1 HG1  sing N N 301 
THR CG2 HG21 sing N N 302 
THR CG2 HG22 sing N N 303 
THR CG2 HG23 sing N N 304 
THR OXT HXT  sing N N 305 
TRP N   CA   sing N N 306 
TRP N   H    sing N N 307 
TRP N   H2   sing N N 308 
TRP CA  C    sing N N 309 
TRP CA  CB   sing N N 310 
TRP CA  HA   sing N N 311 
TRP C   O    doub N N 312 
TRP C   OXT  sing N N 313 
TRP CB  CG   sing N N 314 
TRP CB  HB2  sing N N 315 
TRP CB  HB3  sing N N 316 
TRP CG  CD1  doub Y N 317 
TRP CG  CD2  sing Y N 318 
TRP CD1 NE1  sing Y N 319 
TRP CD1 HD1  sing N N 320 
TRP CD2 CE2  doub Y N 321 
TRP CD2 CE3  sing Y N 322 
TRP NE1 CE2  sing Y N 323 
TRP NE1 HE1  sing N N 324 
TRP CE2 CZ2  sing Y N 325 
TRP CE3 CZ3  doub Y N 326 
TRP CE3 HE3  sing N N 327 
TRP CZ2 CH2  doub Y N 328 
TRP CZ2 HZ2  sing N N 329 
TRP CZ3 CH2  sing Y N 330 
TRP CZ3 HZ3  sing N N 331 
TRP CH2 HH2  sing N N 332 
TRP OXT HXT  sing N N 333 
TYR N   CA   sing N N 334 
TYR N   H    sing N N 335 
TYR N   H2   sing N N 336 
TYR CA  C    sing N N 337 
TYR CA  CB   sing N N 338 
TYR CA  HA   sing N N 339 
TYR C   O    doub N N 340 
TYR C   OXT  sing N N 341 
TYR CB  CG   sing N N 342 
TYR CB  HB2  sing N N 343 
TYR CB  HB3  sing N N 344 
TYR CG  CD1  doub Y N 345 
TYR CG  CD2  sing Y N 346 
TYR CD1 CE1  sing Y N 347 
TYR CD1 HD1  sing N N 348 
TYR CD2 CE2  doub Y N 349 
TYR CD2 HD2  sing N N 350 
TYR CE1 CZ   doub Y N 351 
TYR CE1 HE1  sing N N 352 
TYR CE2 CZ   sing Y N 353 
TYR CE2 HE2  sing N N 354 
TYR CZ  OH   sing N N 355 
TYR OH  HH   sing N N 356 
TYR OXT HXT  sing N N 357 
VAL N   CA   sing N N 358 
VAL N   H    sing N N 359 
VAL N   H2   sing N N 360 
VAL CA  C    sing N N 361 
VAL CA  CB   sing N N 362 
VAL CA  HA   sing N N 363 
VAL C   O    doub N N 364 
VAL C   OXT  sing N N 365 
VAL CB  CG1  sing N N 366 
VAL CB  CG2  sing N N 367 
VAL CB  HB   sing N N 368 
VAL CG1 HG11 sing N N 369 
VAL CG1 HG12 sing N N 370 
VAL CG1 HG13 sing N N 371 
VAL CG2 HG21 sing N N 372 
VAL CG2 HG22 sing N N 373 
VAL CG2 HG23 sing N N 374 
VAL OXT HXT  sing N N 375 
# 
_atom_sites.entry_id                    2H46 
_atom_sites.fract_transf_matrix[1][1]   0.01007360 
_atom_sites.fract_transf_matrix[1][2]   -0.00099182 
_atom_sites.fract_transf_matrix[1][3]   0.00712590 
_atom_sites.fract_transf_matrix[2][1]   0.00710899 
_atom_sites.fract_transf_matrix[2][2]   0.00325791 
_atom_sites.fract_transf_matrix[2][3]   -0.00959625 
_atom_sites.fract_transf_matrix[3][1]   -0.00118841 
_atom_sites.fract_transf_matrix[3][2]   0.01278200 
_atom_sites.fract_transf_matrix[3][3]   0.00345908 
_atom_sites.fract_transf_vector[1]      0.109377 
_atom_sites.fract_transf_vector[2]      0.645714 
_atom_sites.fract_transf_vector[3]      0.432935 
# 
loop_
_atom_type.symbol 
C 
N 
O 
S 
# 
loop_
_atom_site.group_PDB 
_atom_site.id 
_atom_site.type_symbol 
_atom_site.label_atom_id 
_atom_site.label_alt_id 
_atom_site.label_comp_id 
_atom_site.label_asym_id 
_atom_site.label_entity_id 
_atom_site.label_seq_id 
_atom_site.pdbx_PDB_ins_code 
_atom_site.Cartn_x 
_atom_site.Cartn_y 
_atom_site.Cartn_z 
_atom_site.occupancy 
_atom_site.B_iso_or_equiv 
_atom_site.pdbx_formal_charge 
_atom_site.auth_seq_id 
_atom_site.auth_comp_id 
_atom_site.auth_asym_id 
_atom_site.auth_atom_id 
_atom_site.pdbx_PDB_model_num 
ATOM   1   N N   . MET A 1 3   ? 13.038  13.705  18.809  1.00 61.47 ? 55  MET E N   1 
ATOM   2   C CA  . MET A 1 3   ? 12.761  12.892  17.588  1.00 60.81 ? 55  MET E CA  1 
ATOM   3   C C   . MET A 1 3   ? 13.629  11.634  17.582  1.00 57.84 ? 55  MET E C   1 
ATOM   4   O O   . MET A 1 3   ? 14.779  11.657  18.014  1.00 57.02 ? 55  MET E O   1 
ATOM   5   C CB  . MET A 1 3   ? 13.048  13.710  16.322  1.00 64.55 ? 55  MET E CB  1 
ATOM   6   C CG  . MET A 1 3   ? 12.346  15.064  16.258  1.00 69.12 ? 55  MET E CG  1 
ATOM   7   S SD  . MET A 1 3   ? 10.539  14.964  16.167  1.00 74.88 ? 55  MET E SD  1 
ATOM   8   C CE  . MET A 1 3   ? 10.272  15.080  14.390  1.00 72.81 ? 55  MET E CE  1 
ATOM   9   N N   . LYS A 1 4   ? 13.061  10.538  17.095  1.00 54.85 ? 56  LYS E N   1 
ATOM   10  C CA  . LYS A 1 4   ? 13.762  9.259   17.013  1.00 50.11 ? 56  LYS E CA  1 
ATOM   11  C C   . LYS A 1 4   ? 13.644  8.731   15.590  1.00 44.82 ? 56  LYS E C   1 
ATOM   12  O O   . LYS A 1 4   ? 12.680  9.035   14.889  1.00 44.86 ? 56  LYS E O   1 
ATOM   13  C CB  . LYS A 1 4   ? 13.141  8.247   17.981  1.00 52.54 ? 56  LYS E CB  1 
ATOM   14  C CG  . LYS A 1 4   ? 13.533  8.431   19.437  1.00 55.44 ? 56  LYS E CG  1 
ATOM   15  C CD  . LYS A 1 4   ? 14.978  8.007   19.678  1.00 58.75 ? 56  LYS E CD  1 
ATOM   16  C CE  . LYS A 1 4   ? 15.175  6.520   19.373  1.00 61.69 ? 56  LYS E CE  1 
ATOM   17  N NZ  . LYS A 1 4   ? 16.588  6.065   19.550  1.00 62.60 ? 56  LYS E NZ  1 
ATOM   18  N N   . PRO A 1 5   ? 14.629  7.942   15.137  1.00 40.42 ? 57  PRO E N   1 
ATOM   19  C CA  . PRO A 1 5   ? 14.565  7.399   13.775  1.00 36.19 ? 57  PRO E CA  1 
ATOM   20  C C   . PRO A 1 5   ? 13.425  6.384   13.677  1.00 34.76 ? 57  PRO E C   1 
ATOM   21  O O   . PRO A 1 5   ? 13.046  5.776   14.678  1.00 32.94 ? 57  PRO E O   1 
ATOM   22  C CB  . PRO A 1 5   ? 15.938  6.752   13.599  1.00 38.16 ? 57  PRO E CB  1 
ATOM   23  C CG  . PRO A 1 5   ? 16.275  6.299   14.991  1.00 37.54 ? 57  PRO E CG  1 
ATOM   24  C CD  . PRO A 1 5   ? 15.849  7.494   15.830  1.00 38.38 ? 57  PRO E CD  1 
ATOM   25  N N   . HIS A 1 6   ? 12.873  6.200   12.482  1.00 31.36 ? 58  HIS E N   1 
ATOM   26  C CA  . HIS A 1 6   ? 11.786  5.247   12.318  1.00 31.45 ? 58  HIS E CA  1 
ATOM   27  C C   . HIS A 1 6   ? 12.305  3.821   12.431  1.00 31.29 ? 58  HIS E C   1 
ATOM   28  O O   . HIS A 1 6   ? 13.296  3.456   11.799  1.00 33.53 ? 58  HIS E O   1 
ATOM   29  C CB  . HIS A 1 6   ? 11.076  5.460   10.978  1.00 30.56 ? 58  HIS E CB  1 
ATOM   30  C CG  . HIS A 1 6   ? 10.219  6.685   10.955  1.00 32.61 ? 58  HIS E CG  1 
ATOM   31  N ND1 . HIS A 1 6   ? 10.489  7.771   10.147  1.00 35.04 ? 58  HIS E ND1 1 
ATOM   32  C CD2 . HIS A 1 6   ? 9.132   7.024   11.687  1.00 31.04 ? 58  HIS E CD2 1 
ATOM   33  C CE1 . HIS A 1 6   ? 9.608   8.725   10.387  1.00 30.25 ? 58  HIS E CE1 1 
ATOM   34  N NE2 . HIS A 1 6   ? 8.775   8.298   11.319  1.00 33.70 ? 58  HIS E NE2 1 
ATOM   35  N N   . PRO A 1 7   ? 11.634  2.996   13.245  1.00 30.97 ? 59  PRO E N   1 
ATOM   36  C CA  . PRO A 1 7   ? 12.027  1.602   13.453  1.00 30.64 ? 59  PRO E CA  1 
ATOM   37  C C   . PRO A 1 7   ? 11.727  0.691   12.273  1.00 29.18 ? 59  PRO E C   1 
ATOM   38  O O   . PRO A 1 7   ? 12.097  -0.484  12.296  1.00 30.08 ? 59  PRO E O   1 
ATOM   39  C CB  . PRO A 1 7   ? 11.228  1.209   14.687  1.00 29.92 ? 59  PRO E CB  1 
ATOM   40  C CG  . PRO A 1 7   ? 9.934   1.944   14.459  1.00 32.63 ? 59  PRO E CG  1 
ATOM   41  C CD  . PRO A 1 7   ? 10.413  3.316   14.013  1.00 30.57 ? 59  PRO E CD  1 
ATOM   42  N N   . TRP A 1 8   ? 11.054  1.224   11.255  1.00 26.48 ? 60  TRP E N   1 
ATOM   43  C CA  . TRP A 1 8   ? 10.693  0.419   10.085  1.00 24.43 ? 60  TRP E CA  1 
ATOM   44  C C   . TRP A 1 8   ? 11.555  0.549   8.829   1.00 23.95 ? 60  TRP E C   1 
ATOM   45  O O   . TRP A 1 8   ? 11.279  -0.120  7.828   1.00 23.97 ? 60  TRP E O   1 
ATOM   46  C CB  . TRP A 1 8   ? 9.227   0.667   9.699   1.00 22.49 ? 60  TRP E CB  1 
ATOM   47  C CG  . TRP A 1 8   ? 8.787   2.122   9.677   1.00 22.39 ? 60  TRP E CG  1 
ATOM   48  C CD1 . TRP A 1 8   ? 8.050   2.772   10.639  1.00 23.24 ? 60  TRP E CD1 1 
ATOM   49  C CD2 . TRP A 1 8   ? 9.003   3.076   8.626   1.00 22.29 ? 60  TRP E CD2 1 
ATOM   50  N NE1 . TRP A 1 8   ? 7.790   4.064   10.243  1.00 21.54 ? 60  TRP E NE1 1 
ATOM   51  C CE2 . TRP A 1 8   ? 8.362   4.279   9.015   1.00 22.52 ? 60  TRP E CE2 1 
ATOM   52  C CE3 . TRP A 1 8   ? 9.671   3.033   7.391   1.00 21.61 ? 60  TRP E CE3 1 
ATOM   53  C CZ2 . TRP A 1 8   ? 8.370   5.428   8.212   1.00 22.15 ? 60  TRP E CZ2 1 
ATOM   54  C CZ3 . TRP A 1 8   ? 9.676   4.181   6.587   1.00 23.28 ? 60  TRP E CZ3 1 
ATOM   55  C CH2 . TRP A 1 8   ? 9.028   5.362   7.004   1.00 22.68 ? 60  TRP E CH2 1 
ATOM   56  N N   . PHE A 1 9   ? 12.593  1.382   8.852   1.00 23.39 ? 61  PHE E N   1 
ATOM   57  C CA  . PHE A 1 9   ? 13.419  1.517   7.650   1.00 24.33 ? 61  PHE E CA  1 
ATOM   58  C C   . PHE A 1 9   ? 14.669  0.656   7.740   1.00 25.53 ? 61  PHE E C   1 
ATOM   59  O O   . PHE A 1 9   ? 15.587  0.967   8.497   1.00 26.46 ? 61  PHE E O   1 
ATOM   60  C CB  . PHE A 1 9   ? 13.837  2.967   7.415   1.00 24.33 ? 61  PHE E CB  1 
ATOM   61  C CG  . PHE A 1 9   ? 14.466  3.188   6.071   1.00 23.70 ? 61  PHE E CG  1 
ATOM   62  C CD1 . PHE A 1 9   ? 13.676  3.356   4.942   1.00 25.87 ? 61  PHE E CD1 1 
ATOM   63  C CD2 . PHE A 1 9   ? 15.850  3.174   5.928   1.00 26.46 ? 61  PHE E CD2 1 
ATOM   64  C CE1 . PHE A 1 9   ? 14.255  3.510   3.682   1.00 25.53 ? 61  PHE E CE1 1 
ATOM   65  C CE2 . PHE A 1 9   ? 16.439  3.324   4.674   1.00 22.97 ? 61  PHE E CE2 1 
ATOM   66  C CZ  . PHE A 1 9   ? 15.641  3.491   3.550   1.00 25.67 ? 61  PHE E CZ  1 
ATOM   67  N N   . PHE A 1 10  ? 14.710  -0.417  6.954   1.00 25.55 ? 62  PHE E N   1 
ATOM   68  C CA  . PHE A 1 10  ? 15.846  -1.332  6.996   1.00 27.14 ? 62  PHE E CA  1 
ATOM   69  C C   . PHE A 1 10  ? 16.841  -1.233  5.846   1.00 28.25 ? 62  PHE E C   1 
ATOM   70  O O   . PHE A 1 10  ? 17.781  -2.019  5.760   1.00 29.12 ? 62  PHE E O   1 
ATOM   71  C CB  . PHE A 1 10  ? 15.350  -2.775  7.125   1.00 28.23 ? 62  PHE E CB  1 
ATOM   72  C CG  . PHE A 1 10  ? 14.850  -3.125  8.503   1.00 29.15 ? 62  PHE E CG  1 
ATOM   73  C CD1 . PHE A 1 10  ? 13.651  -2.602  8.981   1.00 28.83 ? 62  PHE E CD1 1 
ATOM   74  C CD2 . PHE A 1 10  ? 15.578  -3.980  9.324   1.00 31.04 ? 62  PHE E CD2 1 
ATOM   75  C CE1 . PHE A 1 10  ? 13.184  -2.925  10.256  1.00 28.33 ? 62  PHE E CE1 1 
ATOM   76  C CE2 . PHE A 1 10  ? 15.121  -4.312  10.605  1.00 31.16 ? 62  PHE E CE2 1 
ATOM   77  C CZ  . PHE A 1 10  ? 13.918  -3.781  11.070  1.00 30.70 ? 62  PHE E CZ  1 
ATOM   78  N N   . GLY A 1 11  ? 16.650  -0.263  4.965   1.00 28.41 ? 63  GLY E N   1 
ATOM   79  C CA  . GLY A 1 11  ? 17.584  -0.117  3.866   1.00 27.72 ? 63  GLY E CA  1 
ATOM   80  C C   . GLY A 1 11  ? 17.573  -1.301  2.923   1.00 30.79 ? 63  GLY E C   1 
ATOM   81  O O   . GLY A 1 11  ? 16.549  -1.961  2.736   1.00 32.06 ? 63  GLY E O   1 
ATOM   82  N N   . LYS A 1 12  ? 18.727  -1.583  2.335   1.00 30.92 ? 64  LYS E N   1 
ATOM   83  C CA  . LYS A 1 12  ? 18.837  -2.667  1.372   1.00 34.43 ? 64  LYS E CA  1 
ATOM   84  C C   . LYS A 1 12  ? 19.078  -4.013  2.033   1.00 35.75 ? 64  LYS E C   1 
ATOM   85  O O   . LYS A 1 12  ? 20.201  -4.339  2.406   1.00 37.56 ? 64  LYS E O   1 
ATOM   86  C CB  . LYS A 1 12  ? 19.959  -2.359  0.377   1.00 34.54 ? 64  LYS E CB  1 
ATOM   87  C CG  . LYS A 1 12  ? 19.915  -3.196  -0.891  1.00 39.81 ? 64  LYS E CG  1 
ATOM   88  C CD  . LYS A 1 12  ? 20.976  -2.743  -1.887  1.00 42.05 ? 64  LYS E CD  1 
ATOM   89  C CE  . LYS A 1 12  ? 20.782  -3.403  -3.243  1.00 44.67 ? 64  LYS E CE  1 
ATOM   90  N NZ  . LYS A 1 12  ? 21.747  -2.873  -4.249  1.00 44.50 ? 64  LYS E NZ  1 
ATOM   91  N N   . ILE A 1 13  ? 18.011  -4.786  2.198   1.00 37.22 ? 65  ILE E N   1 
ATOM   92  C CA  . ILE A 1 13  ? 18.125  -6.111  2.786   1.00 38.21 ? 65  ILE E CA  1 
ATOM   93  C C   . ILE A 1 13  ? 17.360  -7.084  1.907   1.00 39.79 ? 65  ILE E C   1 
ATOM   94  O O   . ILE A 1 13  ? 16.385  -6.714  1.255   1.00 39.22 ? 65  ILE E O   1 
ATOM   95  C CB  . ILE A 1 13  ? 17.542  -6.180  4.216   1.00 38.58 ? 65  ILE E CB  1 
ATOM   96  C CG1 . ILE A 1 13  ? 16.048  -5.854  4.198   1.00 38.21 ? 65  ILE E CG1 1 
ATOM   97  C CG2 . ILE A 1 13  ? 18.298  -5.235  5.132   1.00 39.23 ? 65  ILE E CG2 1 
ATOM   98  C CD1 . ILE A 1 13  ? 15.365  -6.104  5.523   1.00 41.28 ? 65  ILE E CD1 1 
ATOM   99  N N   . PRO A 1 14  ? 17.807  -8.347  1.863   1.00 41.21 ? 66  PRO E N   1 
ATOM   100 C CA  . PRO A 1 14  ? 17.137  -9.360  1.046   1.00 42.05 ? 66  PRO E CA  1 
ATOM   101 C C   . PRO A 1 14  ? 15.706  -9.598  1.518   1.00 41.80 ? 66  PRO E C   1 
ATOM   102 O O   . PRO A 1 14  ? 15.437  -9.609  2.718   1.00 41.81 ? 66  PRO E O   1 
ATOM   103 C CB  . PRO A 1 14  ? 18.014  -10.595 1.244   1.00 42.79 ? 66  PRO E CB  1 
ATOM   104 C CG  . PRO A 1 14  ? 19.374  -10.008 1.495   1.00 42.43 ? 66  PRO E CG  1 
ATOM   105 C CD  . PRO A 1 14  ? 19.053  -8.879  2.441   1.00 41.69 ? 66  PRO E CD  1 
ATOM   106 N N   . ARG A 1 15  ? 14.790  -9.785  0.576   1.00 41.86 ? 67  ARG E N   1 
ATOM   107 C CA  . ARG A 1 15  ? 13.402  -10.041 0.932   1.00 43.11 ? 67  ARG E CA  1 
ATOM   108 C C   . ARG A 1 15  ? 13.307  -11.239 1.871   1.00 42.81 ? 67  ARG E C   1 
ATOM   109 O O   . ARG A 1 15  ? 12.548  -11.220 2.841   1.00 41.50 ? 67  ARG E O   1 
ATOM   110 C CB  . ARG A 1 15  ? 12.584  -10.312 -0.322  1.00 46.01 ? 67  ARG E CB  1 
ATOM   111 C CG  . ARG A 1 15  ? 11.315  -11.090 -0.080  1.00 51.73 ? 67  ARG E CG  1 
ATOM   112 C CD  . ARG A 1 15  ? 10.838  -11.750 -1.359  1.00 56.41 ? 67  ARG E CD  1 
ATOM   113 N NE  . ARG A 1 15  ? 11.603  -12.944 -1.733  1.00 60.93 ? 67  ARG E NE  1 
ATOM   114 C CZ  . ARG A 1 15  ? 12.894  -12.968 -2.059  1.00 62.43 ? 67  ARG E CZ  1 
ATOM   115 N NH1 . ARG A 1 15  ? 13.631  -11.867 -2.065  1.00 64.36 ? 67  ARG E NH1 1 
ATOM   116 N NH2 . ARG A 1 15  ? 13.448  -14.109 -2.419  1.00 62.52 ? 67  ARG E NH2 1 
ATOM   117 N N   . ALA A 1 16  ? 14.083  -12.281 1.578   1.00 42.21 ? 68  ALA E N   1 
ATOM   118 C CA  . ALA A 1 16  ? 14.080  -13.488 2.395   1.00 41.06 ? 68  ALA E CA  1 
ATOM   119 C C   . ALA A 1 16  ? 14.415  -13.147 3.842   1.00 40.45 ? 68  ALA E C   1 
ATOM   120 O O   . ALA A 1 16  ? 13.851  -13.721 4.775   1.00 38.74 ? 68  ALA E O   1 
ATOM   121 C CB  . ALA A 1 16  ? 15.091  -14.494 1.847   1.00 41.30 ? 68  ALA E CB  1 
ATOM   122 N N   . LYS A 1 17  ? 15.332  -12.202 4.020   1.00 40.23 ? 69  LYS E N   1 
ATOM   123 C CA  . LYS A 1 17  ? 15.748  -11.781 5.350   1.00 40.06 ? 69  LYS E CA  1 
ATOM   124 C C   . LYS A 1 17  ? 14.601  -11.021 6.029   1.00 39.13 ? 69  LYS E C   1 
ATOM   125 O O   . LYS A 1 17  ? 14.425  -11.090 7.246   1.00 38.83 ? 69  LYS E O   1 
ATOM   126 C CB  . LYS A 1 17  ? 16.981  -10.877 5.248   1.00 42.06 ? 69  LYS E CB  1 
ATOM   127 C CG  . LYS A 1 17  ? 17.745  -10.707 6.555   0.50 43.18 ? 69  LYS E CG  1 
ATOM   128 C CD  . LYS A 1 17  ? 18.510  -11.976 6.916   0.50 43.92 ? 69  LYS E CD  1 
ATOM   129 C CE  . LYS A 1 17  ? 19.560  -12.310 5.861   0.50 44.75 ? 69  LYS E CE  1 
ATOM   130 N NZ  . LYS A 1 17  ? 20.292  -13.570 6.181   0.50 44.69 ? 69  LYS E NZ  1 
ATOM   131 N N   . ALA A 1 18  ? 13.826  -10.296 5.230   1.00 36.72 ? 70  ALA E N   1 
ATOM   132 C CA  . ALA A 1 18  ? 12.697  -9.540  5.757   1.00 35.88 ? 70  ALA E CA  1 
ATOM   133 C C   . ALA A 1 18  ? 11.607  -10.510 6.213   1.00 36.10 ? 70  ALA E C   1 
ATOM   134 O O   . ALA A 1 18  ? 10.973  -10.319 7.255   1.00 32.93 ? 70  ALA E O   1 
ATOM   135 C CB  . ALA A 1 18  ? 12.149  -8.600  4.683   1.00 33.74 ? 70  ALA E CB  1 
ATOM   136 N N   . GLU A 1 19  ? 11.396  -11.559 5.428   1.00 35.66 ? 71  GLU E N   1 
ATOM   137 C CA  . GLU A 1 19  ? 10.376  -12.545 5.758   1.00 38.19 ? 71  GLU E CA  1 
ATOM   138 C C   . GLU A 1 19  ? 10.774  -13.316 7.009   1.00 37.85 ? 71  GLU E C   1 
ATOM   139 O O   . GLU A 1 19  ? 9.933   -13.643 7.846   1.00 37.20 ? 71  GLU E O   1 
ATOM   140 C CB  . GLU A 1 19  ? 10.178  -13.501 4.577   1.00 39.20 ? 71  GLU E CB  1 
ATOM   141 C CG  . GLU A 1 19  ? 9.821   -12.777 3.283   1.00 41.78 ? 71  GLU E CG  1 
ATOM   142 C CD  . GLU A 1 19  ? 9.694   -13.712 2.094   1.00 44.45 ? 71  GLU E CD  1 
ATOM   143 O OE1 . GLU A 1 19  ? 10.633  -14.505 1.869   1.00 44.77 ? 71  GLU E OE1 1 
ATOM   144 O OE2 . GLU A 1 19  ? 8.668   -13.644 1.383   1.00 42.23 ? 71  GLU E OE2 1 
ATOM   145 N N   . GLU A 1 20  ? 12.065  -13.591 7.142   1.00 39.59 ? 72  GLU E N   1 
ATOM   146 C CA  . GLU A 1 20  ? 12.573  -14.318 8.296   1.00 41.75 ? 72  GLU E CA  1 
ATOM   147 C C   . GLU A 1 20  ? 12.295  -13.574 9.603   1.00 41.71 ? 72  GLU E C   1 
ATOM   148 O O   . GLU A 1 20  ? 11.847  -14.169 10.584  1.00 41.86 ? 72  GLU E O   1 
ATOM   149 C CB  . GLU A 1 20  ? 14.076  -14.551 8.146   1.00 44.40 ? 72  GLU E CB  1 
ATOM   150 C CG  . GLU A 1 20  ? 14.720  -15.225 9.347   1.00 48.92 ? 72  GLU E CG  1 
ATOM   151 C CD  . GLU A 1 20  ? 16.194  -15.517 9.129   1.00 52.20 ? 72  GLU E CD  1 
ATOM   152 O OE1 . GLU A 1 20  ? 16.868  -15.927 10.099  1.00 54.23 ? 72  GLU E OE1 1 
ATOM   153 O OE2 . GLU A 1 20  ? 16.676  -15.342 7.989   1.00 53.12 ? 72  GLU E OE2 1 
ATOM   154 N N   . MET A 1 21  ? 12.556  -12.272 9.612   1.00 40.74 ? 73  MET E N   1 
ATOM   155 C CA  . MET A 1 21  ? 12.344  -11.462 10.805  1.00 41.04 ? 73  MET E CA  1 
ATOM   156 C C   . MET A 1 21  ? 10.868  -11.209 11.101  1.00 38.11 ? 73  MET E C   1 
ATOM   157 O O   . MET A 1 21  ? 10.427  -11.342 12.244  1.00 38.28 ? 73  MET E O   1 
ATOM   158 C CB  . MET A 1 21  ? 13.058  -10.119 10.668  1.00 44.72 ? 73  MET E CB  1 
ATOM   159 C CG  . MET A 1 21  ? 12.994  -9.276  11.923  1.00 52.60 ? 73  MET E CG  1 
ATOM   160 S SD  . MET A 1 21  ? 13.436  -7.558  11.616  1.00 60.78 ? 73  MET E SD  1 
ATOM   161 C CE  . MET A 1 21  ? 11.810  -6.877  11.249  1.00 59.75 ? 73  MET E CE  1 
ATOM   162 N N   . LEU A 1 22  ? 10.108  -10.834 10.077  1.00 34.23 ? 74  LEU E N   1 
ATOM   163 C CA  . LEU A 1 22  ? 8.687   -10.557 10.256  1.00 31.97 ? 74  LEU E CA  1 
ATOM   164 C C   . LEU A 1 22  ? 7.885   -11.807 10.598  1.00 33.40 ? 74  LEU E C   1 
ATOM   165 O O   . LEU A 1 22  ? 6.858   -11.723 11.263  1.00 31.78 ? 74  LEU E O   1 
ATOM   166 C CB  . LEU A 1 22  ? 8.109   -9.900  9.004   1.00 28.88 ? 74  LEU E CB  1 
ATOM   167 C CG  . LEU A 1 22  ? 8.609   -8.485  8.710   1.00 28.40 ? 74  LEU E CG  1 
ATOM   168 C CD1 . LEU A 1 22  ? 7.959   -7.952  7.430   1.00 27.04 ? 74  LEU E CD1 1 
ATOM   169 C CD2 . LEU A 1 22  ? 8.262   -7.579  9.898   1.00 27.07 ? 74  LEU E CD2 1 
ATOM   170 N N   . SER A 1 23  ? 8.347   -12.967 10.142  1.00 35.13 ? 75  SER E N   1 
ATOM   171 C CA  . SER A 1 23  ? 7.640   -14.209 10.432  1.00 37.64 ? 75  SER E CA  1 
ATOM   172 C C   . SER A 1 23  ? 7.638   -14.465 11.936  1.00 37.71 ? 75  SER E C   1 
ATOM   173 O O   . SER A 1 23  ? 6.751   -15.135 12.461  1.00 39.75 ? 75  SER E O   1 
ATOM   174 C CB  . SER A 1 23  ? 8.306   -15.383 9.707   1.00 39.13 ? 75  SER E CB  1 
ATOM   175 O OG  . SER A 1 23  ? 9.661   -15.514 10.101  1.00 42.21 ? 75  SER E OG  1 
ATOM   176 N N   . LYS A 1 24  ? 8.637   -13.920 12.621  1.00 39.45 ? 76  LYS E N   1 
ATOM   177 C CA  . LYS A 1 24  ? 8.770   -14.074 14.064  1.00 40.51 ? 76  LYS E CA  1 
ATOM   178 C C   . LYS A 1 24  ? 7.915   -13.091 14.869  1.00 40.93 ? 76  LYS E C   1 
ATOM   179 O O   . LYS A 1 24  ? 7.712   -13.284 16.066  1.00 39.91 ? 76  LYS E O   1 
ATOM   180 C CB  . LYS A 1 24  ? 10.235  -13.910 14.475  1.00 43.54 ? 76  LYS E CB  1 
ATOM   181 C CG  . LYS A 1 24  ? 11.175  -14.991 13.947  1.00 46.55 ? 76  LYS E CG  1 
ATOM   182 C CD  . LYS A 1 24  ? 12.583  -14.781 14.489  1.00 49.85 ? 76  LYS E CD  1 
ATOM   183 C CE  . LYS A 1 24  ? 13.540  -15.873 14.032  1.00 51.46 ? 76  LYS E CE  1 
ATOM   184 N NZ  . LYS A 1 24  ? 14.903  -15.674 14.608  1.00 52.77 ? 76  LYS E NZ  1 
ATOM   185 N N   . GLN A 1 25  ? 7.429   -12.032 14.224  1.00 39.78 ? 77  GLN E N   1 
ATOM   186 C CA  . GLN A 1 25  ? 6.598   -11.043 14.916  1.00 39.40 ? 77  GLN E CA  1 
ATOM   187 C C   . GLN A 1 25  ? 5.270   -11.662 15.341  1.00 39.38 ? 77  GLN E C   1 
ATOM   188 O O   . GLN A 1 25  ? 4.771   -12.577 14.692  1.00 39.69 ? 77  GLN E O   1 
ATOM   189 C CB  . GLN A 1 25  ? 6.340   -9.835  14.012  1.00 37.94 ? 77  GLN E CB  1 
ATOM   190 C CG  . GLN A 1 25  ? 7.569   -8.983  13.757  1.00 35.82 ? 77  GLN E CG  1 
ATOM   191 C CD  . GLN A 1 25  ? 8.007   -8.193  14.975  1.00 37.74 ? 77  GLN E CD  1 
ATOM   192 O OE1 . GLN A 1 25  ? 7.247   -7.388  15.513  1.00 37.42 ? 77  GLN E OE1 1 
ATOM   193 N NE2 . GLN A 1 25  ? 9.242   -8.411  15.410  1.00 38.18 ? 77  GLN E NE2 1 
ATOM   194 N N   . ARG A 1 26  ? 4.688   -11.152 16.422  1.00 39.85 ? 78  ARG E N   1 
ATOM   195 C CA  . ARG A 1 26  ? 3.431   -11.703 16.914  1.00 40.16 ? 78  ARG E CA  1 
ATOM   196 C C   . ARG A 1 26  ? 2.163   -11.056 16.376  1.00 39.95 ? 78  ARG E C   1 
ATOM   197 O O   . ARG A 1 26  ? 1.129   -11.719 16.276  1.00 40.65 ? 78  ARG E O   1 
ATOM   198 C CB  . ARG A 1 26  ? 3.406   -11.664 18.446  1.00 41.67 ? 78  ARG E CB  1 
ATOM   199 C CG  . ARG A 1 26  ? 3.536   -10.273 19.041  1.00 43.51 ? 78  ARG E CG  1 
ATOM   200 C CD  . ARG A 1 26  ? 3.495   -10.312 20.564  0.50 44.92 ? 78  ARG E CD  1 
ATOM   201 N NE  . ARG A 1 26  ? 3.597   -8.977  21.150  0.50 45.72 ? 78  ARG E NE  1 
ATOM   202 C CZ  . ARG A 1 26  ? 3.528   -8.720  22.453  0.50 46.61 ? 78  ARG E CZ  1 
ATOM   203 N NH1 . ARG A 1 26  ? 3.632   -7.473  22.889  0.50 47.16 ? 78  ARG E NH1 1 
ATOM   204 N NH2 . ARG A 1 26  ? 3.352   -9.707  23.321  0.50 46.81 ? 78  ARG E NH2 1 
ATOM   205 N N   . HIS A 1 27  ? 2.237   -9.775  16.016  1.00 37.73 ? 79  HIS E N   1 
ATOM   206 C CA  . HIS A 1 27  ? 1.063   -9.056  15.526  1.00 35.93 ? 79  HIS E CA  1 
ATOM   207 C C   . HIS A 1 27  ? 0.947   -8.951  14.011  1.00 33.71 ? 79  HIS E C   1 
ATOM   208 O O   . HIS A 1 27  ? 1.929   -8.653  13.332  1.00 31.60 ? 79  HIS E O   1 
ATOM   209 C CB  . HIS A 1 27  ? 1.044   -7.627  16.082  1.00 38.56 ? 79  HIS E CB  1 
ATOM   210 C CG  . HIS A 1 27  ? 1.213   -7.542  17.566  1.00 42.06 ? 79  HIS E CG  1 
ATOM   211 N ND1 . HIS A 1 27  ? 0.435   -8.260  18.450  1.00 44.34 ? 79  HIS E ND1 1 
ATOM   212 C CD2 . HIS A 1 27  ? 2.048   -6.792  18.324  1.00 42.82 ? 79  HIS E CD2 1 
ATOM   213 C CE1 . HIS A 1 27  ? 0.784   -7.954  19.688  1.00 45.00 ? 79  HIS E CE1 1 
ATOM   214 N NE2 . HIS A 1 27  ? 1.760   -7.066  19.639  1.00 44.72 ? 79  HIS E NE2 1 
ATOM   215 N N   . ASP A 1 28  ? -0.257  -9.183  13.490  1.00 30.70 ? 80  ASP E N   1 
ATOM   216 C CA  . ASP A 1 28  ? -0.496  -9.043  12.060  1.00 31.16 ? 80  ASP E CA  1 
ATOM   217 C C   . ASP A 1 28  ? -0.269  -7.563  11.787  1.00 31.09 ? 80  ASP E C   1 
ATOM   218 O O   . ASP A 1 28  ? -0.690  -6.714  12.575  1.00 29.48 ? 80  ASP E O   1 
ATOM   219 C CB  . ASP A 1 28  ? -1.946  -9.370  11.686  1.00 33.40 ? 80  ASP E CB  1 
ATOM   220 C CG  . ASP A 1 28  ? -2.213  -10.861 11.578  1.00 36.09 ? 80  ASP E CG  1 
ATOM   221 O OD1 . ASP A 1 28  ? -1.268  -11.630 11.321  1.00 33.67 ? 80  ASP E OD1 1 
ATOM   222 O OD2 . ASP A 1 28  ? -3.390  -11.250 11.728  1.00 38.86 ? 80  ASP E OD2 1 
ATOM   223 N N   . GLY A 1 29  ? 0.392   -7.247  10.680  1.00 29.41 ? 81  GLY E N   1 
ATOM   224 C CA  . GLY A 1 29  ? 0.631   -5.851  10.373  1.00 27.14 ? 81  GLY E CA  1 
ATOM   225 C C   . GLY A 1 29  ? 2.048   -5.403  10.655  1.00 26.50 ? 81  GLY E C   1 
ATOM   226 O O   . GLY A 1 29  ? 2.458   -4.355  10.157  1.00 24.42 ? 81  GLY E O   1 
ATOM   227 N N   . ALA A 1 30  ? 2.787   -6.167  11.467  1.00 23.85 ? 82  ALA E N   1 
ATOM   228 C CA  . ALA A 1 30  ? 4.179   -5.833  11.762  1.00 24.69 ? 82  ALA E CA  1 
ATOM   229 C C   . ALA A 1 30  ? 4.834   -5.686  10.390  1.00 25.74 ? 82  ALA E C   1 
ATOM   230 O O   . ALA A 1 30  ? 4.692   -6.565  9.537   1.00 25.02 ? 82  ALA E O   1 
ATOM   231 C CB  . ALA A 1 30  ? 4.844   -6.955  12.557  1.00 25.22 ? 82  ALA E CB  1 
ATOM   232 N N   . PHE A 1 31  ? 5.572   -4.602  10.182  1.00 23.63 ? 83  PHE E N   1 
ATOM   233 C CA  . PHE A 1 31  ? 6.142   -4.357  8.864   1.00 21.73 ? 83  PHE E CA  1 
ATOM   234 C C   . PHE A 1 31  ? 7.488   -3.658  8.859   1.00 23.41 ? 83  PHE E C   1 
ATOM   235 O O   . PHE A 1 31  ? 8.004   -3.232  9.893   1.00 22.19 ? 83  PHE E O   1 
ATOM   236 C CB  . PHE A 1 31  ? 5.195   -3.458  8.079   1.00 20.62 ? 83  PHE E CB  1 
ATOM   237 C CG  . PHE A 1 31  ? 5.207   -2.023  8.578   1.00 21.67 ? 83  PHE E CG  1 
ATOM   238 C CD1 . PHE A 1 31  ? 4.575   -1.685  9.772   1.00 22.15 ? 83  PHE E CD1 1 
ATOM   239 C CD2 . PHE A 1 31  ? 5.939   -1.043  7.912   1.00 22.78 ? 83  PHE E CD2 1 
ATOM   240 C CE1 . PHE A 1 31  ? 4.679   -0.383  10.303  1.00 21.83 ? 83  PHE E CE1 1 
ATOM   241 C CE2 . PHE A 1 31  ? 6.047   0.253   8.430   1.00 21.83 ? 83  PHE E CE2 1 
ATOM   242 C CZ  . PHE A 1 31  ? 5.415   0.576   9.633   1.00 22.96 ? 83  PHE E CZ  1 
ATOM   243 N N   . LEU A 1 32  ? 8.021   -3.516  7.650   1.00 22.72 ? 84  LEU E N   1 
ATOM   244 C CA  . LEU A 1 32  ? 9.259   -2.807  7.422   1.00 23.20 ? 84  LEU E CA  1 
ATOM   245 C C   . LEU A 1 32  ? 9.278   -2.346  5.971   1.00 23.73 ? 84  LEU E C   1 
ATOM   246 O O   . LEU A 1 32  ? 8.542   -2.866  5.128   1.00 22.73 ? 84  LEU E O   1 
ATOM   247 C CB  . LEU A 1 32  ? 10.468  -3.695  7.722   1.00 22.90 ? 84  LEU E CB  1 
ATOM   248 C CG  . LEU A 1 32  ? 10.773  -4.923  6.854   1.00 25.37 ? 84  LEU E CG  1 
ATOM   249 C CD1 . LEU A 1 32  ? 11.490  -4.493  5.570   1.00 24.38 ? 84  LEU E CD1 1 
ATOM   250 C CD2 . LEU A 1 32  ? 11.675  -5.871  7.645   1.00 24.68 ? 84  LEU E CD2 1 
ATOM   251 N N   . ILE A 1 33  ? 10.096  -1.334  5.706   1.00 23.63 ? 85  ILE E N   1 
ATOM   252 C CA  . ILE A 1 33  ? 10.273  -0.801  4.365   1.00 24.74 ? 85  ILE E CA  1 
ATOM   253 C C   . ILE A 1 33  ? 11.715  -1.145  4.026   1.00 25.94 ? 85  ILE E C   1 
ATOM   254 O O   . ILE A 1 33  ? 12.614  -0.950  4.845   1.00 25.09 ? 85  ILE E O   1 
ATOM   255 C CB  . ILE A 1 33  ? 10.144  0.746   4.321   1.00 24.15 ? 85  ILE E CB  1 
ATOM   256 C CG1 . ILE A 1 33  ? 8.683   1.173   4.504   1.00 23.72 ? 85  ILE E CG1 1 
ATOM   257 C CG2 . ILE A 1 33  ? 10.740  1.271   3.018   1.00 25.18 ? 85  ILE E CG2 1 
ATOM   258 C CD1 . ILE A 1 33  ? 7.767   0.801   3.365   1.00 27.21 ? 85  ILE E CD1 1 
ATOM   259 N N   . ARG A 1 34  ? 11.935  -1.685  2.836   1.00 26.42 ? 86  ARG E N   1 
ATOM   260 C CA  . ARG A 1 34  ? 13.282  -2.021  2.430   1.00 26.83 ? 86  ARG E CA  1 
ATOM   261 C C   . ARG A 1 34  ? 13.483  -1.496  1.024   1.00 27.15 ? 86  ARG E C   1 
ATOM   262 O O   . ARG A 1 34  ? 12.516  -1.170  0.335   1.00 26.32 ? 86  ARG E O   1 
ATOM   263 C CB  . ARG A 1 34  ? 13.498  -3.538  2.484   1.00 29.58 ? 86  ARG E CB  1 
ATOM   264 C CG  . ARG A 1 34  ? 12.511  -4.340  1.658   1.00 32.06 ? 86  ARG E CG  1 
ATOM   265 C CD  . ARG A 1 34  ? 12.674  -5.827  1.917   1.00 35.22 ? 86  ARG E CD  1 
ATOM   266 N NE  . ARG A 1 34  ? 11.694  -6.615  1.173   1.00 38.38 ? 86  ARG E NE  1 
ATOM   267 C CZ  . ARG A 1 34  ? 11.750  -6.844  -0.137  1.00 41.23 ? 86  ARG E CZ  1 
ATOM   268 N NH1 . ARG A 1 34  ? 12.745  -6.352  -0.864  1.00 39.28 ? 86  ARG E NH1 1 
ATOM   269 N NH2 . ARG A 1 34  ? 10.801  -7.563  -0.723  1.00 44.38 ? 86  ARG E NH2 1 
ATOM   270 N N   . GLU A 1 35  ? 14.738  -1.391  0.609   1.00 26.86 ? 87  GLU E N   1 
ATOM   271 C CA  . GLU A 1 35  ? 15.051  -0.900  -0.723  1.00 28.77 ? 87  GLU E CA  1 
ATOM   272 C C   . GLU A 1 35  ? 15.257  -2.106  -1.618  1.00 31.88 ? 87  GLU E C   1 
ATOM   273 O O   . GLU A 1 35  ? 16.072  -2.975  -1.322  1.00 31.15 ? 87  GLU E O   1 
ATOM   274 C CB  . GLU A 1 35  ? 16.301  -0.020  -0.677  1.00 26.61 ? 87  GLU E CB  1 
ATOM   275 C CG  . GLU A 1 35  ? 16.150  1.136   0.316   1.00 26.20 ? 87  GLU E CG  1 
ATOM   276 C CD  . GLU A 1 35  ? 17.263  2.151   0.217   1.00 25.76 ? 87  GLU E CD  1 
ATOM   277 O OE1 . GLU A 1 35  ? 17.231  2.968   -0.727  1.00 24.26 ? 87  GLU E OE1 1 
ATOM   278 O OE2 . GLU A 1 35  ? 18.174  2.122   1.079   1.00 23.45 ? 87  GLU E OE2 1 
ATOM   279 N N   . SER A 1 36  ? 14.494  -2.151  -2.704  1.00 36.74 ? 88  SER E N   1 
ATOM   280 C CA  . SER A 1 36  ? 14.535  -3.250  -3.660  1.00 42.31 ? 88  SER E CA  1 
ATOM   281 C C   . SER A 1 36  ? 15.902  -3.455  -4.292  1.00 44.86 ? 88  SER E C   1 
ATOM   282 O O   . SER A 1 36  ? 16.534  -2.502  -4.745  1.00 45.35 ? 88  SER E O   1 
ATOM   283 C CB  . SER A 1 36  ? 13.497  -3.010  -4.763  1.00 43.68 ? 88  SER E CB  1 
ATOM   284 O OG  . SER A 1 36  ? 13.583  -4.001  -5.773  1.00 46.44 ? 88  SER E OG  1 
ATOM   285 N N   . GLU A 1 37  ? 16.357  -4.704  -4.317  1.00 48.04 ? 89  GLU E N   1 
ATOM   286 C CA  . GLU A 1 37  ? 17.646  -5.026  -4.918  1.00 51.48 ? 89  GLU E CA  1 
ATOM   287 C C   . GLU A 1 37  ? 17.484  -5.178  -6.429  1.00 52.04 ? 89  GLU E C   1 
ATOM   288 O O   . GLU A 1 37  ? 18.409  -4.896  -7.190  1.00 53.89 ? 89  GLU E O   1 
ATOM   289 C CB  . GLU A 1 37  ? 18.206  -6.326  -4.331  1.00 53.51 ? 89  GLU E CB  1 
ATOM   290 C CG  . GLU A 1 37  ? 18.298  -6.333  -2.809  1.00 56.20 ? 89  GLU E CG  1 
ATOM   291 C CD  . GLU A 1 37  ? 18.920  -7.605  -2.263  1.00 57.67 ? 89  GLU E CD  1 
ATOM   292 O OE1 . GLU A 1 37  ? 18.405  -8.706  -2.561  1.00 58.24 ? 89  GLU E OE1 1 
ATOM   293 O OE2 . GLU A 1 37  ? 19.925  -7.502  -1.529  1.00 58.57 ? 89  GLU E OE2 1 
ATOM   294 N N   . SER A 1 38  ? 16.301  -5.611  -6.855  1.00 52.24 ? 90  SER E N   1 
ATOM   295 C CA  . SER A 1 38  ? 16.022  -5.812  -8.275  1.00 52.33 ? 90  SER E CA  1 
ATOM   296 C C   . SER A 1 38  ? 15.714  -4.518  -9.020  1.00 52.04 ? 90  SER E C   1 
ATOM   297 O O   . SER A 1 38  ? 16.168  -4.324  -10.147 1.00 53.38 ? 90  SER E O   1 
ATOM   298 C CB  . SER A 1 38  ? 14.851  -6.783  -8.449  1.00 53.65 ? 90  SER E CB  1 
ATOM   299 O OG  . SER A 1 38  ? 13.646  -6.232  -7.944  1.00 55.70 ? 90  SER E OG  1 
ATOM   300 N N   . ALA A 1 39  ? 14.936  -3.639  -8.397  1.00 50.13 ? 91  ALA E N   1 
ATOM   301 C CA  . ALA A 1 39  ? 14.574  -2.369  -9.018  1.00 48.31 ? 91  ALA E CA  1 
ATOM   302 C C   . ALA A 1 39  ? 15.311  -1.206  -8.352  1.00 46.53 ? 91  ALA E C   1 
ATOM   303 O O   . ALA A 1 39  ? 14.893  -0.710  -7.308  1.00 45.86 ? 91  ALA E O   1 
ATOM   304 C CB  . ALA A 1 39  ? 13.059  -2.156  -8.926  1.00 47.85 ? 91  ALA E CB  1 
ATOM   305 N N   . PRO A 1 40  ? 16.418  -0.752  -8.959  1.00 45.11 ? 92  PRO E N   1 
ATOM   306 C CA  . PRO A 1 40  ? 17.220  0.355   -8.427  1.00 42.79 ? 92  PRO E CA  1 
ATOM   307 C C   . PRO A 1 40  ? 16.398  1.588   -8.062  1.00 39.69 ? 92  PRO E C   1 
ATOM   308 O O   . PRO A 1 40  ? 15.632  2.092   -8.878  1.00 39.21 ? 92  PRO E O   1 
ATOM   309 C CB  . PRO A 1 40  ? 18.201  0.639   -9.561  0.50 43.43 ? 92  PRO E CB  1 
ATOM   310 C CG  . PRO A 1 40  ? 18.401  -0.715  -10.168 0.50 44.66 ? 92  PRO E CG  1 
ATOM   311 C CD  . PRO A 1 40  ? 16.990  -1.248  -10.224 0.50 45.04 ? 92  PRO E CD  1 
ATOM   312 N N   . GLY A 1 41  ? 16.557  2.060   -6.829  1.00 36.62 ? 93  GLY E N   1 
ATOM   313 C CA  . GLY A 1 41  ? 15.848  3.249   -6.389  1.00 34.74 ? 93  GLY E CA  1 
ATOM   314 C C   . GLY A 1 41  ? 14.422  3.043   -5.912  1.00 33.79 ? 93  GLY E C   1 
ATOM   315 O O   . GLY A 1 41  ? 13.749  4.003   -5.537  1.00 33.94 ? 93  GLY E O   1 
ATOM   316 N N   . ASP A 1 42  ? 13.951  1.805   -5.922  1.00 31.48 ? 94  ASP E N   1 
ATOM   317 C CA  . ASP A 1 42  ? 12.589  1.540   -5.473  1.00 32.99 ? 94  ASP E CA  1 
ATOM   318 C C   . ASP A 1 42  ? 12.535  0.961   -4.069  1.00 31.36 ? 94  ASP E C   1 
ATOM   319 O O   . ASP A 1 42  ? 13.511  0.394   -3.567  1.00 29.29 ? 94  ASP E O   1 
ATOM   320 C CB  . ASP A 1 42  ? 11.873  0.575   -6.418  1.00 33.94 ? 94  ASP E CB  1 
ATOM   321 C CG  . ASP A 1 42  ? 11.629  1.164   -7.785  1.00 37.44 ? 94  ASP E CG  1 
ATOM   322 O OD1 . ASP A 1 42  ? 11.586  2.413   -7.913  1.00 37.87 ? 94  ASP E OD1 1 
ATOM   323 O OD2 . ASP A 1 42  ? 11.463  0.365   -8.729  1.00 39.52 ? 94  ASP E OD2 1 
ATOM   324 N N   . PHE A 1 43  ? 11.369  1.098   -3.451  1.00 29.55 ? 95  PHE E N   1 
ATOM   325 C CA  . PHE A 1 43  ? 11.148  0.580   -2.111  1.00 27.45 ? 95  PHE E CA  1 
ATOM   326 C C   . PHE A 1 43  ? 10.027  -0.446  -2.167  1.00 28.59 ? 95  PHE E C   1 
ATOM   327 O O   . PHE A 1 43  ? 9.192   -0.416  -3.072  1.00 27.24 ? 95  PHE E O   1 
ATOM   328 C CB  . PHE A 1 43  ? 10.727  1.702   -1.157  1.00 27.31 ? 95  PHE E CB  1 
ATOM   329 C CG  . PHE A 1 43  ? 11.717  2.821   -1.056  1.00 26.01 ? 95  PHE E CG  1 
ATOM   330 C CD1 . PHE A 1 43  ? 11.614  3.934   -1.887  1.00 27.01 ? 95  PHE E CD1 1 
ATOM   331 C CD2 . PHE A 1 43  ? 12.749  2.768   -0.120  1.00 23.54 ? 95  PHE E CD2 1 
ATOM   332 C CE1 . PHE A 1 43  ? 12.521  4.985   -1.790  1.00 27.21 ? 95  PHE E CE1 1 
ATOM   333 C CE2 . PHE A 1 43  ? 13.665  3.810   -0.011  1.00 24.91 ? 95  PHE E CE2 1 
ATOM   334 C CZ  . PHE A 1 43  ? 13.552  4.926   -0.849  1.00 24.53 ? 95  PHE E CZ  1 
ATOM   335 N N   . SER A 1 44  ? 10.025  -1.348  -1.194  1.00 29.60 ? 96  SER E N   1 
ATOM   336 C CA  . SER A 1 44  ? 9.001   -2.372  -1.068  1.00 29.24 ? 96  SER E CA  1 
ATOM   337 C C   . SER A 1 44  ? 8.601   -2.451  0.399   1.00 27.87 ? 96  SER E C   1 
ATOM   338 O O   . SER A 1 44  ? 9.430   -2.266  1.291   1.00 26.81 ? 96  SER E O   1 
ATOM   339 C CB  . SER A 1 44  ? 9.527   -3.743  -1.504  1.00 32.07 ? 96  SER E CB  1 
ATOM   340 O OG  . SER A 1 44  ? 9.789   -3.781  -2.898  1.00 40.17 ? 96  SER E OG  1 
ATOM   341 N N   . LEU A 1 45  ? 7.327   -2.735  0.633   1.00 24.91 ? 97  LEU E N   1 
ATOM   342 C CA  . LEU A 1 45  ? 6.798   -2.875  1.983   1.00 24.51 ? 97  LEU E CA  1 
ATOM   343 C C   . LEU A 1 45  ? 6.585   -4.363  2.253   1.00 25.17 ? 97  LEU E C   1 
ATOM   344 O O   . LEU A 1 45  ? 5.935   -5.050  1.466   1.00 26.55 ? 97  LEU E O   1 
ATOM   345 C CB  . LEU A 1 45  ? 5.459   -2.144  2.095   1.00 25.85 ? 97  LEU E CB  1 
ATOM   346 C CG  . LEU A 1 45  ? 4.638   -2.314  3.380   1.00 27.28 ? 97  LEU E CG  1 
ATOM   347 C CD1 . LEU A 1 45  ? 5.374   -1.690  4.558   1.00 29.06 ? 97  LEU E CD1 1 
ATOM   348 C CD2 . LEU A 1 45  ? 3.284   -1.643  3.195   1.00 31.23 ? 97  LEU E CD2 1 
ATOM   349 N N   . SER A 1 46  ? 7.142   -4.857  3.353   1.00 24.19 ? 98  SER E N   1 
ATOM   350 C CA  . SER A 1 46  ? 6.976   -6.258  3.728   1.00 25.72 ? 98  SER E CA  1 
ATOM   351 C C   . SER A 1 46  ? 6.123   -6.265  4.993   1.00 25.63 ? 98  SER E C   1 
ATOM   352 O O   . SER A 1 46  ? 6.426   -5.545  5.948   1.00 25.24 ? 98  SER E O   1 
ATOM   353 C CB  . SER A 1 46  ? 8.336   -6.909  3.984   1.00 25.44 ? 98  SER E CB  1 
ATOM   354 O OG  . SER A 1 46  ? 9.086   -6.984  2.780   1.00 25.70 ? 98  SER E OG  1 
ATOM   355 N N   . VAL A 1 47  ? 5.063   -7.071  4.994   1.00 24.80 ? 99  VAL E N   1 
ATOM   356 C CA  . VAL A 1 47  ? 4.138   -7.118  6.122   1.00 26.31 ? 99  VAL E CA  1 
ATOM   357 C C   . VAL A 1 47  ? 3.728   -8.521  6.547   1.00 29.22 ? 99  VAL E C   1 
ATOM   358 O O   . VAL A 1 47  ? 3.427   -9.367  5.708   1.00 28.90 ? 99  VAL E O   1 
ATOM   359 C CB  . VAL A 1 47  ? 2.823   -6.375  5.798   1.00 26.80 ? 99  VAL E CB  1 
ATOM   360 C CG1 . VAL A 1 47  ? 1.977   -6.242  7.053   1.00 25.25 ? 99  VAL E CG1 1 
ATOM   361 C CG2 . VAL A 1 47  ? 3.122   -5.014  5.185   1.00 28.24 ? 99  VAL E CG2 1 
ATOM   362 N N   . LYS A 1 48  ? 3.707   -8.753  7.855   1.00 30.06 ? 100 LYS E N   1 
ATOM   363 C CA  . LYS A 1 48  ? 3.274   -10.037 8.377   1.00 31.60 ? 100 LYS E CA  1 
ATOM   364 C C   . LYS A 1 48  ? 1.752   -10.057 8.371   1.00 32.37 ? 100 LYS E C   1 
ATOM   365 O O   . LYS A 1 48  ? 1.106   -9.067  8.712   1.00 29.47 ? 100 LYS E O   1 
ATOM   366 C CB  . LYS A 1 48  ? 3.749   -10.245 9.813   1.00 33.83 ? 100 LYS E CB  1 
ATOM   367 C CG  . LYS A 1 48  ? 3.091   -11.460 10.467  1.00 37.69 ? 100 LYS E CG  1 
ATOM   368 C CD  . LYS A 1 48  ? 3.505   -11.653 11.912  1.00 41.60 ? 100 LYS E CD  1 
ATOM   369 C CE  . LYS A 1 48  ? 2.760   -12.837 12.540  1.00 43.94 ? 100 LYS E CE  1 
ATOM   370 N NZ  . LYS A 1 48  ? 1.285   -12.613 12.631  1.00 46.21 ? 100 LYS E NZ  1 
ATOM   371 N N   . PHE A 1 49  ? 1.177   -11.177 7.962   1.00 32.45 ? 101 PHE E N   1 
ATOM   372 C CA  . PHE A 1 49  ? -0.271  -11.311 7.964   1.00 35.11 ? 101 PHE E CA  1 
ATOM   373 C C   . PHE A 1 49  ? -0.584  -12.796 8.006   1.00 38.00 ? 101 PHE E C   1 
ATOM   374 O O   . PHE A 1 49  ? -0.413  -13.502 7.016   1.00 37.62 ? 101 PHE E O   1 
ATOM   375 C CB  . PHE A 1 49  ? -0.899  -10.679 6.724   1.00 33.86 ? 101 PHE E CB  1 
ATOM   376 C CG  . PHE A 1 49  ? -2.385  -10.494 6.839   1.00 35.88 ? 101 PHE E CG  1 
ATOM   377 C CD1 . PHE A 1 49  ? -2.920  -9.707  7.857   1.00 34.82 ? 101 PHE E CD1 1 
ATOM   378 C CD2 . PHE A 1 49  ? -3.254  -11.130 5.952   1.00 36.29 ? 101 PHE E CD2 1 
ATOM   379 C CE1 . PHE A 1 49  ? -4.300  -9.554  7.997   1.00 35.46 ? 101 PHE E CE1 1 
ATOM   380 C CE2 . PHE A 1 49  ? -4.638  -10.986 6.082   1.00 36.81 ? 101 PHE E CE2 1 
ATOM   381 C CZ  . PHE A 1 49  ? -5.163  -10.197 7.106   1.00 36.91 ? 101 PHE E CZ  1 
ATOM   382 N N   . GLY A 1 50  ? -1.033  -13.262 9.165   1.00 40.58 ? 102 GLY E N   1 
ATOM   383 C CA  . GLY A 1 50  ? -1.329  -14.672 9.310   1.00 44.20 ? 102 GLY E CA  1 
ATOM   384 C C   . GLY A 1 50  ? -0.019  -15.426 9.322   1.00 45.29 ? 102 GLY E C   1 
ATOM   385 O O   . GLY A 1 50  ? 0.934   -15.002 9.976   1.00 46.63 ? 102 GLY E O   1 
ATOM   386 N N   . ASN A 1 51  ? 0.045   -16.528 8.586   1.00 47.64 ? 103 ASN E N   1 
ATOM   387 C CA  . ASN A 1 51  ? 1.259   -17.334 8.533   1.00 49.40 ? 103 ASN E CA  1 
ATOM   388 C C   . ASN A 1 51  ? 2.138   -16.951 7.345   1.00 48.89 ? 103 ASN E C   1 
ATOM   389 O O   . ASN A 1 51  ? 3.061   -17.682 6.982   1.00 49.55 ? 103 ASN E O   1 
ATOM   390 C CB  . ASN A 1 51  ? 0.893   -18.820 8.462   1.00 52.62 ? 103 ASN E CB  1 
ATOM   391 C CG  . ASN A 1 51  ? 0.030   -19.262 9.632   1.00 56.15 ? 103 ASN E CG  1 
ATOM   392 O OD1 . ASN A 1 51  ? 0.415   -19.112 10.793  1.00 57.73 ? 103 ASN E OD1 1 
ATOM   393 N ND2 . ASN A 1 51  ? -1.146  -19.807 9.332   1.00 57.79 ? 103 ASN E ND2 1 
ATOM   394 N N   . ASP A 1 52  ? 1.851   -15.799 6.746   1.00 46.55 ? 104 ASP E N   1 
ATOM   395 C CA  . ASP A 1 52  ? 2.619   -15.324 5.603   1.00 45.05 ? 104 ASP E CA  1 
ATOM   396 C C   . ASP A 1 52  ? 3.219   -13.939 5.849   1.00 43.51 ? 104 ASP E C   1 
ATOM   397 O O   . ASP A 1 52  ? 2.900   -13.266 6.830   1.00 40.38 ? 104 ASP E O   1 
ATOM   398 C CB  . ASP A 1 52  ? 1.727   -15.241 4.358   1.00 48.69 ? 104 ASP E CB  1 
ATOM   399 C CG  . ASP A 1 52  ? 1.388   -16.601 3.778   1.00 52.21 ? 104 ASP E CG  1 
ATOM   400 O OD1 . ASP A 1 52  ? 0.525   -16.652 2.876   1.00 54.07 ? 104 ASP E OD1 1 
ATOM   401 O OD2 . ASP A 1 52  ? 1.983   -17.611 4.213   1.00 54.44 ? 104 ASP E OD2 1 
ATOM   402 N N   . VAL A 1 53  ? 4.106   -13.541 4.946   1.00 39.97 ? 105 VAL E N   1 
ATOM   403 C CA  . VAL A 1 53  ? 4.736   -12.231 4.976   1.00 37.94 ? 105 VAL E CA  1 
ATOM   404 C C   . VAL A 1 53  ? 4.555   -11.744 3.550   1.00 37.05 ? 105 VAL E C   1 
ATOM   405 O O   . VAL A 1 53  ? 5.186   -12.255 2.626   1.00 38.97 ? 105 VAL E O   1 
ATOM   406 C CB  . VAL A 1 53  ? 6.240   -12.305 5.307   1.00 36.72 ? 105 VAL E CB  1 
ATOM   407 C CG1 . VAL A 1 53  ? 6.887   -10.937 5.073   1.00 35.51 ? 105 VAL E CG1 1 
ATOM   408 C CG2 . VAL A 1 53  ? 6.431   -12.720 6.756   1.00 35.15 ? 105 VAL E CG2 1 
ATOM   409 N N   . GLN A 1 54  ? 3.669   -10.778 3.367   1.00 34.68 ? 106 GLN E N   1 
ATOM   410 C CA  . GLN A 1 54  ? 3.404   -10.263 2.037   1.00 33.81 ? 106 GLN E CA  1 
ATOM   411 C C   . GLN A 1 54  ? 4.290   -9.077  1.697   1.00 34.19 ? 106 GLN E C   1 
ATOM   412 O O   . GLN A 1 54  ? 4.803   -8.395  2.588   1.00 33.49 ? 106 GLN E O   1 
ATOM   413 C CB  . GLN A 1 54  ? 1.927   -9.902  1.912   1.00 32.38 ? 106 GLN E CB  1 
ATOM   414 C CG  . GLN A 1 54  ? 1.014   -11.117 2.007   1.00 33.36 ? 106 GLN E CG  1 
ATOM   415 C CD  . GLN A 1 54  ? -0.445  -10.772 1.803   1.00 32.28 ? 106 GLN E CD  1 
ATOM   416 O OE1 . GLN A 1 54  ? -0.782  -9.954  0.948   1.00 33.01 ? 106 GLN E OE1 1 
ATOM   417 N NE2 . GLN A 1 54  ? -1.324  -11.407 2.577   1.00 33.33 ? 106 GLN E NE2 1 
ATOM   418 N N   . HIS A 1 55  ? 4.475   -8.850  0.399   1.00 32.60 ? 107 HIS E N   1 
ATOM   419 C CA  . HIS A 1 55  ? 5.313   -7.766  -0.088  1.00 32.25 ? 107 HIS E CA  1 
ATOM   420 C C   . HIS A 1 55  ? 4.527   -6.902  -1.054  1.00 32.92 ? 107 HIS E C   1 
ATOM   421 O O   . HIS A 1 55  ? 3.797   -7.414  -1.906  1.00 34.05 ? 107 HIS E O   1 
ATOM   422 C CB  . HIS A 1 55  ? 6.554   -8.333  -0.795  1.00 31.73 ? 107 HIS E CB  1 
ATOM   423 C CG  . HIS A 1 55  ? 7.336   -9.298  0.043   1.00 34.24 ? 107 HIS E CG  1 
ATOM   424 N ND1 . HIS A 1 55  ? 8.095   -8.904  1.123   1.00 33.36 ? 107 HIS E ND1 1 
ATOM   425 C CD2 . HIS A 1 55  ? 7.450   -10.646 -0.024  1.00 33.95 ? 107 HIS E CD2 1 
ATOM   426 C CE1 . HIS A 1 55  ? 8.643   -9.965  1.686   1.00 34.63 ? 107 HIS E CE1 1 
ATOM   427 N NE2 . HIS A 1 55  ? 8.266   -11.036 1.010   1.00 34.74 ? 107 HIS E NE2 1 
ATOM   428 N N   . PHE A 1 56  ? 4.671   -5.589  -0.913  1.00 30.34 ? 108 PHE E N   1 
ATOM   429 C CA  . PHE A 1 56  ? 3.986   -4.653  -1.782  1.00 31.16 ? 108 PHE E CA  1 
ATOM   430 C C   . PHE A 1 56  ? 4.983   -3.623  -2.305  1.00 32.54 ? 108 PHE E C   1 
ATOM   431 O O   . PHE A 1 56  ? 5.640   -2.925  -1.532  1.00 32.20 ? 108 PHE E O   1 
ATOM   432 C CB  . PHE A 1 56  ? 2.853   -3.943  -1.029  1.00 31.15 ? 108 PHE E CB  1 
ATOM   433 C CG  . PHE A 1 56  ? 1.874   -4.883  -0.387  1.00 30.07 ? 108 PHE E CG  1 
ATOM   434 C CD1 . PHE A 1 56  ? 2.120   -5.400  0.880   1.00 29.58 ? 108 PHE E CD1 1 
ATOM   435 C CD2 . PHE A 1 56  ? 0.726   -5.286  -1.070  1.00 31.32 ? 108 PHE E CD2 1 
ATOM   436 C CE1 . PHE A 1 56  ? 1.236   -6.311  1.464   1.00 31.38 ? 108 PHE E CE1 1 
ATOM   437 C CE2 . PHE A 1 56  ? -0.168  -6.201  -0.496  1.00 31.39 ? 108 PHE E CE2 1 
ATOM   438 C CZ  . PHE A 1 56  ? 0.089   -6.713  0.772   1.00 30.07 ? 108 PHE E CZ  1 
ATOM   439 N N   . LYS A 1 57  ? 5.105   -3.541  -3.622  1.00 30.93 ? 109 LYS E N   1 
ATOM   440 C CA  . LYS A 1 57  ? 6.016   -2.582  -4.215  1.00 31.77 ? 109 LYS E CA  1 
ATOM   441 C C   . LYS A 1 57  ? 5.478   -1.195  -3.948  1.00 30.80 ? 109 LYS E C   1 
ATOM   442 O O   . LYS A 1 57  ? 4.269   -0.974  -4.002  1.00 31.12 ? 109 LYS E O   1 
ATOM   443 C CB  . LYS A 1 57  ? 6.107   -2.783  -5.729  1.00 35.52 ? 109 LYS E CB  1 
ATOM   444 C CG  . LYS A 1 57  ? 6.602   -4.154  -6.155  1.00 41.86 ? 109 LYS E CG  1 
ATOM   445 C CD  . LYS A 1 57  ? 6.626   -4.265  -7.672  1.00 45.09 ? 109 LYS E CD  1 
ATOM   446 C CE  . LYS A 1 57  ? 7.071   -5.648  -8.113  1.00 48.26 ? 109 LYS E CE  1 
ATOM   447 N NZ  . LYS A 1 57  ? 7.048   -5.768  -9.598  1.00 52.76 ? 109 LYS E NZ  1 
ATOM   448 N N   . VAL A 1 58  ? 6.362   -0.260  -3.636  1.00 29.48 ? 110 VAL E N   1 
ATOM   449 C CA  . VAL A 1 58  ? 5.921   1.106   -3.433  1.00 28.31 ? 110 VAL E CA  1 
ATOM   450 C C   . VAL A 1 58  ? 6.062   1.739   -4.811  1.00 31.09 ? 110 VAL E C   1 
ATOM   451 O O   . VAL A 1 58  ? 7.167   1.851   -5.350  1.00 29.68 ? 110 VAL E O   1 
ATOM   452 C CB  . VAL A 1 58  ? 6.804   1.866   -2.430  1.00 28.12 ? 110 VAL E CB  1 
ATOM   453 C CG1 . VAL A 1 58  ? 6.306   3.305   -2.296  1.00 26.70 ? 110 VAL E CG1 1 
ATOM   454 C CG2 . VAL A 1 58  ? 6.782   1.164   -1.072  1.00 27.39 ? 110 VAL E CG2 1 
ATOM   455 N N   . LEU A 1 59  ? 4.937   2.132   -5.390  1.00 31.36 ? 111 LEU E N   1 
ATOM   456 C CA  . LEU A 1 59  ? 4.936   2.735   -6.711  1.00 32.41 ? 111 LEU E CA  1 
ATOM   457 C C   . LEU A 1 59  ? 5.093   4.242   -6.618  1.00 34.44 ? 111 LEU E C   1 
ATOM   458 O O   . LEU A 1 59  ? 4.838   4.842   -5.576  1.00 32.22 ? 111 LEU E O   1 
ATOM   459 C CB  . LEU A 1 59  ? 3.624   2.401   -7.425  1.00 33.47 ? 111 LEU E CB  1 
ATOM   460 C CG  . LEU A 1 59  ? 3.276   0.913   -7.408  1.00 32.40 ? 111 LEU E CG  1 
ATOM   461 C CD1 . LEU A 1 59  ? 1.890   0.691   -7.985  1.00 34.50 ? 111 LEU E CD1 1 
ATOM   462 C CD2 . LEU A 1 59  ? 4.326   0.143   -8.194  1.00 35.35 ? 111 LEU E CD2 1 
ATOM   463 N N   . ARG A 1 60  ? 5.536   4.843   -7.714  1.00 36.07 ? 112 ARG E N   1 
ATOM   464 C CA  . ARG A 1 60  ? 5.704   6.284   -7.783  1.00 39.63 ? 112 ARG E CA  1 
ATOM   465 C C   . ARG A 1 60  ? 5.019   6.722   -9.064  1.00 40.56 ? 112 ARG E C   1 
ATOM   466 O O   . ARG A 1 60  ? 4.941   5.953   -10.025 1.00 39.99 ? 112 ARG E O   1 
ATOM   467 C CB  . ARG A 1 60  ? 7.186   6.669   -7.834  1.00 42.39 ? 112 ARG E CB  1 
ATOM   468 C CG  . ARG A 1 60  ? 8.001   6.284   -6.612  1.00 46.66 ? 112 ARG E CG  1 
ATOM   469 C CD  . ARG A 1 60  ? 9.317   7.065   -6.581  1.00 52.25 ? 112 ARG E CD  1 
ATOM   470 N NE  . ARG A 1 60  ? 9.121   8.452   -6.158  1.00 56.95 ? 112 ARG E NE  1 
ATOM   471 C CZ  . ARG A 1 60  ? 10.004  9.430   -6.344  1.00 58.49 ? 112 ARG E CZ  1 
ATOM   472 N NH1 . ARG A 1 60  ? 11.157  9.189   -6.956  1.00 62.11 ? 112 ARG E NH1 1 
ATOM   473 N NH2 . ARG A 1 60  ? 9.738   10.653  -5.917  1.00 59.12 ? 112 ARG E NH2 1 
ATOM   474 N N   . ASP A 1 61  ? 4.497   7.941   -9.070  1.00 40.57 ? 113 ASP E N   1 
ATOM   475 C CA  . ASP A 1 61  ? 3.837   8.456   -10.257 1.00 42.56 ? 113 ASP E CA  1 
ATOM   476 C C   . ASP A 1 61  ? 4.696   9.551   -10.870 1.00 43.48 ? 113 ASP E C   1 
ATOM   477 O O   . ASP A 1 61  ? 5.752   9.895   -10.332 1.00 43.73 ? 113 ASP E O   1 
ATOM   478 C CB  . ASP A 1 61  ? 2.437   8.982   -9.911  1.00 41.64 ? 113 ASP E CB  1 
ATOM   479 C CG  . ASP A 1 61  ? 2.460   10.169  -8.956  1.00 42.78 ? 113 ASP E CG  1 
ATOM   480 O OD1 . ASP A 1 61  ? 1.388   10.482  -8.398  1.00 43.94 ? 113 ASP E OD1 1 
ATOM   481 O OD2 . ASP A 1 61  ? 3.523   10.794  -8.767  1.00 42.67 ? 113 ASP E OD2 1 
ATOM   482 N N   . GLY A 1 62  ? 4.246   10.089  -11.997 1.00 44.66 ? 114 GLY E N   1 
ATOM   483 C CA  . GLY A 1 62  ? 4.995   11.131  -12.672 1.00 44.70 ? 114 GLY E CA  1 
ATOM   484 C C   . GLY A 1 62  ? 5.454   12.260  -11.771 1.00 44.87 ? 114 GLY E C   1 
ATOM   485 O O   . GLY A 1 62  ? 6.579   12.739  -11.904 1.00 46.68 ? 114 GLY E O   1 
ATOM   486 N N   . ALA A 1 63  ? 4.591   12.680  -10.850 1.00 44.20 ? 115 ALA E N   1 
ATOM   487 C CA  . ALA A 1 63  ? 4.916   13.771  -9.936  1.00 42.52 ? 115 ALA E CA  1 
ATOM   488 C C   . ALA A 1 63  ? 5.880   13.344  -8.830  1.00 41.53 ? 115 ALA E C   1 
ATOM   489 O O   . ALA A 1 63  ? 6.311   14.168  -8.024  1.00 42.62 ? 115 ALA E O   1 
ATOM   490 C CB  . ALA A 1 63  ? 3.640   14.334  -9.329  1.00 40.61 ? 115 ALA E CB  1 
ATOM   491 N N   . GLY A 1 64  ? 6.212   12.059  -8.793  1.00 40.45 ? 116 GLY E N   1 
ATOM   492 C CA  . GLY A 1 64  ? 7.134   11.566  -7.783  1.00 40.29 ? 116 GLY E CA  1 
ATOM   493 C C   . GLY A 1 64  ? 6.493   11.095  -6.485  1.00 39.61 ? 116 GLY E C   1 
ATOM   494 O O   . GLY A 1 64  ? 7.189   10.658  -5.571  1.00 38.92 ? 116 GLY E O   1 
ATOM   495 N N   . LYS A 1 65  ? 5.169   11.190  -6.396  1.00 37.13 ? 117 LYS E N   1 
ATOM   496 C CA  . LYS A 1 65  ? 4.452   10.758  -5.196  1.00 35.49 ? 117 LYS E CA  1 
ATOM   497 C C   . LYS A 1 65  ? 4.443   9.234   -5.065  1.00 32.71 ? 117 LYS E C   1 
ATOM   498 O O   . LYS A 1 65  ? 4.538   8.520   -6.064  1.00 32.28 ? 117 LYS E O   1 
ATOM   499 C CB  . LYS A 1 65  ? 3.012   11.286  -5.228  1.00 36.53 ? 117 LYS E CB  1 
ATOM   500 C CG  . LYS A 1 65  ? 2.900   12.779  -4.952  1.00 39.34 ? 117 LYS E CG  1 
ATOM   501 C CD  . LYS A 1 65  ? 1.479   13.272  -5.136  1.00 42.82 ? 117 LYS E CD  1 
ATOM   502 C CE  . LYS A 1 65  ? 1.220   14.543  -4.326  1.00 45.35 ? 117 LYS E CE  1 
ATOM   503 N NZ  . LYS A 1 65  ? 2.201   15.638  -4.588  1.00 48.08 ? 117 LYS E NZ  1 
ATOM   504 N N   . TYR A 1 66  ? 4.333   8.744   -3.829  1.00 29.59 ? 118 TYR E N   1 
ATOM   505 C CA  . TYR A 1 66  ? 4.311   7.306   -3.562  1.00 28.02 ? 118 TYR E CA  1 
ATOM   506 C C   . TYR A 1 66  ? 2.887   6.796   -3.317  1.00 27.71 ? 118 TYR E C   1 
ATOM   507 O O   . TYR A 1 66  ? 2.003   7.550   -2.910  1.00 27.84 ? 118 TYR E O   1 
ATOM   508 C CB  . TYR A 1 66  ? 5.110   6.973   -2.290  1.00 27.93 ? 118 TYR E CB  1 
ATOM   509 C CG  . TYR A 1 66  ? 6.551   7.427   -2.245  1.00 27.84 ? 118 TYR E CG  1 
ATOM   510 C CD1 . TYR A 1 66  ? 7.556   6.700   -2.882  1.00 28.18 ? 118 TYR E CD1 1 
ATOM   511 C CD2 . TYR A 1 66  ? 6.918   8.558   -1.513  1.00 27.24 ? 118 TYR E CD2 1 
ATOM   512 C CE1 . TYR A 1 66  ? 8.902   7.084   -2.783  1.00 28.65 ? 118 TYR E CE1 1 
ATOM   513 C CE2 . TYR A 1 66  ? 8.254   8.949   -1.411  1.00 25.98 ? 118 TYR E CE2 1 
ATOM   514 C CZ  . TYR A 1 66  ? 9.238   8.210   -2.045  1.00 27.32 ? 118 TYR E CZ  1 
ATOM   515 O OH  . TYR A 1 66  ? 10.558  8.593   -1.928  1.00 27.93 ? 118 TYR E OH  1 
ATOM   516 N N   . PHE A 1 67  ? 2.686   5.504   -3.562  1.00 26.86 ? 119 PHE E N   1 
ATOM   517 C CA  . PHE A 1 67  ? 1.413   4.848   -3.296  1.00 28.20 ? 119 PHE E CA  1 
ATOM   518 C C   . PHE A 1 67  ? 1.573   3.340   -3.468  1.00 28.02 ? 119 PHE E C   1 
ATOM   519 O O   . PHE A 1 67  ? 2.499   2.881   -4.132  1.00 28.80 ? 119 PHE E O   1 
ATOM   520 C CB  . PHE A 1 67  ? 0.292   5.380   -4.206  1.00 28.14 ? 119 PHE E CB  1 
ATOM   521 C CG  . PHE A 1 67  ? 0.443   5.021   -5.654  1.00 30.22 ? 119 PHE E CG  1 
ATOM   522 C CD1 . PHE A 1 67  ? 1.340   5.702   -6.466  1.00 31.87 ? 119 PHE E CD1 1 
ATOM   523 C CD2 . PHE A 1 67  ? -0.350  4.026   -6.219  1.00 31.69 ? 119 PHE E CD2 1 
ATOM   524 C CE1 . PHE A 1 67  ? 1.444   5.404   -7.829  1.00 32.06 ? 119 PHE E CE1 1 
ATOM   525 C CE2 . PHE A 1 67  ? -0.254  3.722   -7.578  1.00 32.35 ? 119 PHE E CE2 1 
ATOM   526 C CZ  . PHE A 1 67  ? 0.645   4.415   -8.380  1.00 30.86 ? 119 PHE E CZ  1 
ATOM   527 N N   . LEU A 1 68  ? 0.692   2.576   -2.831  1.00 26.70 ? 120 LEU E N   1 
ATOM   528 C CA  . LEU A 1 68  ? 0.716   1.121   -2.930  1.00 26.55 ? 120 LEU E CA  1 
ATOM   529 C C   . LEU A 1 68  ? -0.319  0.711   -3.966  1.00 27.52 ? 120 LEU E C   1 
ATOM   530 O O   . LEU A 1 68  ? -0.037  -0.081  -4.866  1.00 26.02 ? 120 LEU E O   1 
ATOM   531 C CB  . LEU A 1 68  ? 0.369   0.488   -1.584  1.00 27.24 ? 120 LEU E CB  1 
ATOM   532 C CG  . LEU A 1 68  ? 1.334   0.800   -0.439  1.00 26.66 ? 120 LEU E CG  1 
ATOM   533 C CD1 . LEU A 1 68  ? 0.930   -0.002  0.798   1.00 26.00 ? 120 LEU E CD1 1 
ATOM   534 C CD2 . LEU A 1 68  ? 2.760   0.445   -0.871  1.00 26.30 ? 120 LEU E CD2 1 
ATOM   535 N N   . TRP A 1 69  ? -1.525  1.255   -3.823  1.00 27.39 ? 121 TRP E N   1 
ATOM   536 C CA  . TRP A 1 69  ? -2.605  0.968   -4.758  1.00 29.32 ? 121 TRP E CA  1 
ATOM   537 C C   . TRP A 1 69  ? -3.643  2.080   -4.756  1.00 30.50 ? 121 TRP E C   1 
ATOM   538 O O   . TRP A 1 69  ? -3.878  2.737   -3.735  1.00 29.03 ? 121 TRP E O   1 
ATOM   539 C CB  . TRP A 1 69  ? -3.282  -0.375  -4.429  1.00 28.93 ? 121 TRP E CB  1 
ATOM   540 C CG  . TRP A 1 69  ? -3.960  -0.444  -3.081  1.00 29.98 ? 121 TRP E CG  1 
ATOM   541 C CD1 . TRP A 1 69  ? -3.361  -0.611  -1.863  1.00 28.71 ? 121 TRP E CD1 1 
ATOM   542 C CD2 . TRP A 1 69  ? -5.371  -0.374  -2.825  1.00 29.99 ? 121 TRP E CD2 1 
ATOM   543 N NE1 . TRP A 1 69  ? -4.311  -0.653  -0.866  1.00 28.01 ? 121 TRP E NE1 1 
ATOM   544 C CE2 . TRP A 1 69  ? -5.552  -0.509  -1.430  1.00 30.34 ? 121 TRP E CE2 1 
ATOM   545 C CE3 . TRP A 1 69  ? -6.501  -0.213  -3.641  1.00 31.29 ? 121 TRP E CE3 1 
ATOM   546 C CZ2 . TRP A 1 69  ? -6.821  -0.487  -0.831  1.00 29.63 ? 121 TRP E CZ2 1 
ATOM   547 C CZ3 . TRP A 1 69  ? -7.760  -0.193  -3.044  1.00 31.23 ? 121 TRP E CZ3 1 
ATOM   548 C CH2 . TRP A 1 69  ? -7.908  -0.330  -1.653  1.00 31.49 ? 121 TRP E CH2 1 
ATOM   549 N N   . VAL A 1 70  ? -4.241  2.311   -5.920  1.00 30.67 ? 122 VAL E N   1 
ATOM   550 C CA  . VAL A 1 70  ? -5.279  3.323   -6.054  1.00 31.84 ? 122 VAL E CA  1 
ATOM   551 C C   . VAL A 1 70  ? -6.419  2.725   -6.859  1.00 32.25 ? 122 VAL E C   1 
ATOM   552 O O   . VAL A 1 70  ? -6.264  1.671   -7.484  1.00 31.21 ? 122 VAL E O   1 
ATOM   553 C CB  . VAL A 1 70  ? -4.766  4.600   -6.756  1.00 33.04 ? 122 VAL E CB  1 
ATOM   554 C CG1 . VAL A 1 70  ? -3.751  5.301   -5.868  1.00 34.50 ? 122 VAL E CG1 1 
ATOM   555 C CG2 . VAL A 1 70  ? -4.161  4.260   -8.110  1.00 34.13 ? 122 VAL E CG2 1 
ATOM   556 N N   . VAL A 1 71  ? -7.567  3.390   -6.832  1.00 31.31 ? 123 VAL E N   1 
ATOM   557 C CA  . VAL A 1 71  ? -8.731  2.906   -7.558  1.00 30.88 ? 123 VAL E CA  1 
ATOM   558 C C   . VAL A 1 71  ? -9.011  3.778   -8.773  1.00 29.94 ? 123 VAL E C   1 
ATOM   559 O O   . VAL A 1 71  ? -9.234  4.982   -8.643  1.00 29.23 ? 123 VAL E O   1 
ATOM   560 C CB  . VAL A 1 71  ? -9.980  2.902   -6.655  1.00 32.41 ? 123 VAL E CB  1 
ATOM   561 C CG1 . VAL A 1 71  ? -11.172 2.342   -7.417  1.00 29.99 ? 123 VAL E CG1 1 
ATOM   562 C CG2 . VAL A 1 71  ? -9.709  2.082   -5.399  1.00 33.54 ? 123 VAL E CG2 1 
ATOM   563 N N   . LYS A 1 72  ? -8.980  3.161   -9.951  1.00 30.50 ? 124 LYS E N   1 
ATOM   564 C CA  . LYS A 1 72  ? -9.254  3.850   -11.214 1.00 31.47 ? 124 LYS E CA  1 
ATOM   565 C C   . LYS A 1 72  ? -10.332 3.042   -11.927 1.00 30.26 ? 124 LYS E C   1 
ATOM   566 O O   . LYS A 1 72  ? -10.469 1.837   -11.695 1.00 30.19 ? 124 LYS E O   1 
ATOM   567 C CB  . LYS A 1 72  ? -8.004  3.915   -12.095 1.00 33.57 ? 124 LYS E CB  1 
ATOM   568 C CG  . LYS A 1 72  ? -6.829  4.668   -11.499 1.00 37.70 ? 124 LYS E CG  1 
ATOM   569 C CD  . LYS A 1 72  ? -7.091  6.154   -11.421 1.00 40.58 ? 124 LYS E CD  1 
ATOM   570 C CE  . LYS A 1 72  ? -5.825  6.900   -11.009 1.00 42.10 ? 124 LYS E CE  1 
ATOM   571 N NZ  . LYS A 1 72  ? -4.730  6.706   -12.006 1.00 42.63 ? 124 LYS E NZ  1 
ATOM   572 N N   . PHE A 1 73  ? -11.078 3.694   -12.810 1.00 27.89 ? 125 PHE E N   1 
ATOM   573 C CA  . PHE A 1 73  ? -12.169 3.020   -13.500 1.00 28.95 ? 125 PHE E CA  1 
ATOM   574 C C   . PHE A 1 73  ? -12.013 2.934   -15.008 1.00 28.25 ? 125 PHE E C   1 
ATOM   575 O O   . PHE A 1 73  ? -11.526 3.864   -15.651 1.00 27.40 ? 125 PHE E O   1 
ATOM   576 C CB  . PHE A 1 73  ? -13.473 3.727   -13.145 1.00 27.29 ? 125 PHE E CB  1 
ATOM   577 C CG  . PHE A 1 73  ? -13.640 3.945   -11.672 1.00 28.41 ? 125 PHE E CG  1 
ATOM   578 C CD1 . PHE A 1 73  ? -13.955 2.884   -10.831 1.00 29.06 ? 125 PHE E CD1 1 
ATOM   579 C CD2 . PHE A 1 73  ? -13.408 5.200   -11.113 1.00 28.68 ? 125 PHE E CD2 1 
ATOM   580 C CE1 . PHE A 1 73  ? -14.030 3.066   -9.449  1.00 28.44 ? 125 PHE E CE1 1 
ATOM   581 C CE2 . PHE A 1 73  ? -13.482 5.390   -9.733  1.00 28.83 ? 125 PHE E CE2 1 
ATOM   582 C CZ  . PHE A 1 73  ? -13.792 4.319   -8.904  1.00 25.69 ? 125 PHE E CZ  1 
ATOM   583 N N   . ASN A 1 74  ? -12.437 1.803   -15.563 1.00 28.69 ? 126 ASN E N   1 
ATOM   584 C CA  . ASN A 1 74  ? -12.366 1.581   -17.001 1.00 29.62 ? 126 ASN E CA  1 
ATOM   585 C C   . ASN A 1 74  ? -13.554 2.193   -17.724 1.00 30.22 ? 126 ASN E C   1 
ATOM   586 O O   . ASN A 1 74  ? -13.609 2.169   -18.953 1.00 31.17 ? 126 ASN E O   1 
ATOM   587 C CB  . ASN A 1 74  ? -12.327 0.085   -17.321 1.00 30.52 ? 126 ASN E CB  1 
ATOM   588 C CG  . ASN A 1 74  ? -11.034 -0.562  -16.902 1.00 33.30 ? 126 ASN E CG  1 
ATOM   589 O OD1 . ASN A 1 74  ? -9.962  0.010   -17.084 1.00 34.29 ? 126 ASN E OD1 1 
ATOM   590 N ND2 . ASN A 1 74  ? -11.121 -1.766  -16.347 1.00 36.24 ? 126 ASN E ND2 1 
ATOM   591 N N   . SER A 1 75  ? -14.504 2.736   -16.968 1.00 26.70 ? 127 SER E N   1 
ATOM   592 C CA  . SER A 1 75  ? -15.690 3.334   -17.573 1.00 25.00 ? 127 SER E CA  1 
ATOM   593 C C   . SER A 1 75  ? -16.389 4.252   -16.592 1.00 25.46 ? 127 SER E C   1 
ATOM   594 O O   . SER A 1 75  ? -16.197 4.144   -15.380 1.00 24.16 ? 127 SER E O   1 
ATOM   595 C CB  . SER A 1 75  ? -16.680 2.242   -17.985 1.00 25.61 ? 127 SER E CB  1 
ATOM   596 O OG  . SER A 1 75  ? -17.217 1.592   -16.836 1.00 21.79 ? 127 SER E OG  1 
ATOM   597 N N   . LEU A 1 76  ? -17.198 5.158   -17.127 1.00 24.72 ? 128 LEU E N   1 
ATOM   598 C CA  . LEU A 1 76  ? -17.964 6.073   -16.295 1.00 24.83 ? 128 LEU E CA  1 
ATOM   599 C C   . LEU A 1 76  ? -18.967 5.250   -15.477 1.00 23.93 ? 128 LEU E C   1 
ATOM   600 O O   . LEU A 1 76  ? -19.229 5.544   -14.310 1.00 25.34 ? 128 LEU E O   1 
ATOM   601 C CB  . LEU A 1 76  ? -18.717 7.077   -17.179 1.00 24.74 ? 128 LEU E CB  1 
ATOM   602 C CG  . LEU A 1 76  ? -17.851 8.076   -17.956 1.00 25.42 ? 128 LEU E CG  1 
ATOM   603 C CD1 . LEU A 1 76  ? -18.722 8.901   -18.899 1.00 23.36 ? 128 LEU E CD1 1 
ATOM   604 C CD2 . LEU A 1 76  ? -17.115 8.985   -16.970 1.00 25.75 ? 128 LEU E CD2 1 
ATOM   605 N N   . ASN A 1 77  ? -19.525 4.219   -16.107 1.00 24.63 ? 129 ASN E N   1 
ATOM   606 C CA  . ASN A 1 77  ? -20.508 3.336   -15.478 1.00 24.33 ? 129 ASN E CA  1 
ATOM   607 C C   . ASN A 1 77  ? -19.941 2.733   -14.183 1.00 24.78 ? 129 ASN E C   1 
ATOM   608 O O   . ASN A 1 77  ? -20.620 2.696   -13.150 1.00 24.99 ? 129 ASN E O   1 
ATOM   609 C CB  . ASN A 1 77  ? -20.879 2.229   -16.474 1.00 26.89 ? 129 ASN E CB  1 
ATOM   610 C CG  . ASN A 1 77  ? -22.155 1.479   -16.102 1.00 26.61 ? 129 ASN E CG  1 
ATOM   611 O OD1 . ASN A 1 77  ? -22.739 0.813   -16.954 1.00 28.68 ? 129 ASN E OD1 1 
ATOM   612 N ND2 . ASN A 1 77  ? -22.580 1.567   -14.841 1.00 26.02 ? 129 ASN E ND2 1 
ATOM   613 N N   . GLU A 1 78  ? -18.694 2.270   -14.240 1.00 22.45 ? 130 GLU E N   1 
ATOM   614 C CA  . GLU A 1 78  ? -18.043 1.678   -13.071 1.00 23.17 ? 130 GLU E CA  1 
ATOM   615 C C   . GLU A 1 78  ? -17.685 2.731   -12.018 1.00 22.03 ? 130 GLU E C   1 
ATOM   616 O O   . GLU A 1 78  ? -17.760 2.468   -10.812 1.00 21.04 ? 130 GLU E O   1 
ATOM   617 C CB  . GLU A 1 78  ? -16.795 0.913   -13.504 1.00 24.29 ? 130 GLU E CB  1 
ATOM   618 C CG  . GLU A 1 78  ? -17.111 -0.412  -14.191 1.00 26.77 ? 130 GLU E CG  1 
ATOM   619 C CD  . GLU A 1 78  ? -15.934 -0.964  -14.965 1.00 29.46 ? 130 GLU E CD  1 
ATOM   620 O OE1 . GLU A 1 78  ? -15.567 -0.366  -15.998 1.00 28.17 ? 130 GLU E OE1 1 
ATOM   621 O OE2 . GLU A 1 78  ? -15.366 -1.990  -14.534 1.00 30.62 ? 130 GLU E OE2 1 
ATOM   622 N N   . LEU A 1 79  ? -17.285 3.913   -12.474 1.00 22.20 ? 131 LEU E N   1 
ATOM   623 C CA  . LEU A 1 79  ? -16.951 4.997   -11.555 1.00 22.62 ? 131 LEU E CA  1 
ATOM   624 C C   . LEU A 1 79  ? -18.212 5.335   -10.760 1.00 23.60 ? 131 LEU E C   1 
ATOM   625 O O   . LEU A 1 79  ? -18.194 5.422   -9.524  1.00 23.62 ? 131 LEU E O   1 
ATOM   626 C CB  . LEU A 1 79  ? -16.480 6.234   -12.341 1.00 22.83 ? 131 LEU E CB  1 
ATOM   627 C CG  . LEU A 1 79  ? -16.156 7.511   -11.559 1.00 24.23 ? 131 LEU E CG  1 
ATOM   628 C CD1 . LEU A 1 79  ? -15.205 8.402   -12.356 1.00 26.39 ? 131 LEU E CD1 1 
ATOM   629 C CD2 . LEU A 1 79  ? -17.446 8.254   -11.253 1.00 21.94 ? 131 LEU E CD2 1 
ATOM   630 N N   . VAL A 1 80  ? -19.309 5.524   -11.483 1.00 21.79 ? 132 VAL E N   1 
ATOM   631 C CA  . VAL A 1 80  ? -20.581 5.858   -10.863 1.00 22.70 ? 132 VAL E CA  1 
ATOM   632 C C   . VAL A 1 80  ? -20.998 4.817   -9.827  1.00 23.92 ? 132 VAL E C   1 
ATOM   633 O O   . VAL A 1 80  ? -21.282 5.149   -8.672  1.00 21.91 ? 132 VAL E O   1 
ATOM   634 C CB  . VAL A 1 80  ? -21.694 5.990   -11.944 1.00 21.71 ? 132 VAL E CB  1 
ATOM   635 C CG1 . VAL A 1 80  ? -23.073 5.884   -11.304 1.00 24.15 ? 132 VAL E CG1 1 
ATOM   636 C CG2 . VAL A 1 80  ? -21.547 7.328   -12.676 1.00 22.06 ? 132 VAL E CG2 1 
ATOM   637 N N   . ASP A 1 81  ? -21.013 3.550   -10.224 1.00 21.58 ? 133 ASP E N   1 
ATOM   638 C CA  . ASP A 1 81  ? -21.442 2.514   -9.300  1.00 23.48 ? 133 ASP E CA  1 
ATOM   639 C C   . ASP A 1 81  ? -20.565 2.370   -8.059  1.00 22.85 ? 133 ASP E C   1 
ATOM   640 O O   . ASP A 1 81  ? -21.069 2.114   -6.967  1.00 23.05 ? 133 ASP E O   1 
ATOM   641 C CB  . ASP A 1 81  ? -21.602 1.193   -10.046 1.00 24.08 ? 133 ASP E CB  1 
ATOM   642 C CG  . ASP A 1 81  ? -22.776 1.231   -11.015 1.00 26.95 ? 133 ASP E CG  1 
ATOM   643 O OD1 . ASP A 1 81  ? -23.731 2.002   -10.758 1.00 27.56 ? 133 ASP E OD1 1 
ATOM   644 O OD2 . ASP A 1 81  ? -22.761 0.503   -12.021 1.00 25.63 ? 133 ASP E OD2 1 
ATOM   645 N N   . TYR A 1 82  ? -19.263 2.560   -8.219  1.00 22.84 ? 134 TYR E N   1 
ATOM   646 C CA  . TYR A 1 82  ? -18.330 2.494   -7.091  1.00 22.67 ? 134 TYR E CA  1 
ATOM   647 C C   . TYR A 1 82  ? -18.642 3.619   -6.098  1.00 23.12 ? 134 TYR E C   1 
ATOM   648 O O   . TYR A 1 82  ? -18.606 3.428   -4.881  1.00 23.77 ? 134 TYR E O   1 
ATOM   649 C CB  . TYR A 1 82  ? -16.897 2.684   -7.593  1.00 21.88 ? 134 TYR E CB  1 
ATOM   650 C CG  . TYR A 1 82  ? -15.849 2.870   -6.510  1.00 23.90 ? 134 TYR E CG  1 
ATOM   651 C CD1 . TYR A 1 82  ? -15.209 1.772   -5.939  1.00 23.68 ? 134 TYR E CD1 1 
ATOM   652 C CD2 . TYR A 1 82  ? -15.451 4.152   -6.102  1.00 23.90 ? 134 TYR E CD2 1 
ATOM   653 C CE1 . TYR A 1 82  ? -14.194 1.936   -5.003  1.00 25.14 ? 134 TYR E CE1 1 
ATOM   654 C CE2 . TYR A 1 82  ? -14.432 4.327   -5.159  1.00 24.53 ? 134 TYR E CE2 1 
ATOM   655 C CZ  . TYR A 1 82  ? -13.808 3.209   -4.618  1.00 27.29 ? 134 TYR E CZ  1 
ATOM   656 O OH  . TYR A 1 82  ? -12.788 3.354   -3.706  1.00 26.39 ? 134 TYR E OH  1 
ATOM   657 N N   . HIS A 1 83  ? -18.940 4.799   -6.626  1.00 22.01 ? 135 HIS E N   1 
ATOM   658 C CA  . HIS A 1 83  ? -19.218 5.945   -5.771  1.00 21.43 ? 135 HIS E CA  1 
ATOM   659 C C   . HIS A 1 83  ? -20.594 5.993   -5.122  1.00 21.41 ? 135 HIS E C   1 
ATOM   660 O O   . HIS A 1 83  ? -20.989 7.008   -4.531  1.00 21.03 ? 135 HIS E O   1 
ATOM   661 C CB  . HIS A 1 83  ? -18.900 7.231   -6.525  1.00 22.63 ? 135 HIS E CB  1 
ATOM   662 C CG  . HIS A 1 83  ? -17.432 7.508   -6.598  1.00 22.54 ? 135 HIS E CG  1 
ATOM   663 N ND1 . HIS A 1 83  ? -16.669 7.745   -5.473  1.00 22.57 ? 135 HIS E ND1 1 
ATOM   664 C CD2 . HIS A 1 83  ? -16.573 7.515   -7.644  1.00 23.00 ? 135 HIS E CD2 1 
ATOM   665 C CE1 . HIS A 1 83  ? -15.403 7.881   -5.825  1.00 26.29 ? 135 HIS E CE1 1 
ATOM   666 N NE2 . HIS A 1 83  ? -15.317 7.744   -7.136  1.00 24.28 ? 135 HIS E NE2 1 
ATOM   667 N N   . ARG A 1 84  ? -21.326 4.890   -5.235  1.00 22.05 ? 136 ARG E N   1 
ATOM   668 C CA  . ARG A 1 84  ? -22.620 4.775   -4.571  1.00 23.18 ? 136 ARG E CA  1 
ATOM   669 C C   . ARG A 1 84  ? -22.297 4.326   -3.135  1.00 24.52 ? 136 ARG E C   1 
ATOM   670 O O   . ARG A 1 84  ? -23.135 4.447   -2.237  1.00 26.38 ? 136 ARG E O   1 
ATOM   671 C CB  . ARG A 1 84  ? -23.511 3.716   -5.250  1.00 22.42 ? 136 ARG E CB  1 
ATOM   672 C CG  . ARG A 1 84  ? -24.072 4.129   -6.614  1.00 25.29 ? 136 ARG E CG  1 
ATOM   673 C CD  . ARG A 1 84  ? -24.844 2.987   -7.281  1.00 24.85 ? 136 ARG E CD  1 
ATOM   674 N NE  . ARG A 1 84  ? -25.237 3.309   -8.652  1.00 24.54 ? 136 ARG E NE  1 
ATOM   675 C CZ  . ARG A 1 84  ? -26.260 4.095   -8.969  1.00 26.28 ? 136 ARG E CZ  1 
ATOM   676 N NH1 . ARG A 1 84  ? -27.003 4.637   -8.009  1.00 24.56 ? 136 ARG E NH1 1 
ATOM   677 N NH2 . ARG A 1 84  ? -26.535 4.342   -10.245 1.00 23.64 ? 136 ARG E NH2 1 
ATOM   678 N N   . SER A 1 85  ? -21.081 3.811   -2.924  1.00 24.89 ? 137 SER E N   1 
ATOM   679 C CA  . SER A 1 85  ? -20.675 3.340   -1.597  1.00 25.26 ? 137 SER E CA  1 
ATOM   680 C C   . SER A 1 85  ? -19.340 3.874   -1.082  1.00 26.95 ? 137 SER E C   1 
ATOM   681 O O   . SER A 1 85  ? -18.915 3.529   0.020   1.00 27.00 ? 137 SER E O   1 
ATOM   682 C CB  . SER A 1 85  ? -20.689 1.800   -1.540  1.00 24.73 ? 137 SER E CB  1 
ATOM   683 O OG  . SER A 1 85  ? -19.889 1.217   -2.549  1.00 25.18 ? 137 SER E OG  1 
ATOM   684 N N   . THR A 1 86  ? -18.661 4.685   -1.887  1.00 25.13 ? 138 THR E N   1 
ATOM   685 C CA  . THR A 1 86  ? -17.417 5.330   -1.460  1.00 24.77 ? 138 THR E CA  1 
ATOM   686 C C   . THR A 1 86  ? -17.646 6.787   -1.856  1.00 24.25 ? 138 THR E C   1 
ATOM   687 O O   . THR A 1 86  ? -18.119 7.064   -2.960  1.00 23.85 ? 138 THR E O   1 
ATOM   688 C CB  . THR A 1 86  ? -16.160 4.776   -2.167  1.00 26.58 ? 138 THR E CB  1 
ATOM   689 O OG1 . THR A 1 86  ? -15.936 3.417   -1.763  1.00 26.72 ? 138 THR E OG1 1 
ATOM   690 C CG2 . THR A 1 86  ? -14.936 5.601   -1.784  1.00 26.07 ? 138 THR E CG2 1 
ATOM   691 N N   . SER A 1 87  ? -17.339 7.711   -0.954  1.00 24.12 ? 139 SER E N   1 
ATOM   692 C CA  . SER A 1 87  ? -17.579 9.131   -1.218  1.00 23.63 ? 139 SER E CA  1 
ATOM   693 C C   . SER A 1 87  ? -16.940 9.696   -2.484  1.00 22.49 ? 139 SER E C   1 
ATOM   694 O O   . SER A 1 87  ? -15.793 9.383   -2.795  1.00 22.89 ? 139 SER E O   1 
ATOM   695 C CB  . SER A 1 87  ? -17.129 9.974   -0.026  1.00 23.52 ? 139 SER E CB  1 
ATOM   696 O OG  . SER A 1 87  ? -17.460 11.338  -0.241  1.00 23.53 ? 139 SER E OG  1 
ATOM   697 N N   . VAL A 1 88  ? -17.689 10.546  -3.194  1.00 23.26 ? 140 VAL E N   1 
ATOM   698 C CA  . VAL A 1 88  ? -17.192 11.187  -4.414  1.00 23.53 ? 140 VAL E CA  1 
ATOM   699 C C   . VAL A 1 88  ? -16.262 12.332  -4.024  1.00 27.27 ? 140 VAL E C   1 
ATOM   700 O O   . VAL A 1 88  ? -15.611 12.936  -4.879  1.00 26.10 ? 140 VAL E O   1 
ATOM   701 C CB  . VAL A 1 88  ? -18.334 11.799  -5.270  1.00 23.91 ? 140 VAL E CB  1 
ATOM   702 C CG1 . VAL A 1 88  ? -19.275 10.713  -5.754  1.00 21.19 ? 140 VAL E CG1 1 
ATOM   703 C CG2 . VAL A 1 88  ? -19.105 12.844  -4.456  1.00 22.18 ? 140 VAL E CG2 1 
ATOM   704 N N   . SER A 1 89  ? -16.207 12.619  -2.725  1.00 27.85 ? 141 SER E N   1 
ATOM   705 C CA  . SER A 1 89  ? -15.377 13.704  -2.209  1.00 29.04 ? 141 SER E CA  1 
ATOM   706 C C   . SER A 1 89  ? -14.380 13.255  -1.149  1.00 30.70 ? 141 SER E C   1 
ATOM   707 O O   . SER A 1 89  ? -14.680 12.415  -0.303  1.00 29.76 ? 141 SER E O   1 
ATOM   708 C CB  . SER A 1 89  ? -16.260 14.815  -1.631  1.00 29.70 ? 141 SER E CB  1 
ATOM   709 O OG  . SER A 1 89  ? -15.471 15.774  -0.946  1.00 32.79 ? 141 SER E OG  1 
ATOM   710 N N   . ARG A 1 90  ? -13.188 13.832  -1.200  1.00 33.13 ? 142 ARG E N   1 
ATOM   711 C CA  . ARG A 1 90  ? -12.136 13.504  -0.251  1.00 35.94 ? 142 ARG E CA  1 
ATOM   712 C C   . ARG A 1 90  ? -12.373 14.204  1.090   1.00 36.31 ? 142 ARG E C   1 
ATOM   713 O O   . ARG A 1 90  ? -11.875 13.768  2.127   1.00 37.90 ? 142 ARG E O   1 
ATOM   714 C CB  . ARG A 1 90  ? -10.786 13.944  -0.830  1.00 38.39 ? 142 ARG E CB  1 
ATOM   715 C CG  . ARG A 1 90  ? -9.574  13.730  0.073   1.00 39.60 ? 142 ARG E CG  1 
ATOM   716 C CD  . ARG A 1 90  ? -8.448  14.688  -0.320  1.00 37.34 ? 142 ARG E CD  1 
ATOM   717 N NE  . ARG A 1 90  ? -8.144  14.641  -1.752  1.00 38.40 ? 142 ARG E NE  1 
ATOM   718 C CZ  . ARG A 1 90  ? -7.456  13.672  -2.347  1.00 37.26 ? 142 ARG E CZ  1 
ATOM   719 N NH1 . ARG A 1 90  ? -6.987  12.651  -1.642  1.00 37.18 ? 142 ARG E NH1 1 
ATOM   720 N NH2 . ARG A 1 90  ? -7.232  13.726  -3.652  1.00 37.76 ? 142 ARG E NH2 1 
ATOM   721 N N   . ASN A 1 91  ? -13.160 15.274  1.062   1.00 37.34 ? 143 ASN E N   1 
ATOM   722 C CA  . ASN A 1 91  ? -13.417 16.077  2.255   1.00 37.90 ? 143 ASN E CA  1 
ATOM   723 C C   . ASN A 1 91  ? -14.763 15.883  2.950   1.00 37.58 ? 143 ASN E C   1 
ATOM   724 O O   . ASN A 1 91  ? -14.940 16.317  4.091   1.00 38.00 ? 143 ASN E O   1 
ATOM   725 C CB  . ASN A 1 91  ? -13.241 17.554  1.896   1.00 39.80 ? 143 ASN E CB  1 
ATOM   726 C CG  . ASN A 1 91  ? -11.879 17.845  1.296   1.00 41.82 ? 143 ASN E CG  1 
ATOM   727 O OD1 . ASN A 1 91  ? -11.755 18.646  0.369   1.00 45.37 ? 143 ASN E OD1 1 
ATOM   728 N ND2 . ASN A 1 91  ? -10.847 17.200  1.828   1.00 39.92 ? 143 ASN E ND2 1 
ATOM   729 N N   . GLN A 1 92  ? -15.707 15.242  2.271   1.00 35.41 ? 144 GLN E N   1 
ATOM   730 C CA  . GLN A 1 92  ? -17.032 14.997  2.838   1.00 34.17 ? 144 GLN E CA  1 
ATOM   731 C C   . GLN A 1 92  ? -17.530 13.628  2.403   1.00 33.08 ? 144 GLN E C   1 
ATOM   732 O O   . GLN A 1 92  ? -17.030 13.069  1.430   1.00 32.90 ? 144 GLN E O   1 
ATOM   733 C CB  . GLN A 1 92  ? -18.025 16.051  2.360   1.00 33.74 ? 144 GLN E CB  1 
ATOM   734 C CG  . GLN A 1 92  ? -17.754 17.454  2.861   1.00 35.97 ? 144 GLN E CG  1 
ATOM   735 C CD  . GLN A 1 92  ? -18.756 18.446  2.321   1.00 36.58 ? 144 GLN E CD  1 
ATOM   736 O OE1 . GLN A 1 92  ? -18.769 18.735  1.127   1.00 35.94 ? 144 GLN E OE1 1 
ATOM   737 N NE2 . GLN A 1 92  ? -19.615 18.964  3.194   1.00 38.18 ? 144 GLN E NE2 1 
ATOM   738 N N   . GLN A 1 93  ? -18.517 13.099  3.122   1.00 32.19 ? 145 GLN E N   1 
ATOM   739 C CA  . GLN A 1 93  ? -19.090 11.798  2.793   1.00 31.52 ? 145 GLN E CA  1 
ATOM   740 C C   . GLN A 1 93  ? -20.345 12.011  1.956   1.00 29.70 ? 145 GLN E C   1 
ATOM   741 O O   . GLN A 1 93  ? -21.436 12.251  2.482   1.00 28.85 ? 145 GLN E O   1 
ATOM   742 C CB  . GLN A 1 93  ? -19.417 11.020  4.070   1.00 33.50 ? 145 GLN E CB  1 
ATOM   743 C CG  . GLN A 1 93  ? -18.185 10.620  4.875   1.00 36.90 ? 145 GLN E CG  1 
ATOM   744 C CD  . GLN A 1 93  ? -17.081 10.045  3.998   1.00 40.16 ? 145 GLN E CD  1 
ATOM   745 O OE1 . GLN A 1 93  ? -16.239 10.780  3.484   1.00 43.44 ? 145 GLN E OE1 1 
ATOM   746 N NE2 . GLN A 1 93  ? -17.095 8.727   3.808   1.00 39.93 ? 145 GLN E NE2 1 
ATOM   747 N N   . ILE A 1 94  ? -20.168 11.927  0.641   1.00 26.89 ? 146 ILE E N   1 
ATOM   748 C CA  . ILE A 1 94  ? -21.246 12.134  -0.316  1.00 25.15 ? 146 ILE E CA  1 
ATOM   749 C C   . ILE A 1 94  ? -21.339 10.893  -1.203  1.00 24.70 ? 146 ILE E C   1 
ATOM   750 O O   . ILE A 1 94  ? -20.427 10.612  -1.963  1.00 22.16 ? 146 ILE E O   1 
ATOM   751 C CB  . ILE A 1 94  ? -20.946 13.364  -1.192  1.00 23.95 ? 146 ILE E CB  1 
ATOM   752 C CG1 . ILE A 1 94  ? -20.731 14.587  -0.290  1.00 26.29 ? 146 ILE E CG1 1 
ATOM   753 C CG2 . ILE A 1 94  ? -22.098 13.614  -2.165  1.00 25.16 ? 146 ILE E CG2 1 
ATOM   754 C CD1 . ILE A 1 94  ? -20.295 15.834  -1.044  1.00 26.81 ? 146 ILE E CD1 1 
ATOM   755 N N   . PHE A 1 95  ? -22.446 10.165  -1.093  1.00 23.83 ? 147 PHE E N   1 
ATOM   756 C CA  . PHE A 1 95  ? -22.645 8.940   -1.856  1.00 25.86 ? 147 PHE E CA  1 
ATOM   757 C C   . PHE A 1 95  ? -23.713 9.098   -2.932  1.00 25.40 ? 147 PHE E C   1 
ATOM   758 O O   . PHE A 1 95  ? -24.788 9.650   -2.690  1.00 26.92 ? 147 PHE E O   1 
ATOM   759 C CB  . PHE A 1 95  ? -23.019 7.805   -0.898  1.00 25.08 ? 147 PHE E CB  1 
ATOM   760 C CG  . PHE A 1 95  ? -22.034 7.620   0.227   1.00 26.39 ? 147 PHE E CG  1 
ATOM   761 C CD1 . PHE A 1 95  ? -20.769 7.092   -0.015  1.00 26.95 ? 147 PHE E CD1 1 
ATOM   762 C CD2 . PHE A 1 95  ? -22.360 8.003   1.523   1.00 26.07 ? 147 PHE E CD2 1 
ATOM   763 C CE1 . PHE A 1 95  ? -19.837 6.950   1.022   1.00 26.45 ? 147 PHE E CE1 1 
ATOM   764 C CE2 . PHE A 1 95  ? -21.444 7.868   2.561   1.00 26.54 ? 147 PHE E CE2 1 
ATOM   765 C CZ  . PHE A 1 95  ? -20.178 7.339   2.311   1.00 27.39 ? 147 PHE E CZ  1 
ATOM   766 N N   . LEU A 1 96  ? -23.420 8.589   -4.121  1.00 25.08 ? 148 LEU E N   1 
ATOM   767 C CA  . LEU A 1 96  ? -24.350 8.696   -5.234  1.00 24.73 ? 148 LEU E CA  1 
ATOM   768 C C   . LEU A 1 96  ? -25.658 7.913   -5.089  1.00 25.36 ? 148 LEU E C   1 
ATOM   769 O O   . LEU A 1 96  ? -25.665 6.770   -4.633  1.00 24.24 ? 148 LEU E O   1 
ATOM   770 C CB  . LEU A 1 96  ? -23.651 8.272   -6.526  1.00 24.84 ? 148 LEU E CB  1 
ATOM   771 C CG  . LEU A 1 96  ? -22.390 9.074   -6.874  1.00 24.55 ? 148 LEU E CG  1 
ATOM   772 C CD1 . LEU A 1 96  ? -21.927 8.679   -8.273  1.00 26.75 ? 148 LEU E CD1 1 
ATOM   773 C CD2 . LEU A 1 96  ? -22.687 10.580  -6.817  1.00 23.11 ? 148 LEU E CD2 1 
ATOM   774 N N   . ARG A 1 97  ? -26.759 8.555   -5.474  1.00 25.27 ? 149 ARG E N   1 
ATOM   775 C CA  . ARG A 1 97  ? -28.091 7.945   -5.472  1.00 27.53 ? 149 ARG E CA  1 
ATOM   776 C C   . ARG A 1 97  ? -28.772 8.432   -6.746  1.00 28.92 ? 149 ARG E C   1 
ATOM   777 O O   . ARG A 1 97  ? -28.670 9.605   -7.095  1.00 29.00 ? 149 ARG E O   1 
ATOM   778 C CB  . ARG A 1 97  ? -28.915 8.365   -4.246  1.00 28.58 ? 149 ARG E CB  1 
ATOM   779 C CG  . ARG A 1 97  ? -28.494 7.677   -2.958  1.00 28.53 ? 149 ARG E CG  1 
ATOM   780 C CD  . ARG A 1 97  ? -29.466 7.929   -1.822  1.00 27.16 ? 149 ARG E CD  1 
ATOM   781 N NE  . ARG A 1 97  ? -30.806 7.404   -2.088  1.00 27.41 ? 149 ARG E NE  1 
ATOM   782 C CZ  . ARG A 1 97  ? -31.854 7.596   -1.287  1.00 28.10 ? 149 ARG E CZ  1 
ATOM   783 N NH1 . ARG A 1 97  ? -31.719 8.298   -0.171  1.00 29.02 ? 149 ARG E NH1 1 
ATOM   784 N NH2 . ARG A 1 97  ? -33.040 7.094   -1.602  1.00 27.49 ? 149 ARG E NH2 1 
ATOM   785 N N   . ASP A 1 98  ? -29.466 7.536   -7.441  1.00 29.24 ? 150 ASP E N   1 
ATOM   786 C CA  . ASP A 1 98  ? -30.124 7.901   -8.688  1.00 32.19 ? 150 ASP E CA  1 
ATOM   787 C C   . ASP A 1 98  ? -31.122 9.041   -8.564  1.00 32.74 ? 150 ASP E C   1 
ATOM   788 O O   . ASP A 1 98  ? -31.837 9.150   -7.569  1.00 30.24 ? 150 ASP E O   1 
ATOM   789 C CB  . ASP A 1 98  ? -30.833 6.687   -9.291  1.00 35.63 ? 150 ASP E CB  1 
ATOM   790 C CG  . ASP A 1 98  ? -29.881 5.749   -10.006 1.00 37.58 ? 150 ASP E CG  1 
ATOM   791 O OD1 . ASP A 1 98  ? -30.367 4.776   -10.619 1.00 41.45 ? 150 ASP E OD1 1 
ATOM   792 O OD2 . ASP A 1 98  ? -28.655 5.979   -9.965  1.00 39.34 ? 150 ASP E OD2 1 
ATOM   793 N N   . ILE A 1 99  ? -31.163 9.890   -9.591  1.00 34.04 ? 151 ILE E N   1 
ATOM   794 C CA  . ILE A 1 99  ? -32.097 11.006  -9.616  1.00 37.93 ? 151 ILE E CA  1 
ATOM   795 C C   . ILE A 1 99  ? -33.505 10.454  -9.794  1.00 40.48 ? 151 ILE E C   1 
ATOM   796 O O   . ILE A 1 99  ? -33.686 9.355   -10.324 1.00 39.26 ? 151 ILE E O   1 
ATOM   797 C CB  . ILE A 1 99  ? -31.783 12.010  -10.777 1.00 39.95 ? 151 ILE E CB  1 
ATOM   798 C CG1 . ILE A 1 99  ? -31.284 11.270  -12.018 1.00 41.67 ? 151 ILE E CG1 1 
ATOM   799 C CG2 . ILE A 1 99  ? -30.755 13.024  -10.330 1.00 40.31 ? 151 ILE E CG2 1 
ATOM   800 C CD1 . ILE A 1 99  ? -32.379 10.742  -12.903 1.00 44.84 ? 151 ILE E CD1 1 
ATOM   801 N N   . GLU A 1 100 ? -34.499 11.210  -9.339  1.00 43.61 ? 152 GLU E N   1 
ATOM   802 C CA  . GLU A 1 100 ? -35.890 10.788  -9.456  1.00 47.20 ? 152 GLU E CA  1 
ATOM   803 C C   . GLU A 1 100 ? -36.615 11.557  -10.559 1.00 48.42 ? 152 GLU E C   1 
ATOM   804 O O   . GLU A 1 100 ? -36.182 12.685  -10.880 1.00 48.94 ? 152 GLU E O   1 
ATOM   805 C CB  . GLU A 1 100 ? -36.615 11.001  -8.128  1.00 48.80 ? 152 GLU E CB  1 
ATOM   806 C CG  . GLU A 1 100 ? -36.108 10.133  -6.993  1.00 51.37 ? 152 GLU E CG  1 
ATOM   807 C CD  . GLU A 1 100 ? -36.748 10.494  -5.672  1.00 53.77 ? 152 GLU E CD  1 
ATOM   808 O OE1 . GLU A 1 100 ? -36.450 11.588  -5.145  1.00 54.52 ? 152 GLU E OE1 1 
ATOM   809 O OE2 . GLU A 1 100 ? -37.557 9.690   -5.162  1.00 55.40 ? 152 GLU E OE2 1 
HETATM 810 C C1  . GOL B 2 .   ? 13.310  -7.849  -4.218  1.00 60.60 ? 169 GOL E C1  1 
HETATM 811 O O1  . GOL B 2 .   ? 14.402  -6.926  -4.223  1.00 59.35 ? 169 GOL E O1  1 
HETATM 812 C C2  . GOL B 2 .   ? 11.988  -7.093  -4.340  1.00 61.69 ? 169 GOL E C2  1 
HETATM 813 O O2  . GOL B 2 .   ? 11.990  -6.323  -5.545  1.00 62.76 ? 169 GOL E O2  1 
HETATM 814 C C3  . GOL B 2 .   ? 10.814  -8.077  -4.375  1.00 62.71 ? 169 GOL E C3  1 
HETATM 815 O O3  . GOL B 2 .   ? 10.752  -8.809  -3.150  1.00 61.91 ? 169 GOL E O3  1 
HETATM 816 O O   . HOH C 3 .   ? -12.649 8.269   -7.892  1.00 26.91 ? 170 HOH E O   1 
HETATM 817 O O   . HOH C 3 .   ? -28.678 9.754   -11.216 1.00 26.63 ? 171 HOH E O   1 
HETATM 818 O O   . HOH C 3 .   ? -16.233 7.032   1.652   1.00 28.37 ? 172 HOH E O   1 
HETATM 819 O O   . HOH C 3 .   ? -21.227 0.495   -4.738  1.00 22.22 ? 173 HOH E O   1 
HETATM 820 O O   . HOH C 3 .   ? -24.601 11.147  0.502   1.00 31.35 ? 174 HOH E O   1 
HETATM 821 O O   . HOH C 3 .   ? 15.674  3.013   -2.901  1.00 26.75 ? 175 HOH E O   1 
HETATM 822 O O   . HOH C 3 .   ? -13.911 10.562  1.893   1.00 35.98 ? 176 HOH E O   1 
HETATM 823 O O   . HOH C 3 .   ? -17.354 1.581   -3.295  1.00 27.26 ? 177 HOH E O   1 
HETATM 824 O O   . HOH C 3 .   ? -10.761 6.626   -6.942  1.00 30.09 ? 178 HOH E O   1 
HETATM 825 O O   . HOH C 3 .   ? -25.695 5.411   -2.220  1.00 27.25 ? 179 HOH E O   1 
HETATM 826 O O   . HOH C 3 .   ? -26.615 9.575   -0.620  1.00 30.43 ? 180 HOH E O   1 
HETATM 827 O O   . HOH C 3 .   ? -20.658 -0.787  -12.922 1.00 31.78 ? 181 HOH E O   1 
HETATM 828 O O   . HOH C 3 .   ? -11.466 1.392   -2.232  1.00 34.73 ? 182 HOH E O   1 
HETATM 829 O O   . HOH C 3 .   ? -14.824 1.985   -21.528 1.00 32.37 ? 183 HOH E O   1 
HETATM 830 O O   . HOH C 3 .   ? -17.082 18.013  -0.852  1.00 37.58 ? 184 HOH E O   1 
HETATM 831 O O   . HOH C 3 .   ? -12.945 -0.199  -13.785 1.00 34.46 ? 185 HOH E O   1 
HETATM 832 O O   . HOH C 3 .   ? -17.312 -0.153  -10.163 1.00 31.29 ? 186 HOH E O   1 
HETATM 833 O O   . HOH C 3 .   ? -10.923 11.124  2.820   1.00 41.01 ? 187 HOH E O   1 
HETATM 834 O O   . HOH C 3 .   ? -25.591 3.104   -12.728 1.00 31.51 ? 188 HOH E O   1 
HETATM 835 O O   . HOH C 3 .   ? 15.524  -9.985  -2.310  1.00 46.65 ? 189 HOH E O   1 
HETATM 836 O O   . HOH C 3 .   ? -8.428  10.051  2.303   1.00 40.18 ? 190 HOH E O   1 
HETATM 837 O O   . HOH C 3 .   ? -3.231  0.713   -8.065  1.00 32.33 ? 191 HOH E O   1 
HETATM 838 O O   . HOH C 3 .   ? 3.582   -5.481  -5.472  1.00 42.33 ? 192 HOH E O   1 
HETATM 839 O O   . HOH C 3 .   ? 1.997   -1.799  -5.128  1.00 38.72 ? 193 HOH E O   1 
HETATM 840 O O   . HOH C 3 .   ? -19.194 14.345  5.558   1.00 43.05 ? 194 HOH E O   1 
HETATM 841 O O   . HOH C 3 .   ? 3.578   -10.962 -1.271  1.00 38.13 ? 195 HOH E O   1 
HETATM 842 O O   . HOH C 3 .   ? -15.307 13.122  5.177   1.00 46.13 ? 196 HOH E O   1 
HETATM 843 O O   . HOH C 3 .   ? -16.316 -0.849  -3.409  1.00 38.02 ? 197 HOH E O   1 
HETATM 844 O O   . HOH C 3 .   ? -16.640 4.524   2.503   1.00 47.46 ? 198 HOH E O   1 
HETATM 845 O O   . HOH C 3 .   ? -13.376 7.601   1.490   1.00 41.66 ? 199 HOH E O   1 
HETATM 846 O O   . HOH C 3 .   ? 6.660   2.984   -9.680  1.00 39.65 ? 200 HOH E O   1 
HETATM 847 O O   . HOH C 3 .   ? -26.577 6.856   -0.044  1.00 22.20 ? 201 HOH E O   1 
HETATM 848 O O   . HOH C 3 .   ? -13.394 14.358  -5.646  1.00 30.90 ? 202 HOH E O   1 
HETATM 849 O O   . HOH C 3 .   ? -12.320 15.488  -3.339  1.00 31.56 ? 203 HOH E O   1 
HETATM 850 O O   . HOH C 3 .   ? -33.795 12.541  -5.106  1.00 38.73 ? 204 HOH E O   1 
HETATM 851 O O   . HOH C 3 .   ? 9.596   2.876   -4.662  1.00 32.80 ? 205 HOH E O   1 
HETATM 852 O O   . HOH C 3 .   ? -0.917  -13.575 4.575   1.00 48.52 ? 206 HOH E O   1 
HETATM 853 O O   . HOH C 3 .   ? -1.212  -1.195  -7.235  1.00 38.02 ? 207 HOH E O   1 
HETATM 854 O O   . HOH C 3 .   ? -14.555 19.046  -1.523  1.00 50.74 ? 208 HOH E O   1 
HETATM 855 O O   . HOH C 3 .   ? 19.118  -3.642  7.769   1.00 41.38 ? 209 HOH E O   1 
HETATM 856 O O   . HOH C 3 .   ? -7.153  10.384  4.603   1.00 39.45 ? 210 HOH E O   1 
HETATM 857 O O   . HOH C 3 .   ? -24.990 10.787  3.101   1.00 49.17 ? 211 HOH E O   1 
HETATM 858 O O   . HOH C 3 .   ? 9.898   -2.190  -5.357  1.00 45.52 ? 212 HOH E O   1 
HETATM 859 O O   . HOH C 3 .   ? -11.795 6.561   -4.175  1.00 50.76 ? 213 HOH E O   1 
HETATM 860 O O   . HOH C 3 .   ? -7.419  14.205  3.075   1.00 51.28 ? 214 HOH E O   1 
HETATM 861 O O   . HOH C 3 .   ? -19.229 -1.834  -11.018 1.00 41.82 ? 215 HOH E O   1 
HETATM 862 O O   . HOH C 3 .   ? 7.672   6.071   14.317  1.00 49.51 ? 216 HOH E O   1 
HETATM 863 O O   . HOH C 3 .   ? -21.943 20.737  2.615   1.00 46.58 ? 217 HOH E O   1 
HETATM 864 O O   . HOH C 3 .   ? -14.465 2.607   0.693   1.00 55.97 ? 218 HOH E O   1 
HETATM 865 O O   . HOH C 3 .   ? -5.403  -9.740  12.283  1.00 44.66 ? 219 HOH E O   1 
HETATM 866 O O   . HOH C 3 .   ? -2.695  -6.960  14.687  1.00 45.77 ? 220 HOH E O   1 
HETATM 867 O O   . HOH C 3 .   ? -9.203  -0.036  -13.255 1.00 53.03 ? 221 HOH E O   1 
HETATM 868 O O   . HOH C 3 .   ? 15.481  -8.564  9.881   1.00 57.24 ? 222 HOH E O   1 
HETATM 869 O O   . HOH C 3 .   ? 10.943  4.706   -6.311  1.00 39.64 ? 223 HOH E O   1 
HETATM 870 O O   . HOH C 3 .   ? -31.259 5.639   -4.591  1.00 40.89 ? 224 HOH E O   1 
HETATM 871 O O   . HOH C 3 .   ? 13.524  4.193   16.796  1.00 52.53 ? 225 HOH E O   1 
HETATM 872 O O   . HOH C 3 .   ? 6.091   10.037  11.983  1.00 48.05 ? 226 HOH E O   1 
HETATM 873 O O   . HOH C 3 .   ? -4.544  -13.095 10.145  1.00 48.04 ? 227 HOH E O   1 
HETATM 874 O O   . HOH C 3 .   ? 15.857  2.950   13.768  0.50 47.61 ? 228 HOH E O   1 
HETATM 875 O O   . HOH C 3 .   ? 13.748  3.816   -9.367  1.00 60.99 ? 229 HOH E O   1 
HETATM 876 O O   . HOH C 3 .   ? 12.521  6.437   -4.863  1.00 46.74 ? 230 HOH E O   1 
HETATM 877 O O   . HOH C 3 .   ? 0.528   -10.089 -1.728  1.00 50.63 ? 231 HOH E O   1 
HETATM 878 O O   . HOH C 3 .   ? 5.918   -15.961 3.703   1.00 60.59 ? 232 HOH E O   1 
HETATM 879 O O   . HOH C 3 .   ? -22.991 11.698  4.411   1.00 53.65 ? 233 HOH E O   1 
HETATM 880 O O   . HOH C 3 .   ? -33.791 5.743   -3.564  1.00 44.89 ? 234 HOH E O   1 
HETATM 881 O O   . HOH C 3 .   ? -7.148  5.785   -4.430  0.50 50.68 ? 235 HOH E O   1 
HETATM 882 O O   . HOH C 3 .   ? -12.151 -0.264  -10.110 1.00 59.02 ? 236 HOH E O   1 
HETATM 883 O O   . HOH C 3 .   ? -0.342  -0.993  -9.843  1.00 48.44 ? 237 HOH E O   1 
HETATM 884 O O   . HOH C 3 .   ? -30.902 3.399   -5.286  1.00 48.68 ? 238 HOH E O   1 
HETATM 885 O O   . HOH C 3 .   ? -0.525  8.818   -13.361 0.50 58.32 ? 239 HOH E O   1 
HETATM 886 O O   . HOH C 3 .   ? -2.904  -4.179  -7.170  1.00 49.48 ? 240 HOH E O   1 
HETATM 887 O O   . HOH C 3 .   ? -2.475  -9.950  16.530  1.00 55.74 ? 241 HOH E O   1 
# 
